data_7QSR
#
_entry.id   7QSR
#
_cell.length_a   1.00
_cell.length_b   1.00
_cell.length_c   1.00
_cell.angle_alpha   90.00
_cell.angle_beta   90.00
_cell.angle_gamma   90.00
#
_symmetry.space_group_name_H-M   'P 1'
#
loop_
_entity.id
_entity.type
_entity.pdbx_description
1 polymer 'Secretory phospholipase A2 receptor'
2 branched beta-D-mannopyranose-(1-4)-2-acetamido-2-deoxy-beta-D-glucopyranose-(1-4)-2-acetamido-2-deoxy-beta-D-glucopyranose
3 branched alpha-D-mannopyranose-(1-3)-beta-D-mannopyranose-(1-4)-2-acetamido-2-deoxy-beta-D-glucopyranose-(1-4)-2-acetamido-2-deoxy-beta-D-glucopyranose
4 branched alpha-D-mannopyranose-(1-6)-beta-D-mannopyranose-(1-3)-2-acetamido-2-deoxy-beta-D-glucopyranose-(1-6)-2-acetamido-2-deoxy-beta-D-glucopyranose
5 non-polymer 2-acetamido-2-deoxy-beta-D-glucopyranose
#
_entity_poly.entity_id   1
_entity_poly.type   'polypeptide(L)'
_entity_poly.pdbx_seq_one_letter_code
;EGVAAALTPERLLEWQDKGIFVIQSESLKKCIQAGKSVLTLENCKQANKHMLWKWVSNHGLFNIGGSGCLGLNFSAPEQP
LSLYECDSTLVSLRWRCNRKMITGPLQYSVQVAHDNTVVASRKYIHKWISYGSGGGDICEYLHKDLHTIKGNTHGMPCMF
PFQYNHQWHHECTREGREDDLLWCATTSRYERDEKWGFCPDPTSAEVGCDTIWEKDLNSHICYQFNLLSSLSWSEAHSSC
QMQGGTLLSITDETEENFIREHMSSKTVEVWMGLNQLDEHAGWQWSDGTPLNYLNWSPEVNFEPFVEDHCGTFSSFMPSA
WRSRDCESTLPYICKKYLNHIDHEIVEKDAWKYYATHCEPGWNPYNRNCYKLQKEEKTWHEALRSCQADNSALIDITSLA
EVEFLVTLLGDENASETWIGLSSNKIPVSFEWSNDSSVIFTNWHTLEPHIFPNRSQLCVSAEQSEGHWKVKNCEERLFYI
CKKAGHVLSDAESGCQEGWERHGGFCYKIDTVLRSFDQASSGYYCPPALVTITNRFEQAFITSLISSVVKMKDSYFWIAL
QDQNDTGEYTWKPVGQKPEPVQYTHWNTHQPRYSGGCVAMRGRHPLGRWEVKHCRHFKAMSLCKQPVENQEKAEYEERWP
FHPCYLDWESEPGLASCFKVFHSEKVLMKRTWREAEAFCEEFGAHLASFAHIEEENFVNELLHSKFNWTEERQFWIGFNK
RNPLNAGSWEWSDRTPVVSSFLDNTYFGEDARNCAVYKANKTLLPLHCGSKREWICKIPRDVKPKIPFWYQYDVPWLFYQ
DAEYLFHTFASEWLNFEFVCSWLHSDLLTIHSAHEQEFIHSKIKALSKYGASWWIGLQEERANDEFRWRDGTPVIYQNWD
TGRERTVNNQSQRCGFISSITGLWGSEECSVSMPSICKRKKVWLIEKKKDTPKQHGTCPKGWLYFNYKCLLLNIPKDPSS
WKNWTHAQHFCAEEGGTLVAIESEVEQAFITMNLFGQTTSVWIGLQNDDYETWLNGKPVVYSNWSPFDIINIPSHNTTEV
QKHIPLCALLSSNPNFHFTGKWYFEDCGKEGYGFVCEKMQDTSGHGVNTSDMYPMPNTLEYGNRTYKIINANMTWYAAIK
TCLMHKAQLVSITDQYHQSFLTVVLNRLGYAHWIGLFTTDNGLNFDWSDGTKSSFTFWKDEESSLLGDCVFADSNGRWHS
TACESFLQGAICHVPPETRQSEHPELCSETSIPWIKFKSNCYSFSTVLDSMSFEAAHEFCKKEGSNLLTIKDEAENAFLL
EELFAFGSSVQMVWLNAQFDGNNETIKWFDGTPTDQSNWGIRKPDTDYFKPHHCVALRIPEGLWQLSPCQEKKGFICKME
ADIHTAEALPEKGPSHS
;
_entity_poly.pdbx_strand_id   A
#
loop_
_chem_comp.id
_chem_comp.type
_chem_comp.name
_chem_comp.formula
BMA D-saccharide, beta linking beta-D-mannopyranose 'C6 H12 O6'
MAN D-saccharide, alpha linking alpha-D-mannopyranose 'C6 H12 O6'
NAG D-saccharide, beta linking 2-acetamido-2-deoxy-beta-D-glucopyranose 'C8 H15 N O6'
#
# COMPACT_ATOMS: atom_id res chain seq x y z
N LYS A 18 -2.41 -10.78 28.99
CA LYS A 18 -3.66 -10.05 29.36
C LYS A 18 -3.35 -8.58 29.60
N GLY A 19 -3.76 -7.73 28.68
CA GLY A 19 -3.44 -6.32 28.69
C GLY A 19 -4.35 -5.43 29.49
N ILE A 20 -5.33 -6.00 30.21
CA ILE A 20 -6.21 -5.17 31.03
C ILE A 20 -5.39 -4.48 32.10
N PHE A 21 -5.82 -3.27 32.48
CA PHE A 21 -5.11 -2.49 33.47
C PHE A 21 -6.10 -1.59 34.20
N VAL A 22 -5.66 -1.09 35.36
CA VAL A 22 -6.38 -0.11 36.14
C VAL A 22 -5.60 1.20 36.07
N ILE A 23 -6.28 2.29 35.76
CA ILE A 23 -5.63 3.56 35.45
C ILE A 23 -5.77 4.49 36.65
N GLN A 24 -4.64 5.05 37.08
CA GLN A 24 -4.58 5.94 38.23
C GLN A 24 -4.12 7.32 37.81
N SER A 25 -4.57 8.32 38.55
CA SER A 25 -4.07 9.67 38.37
C SER A 25 -2.67 9.79 38.98
N GLU A 26 -1.74 10.30 38.18
CA GLU A 26 -0.38 10.49 38.69
C GLU A 26 -0.37 11.46 39.86
N SER A 27 -1.05 12.59 39.72
CA SER A 27 -1.01 13.64 40.73
C SER A 27 -1.92 13.36 41.91
N LEU A 28 -2.85 12.42 41.79
CA LEU A 28 -3.82 12.17 42.85
C LEU A 28 -3.99 10.66 43.00
N LYS A 29 -3.94 10.19 44.25
CA LYS A 29 -3.97 8.75 44.53
C LYS A 29 -5.40 8.21 44.45
N LYS A 30 -5.97 8.29 43.24
CA LYS A 30 -7.28 7.73 42.95
C LYS A 30 -7.27 7.23 41.51
N CYS A 31 -8.25 6.40 41.19
CA CYS A 31 -8.34 5.77 39.88
C CYS A 31 -9.78 5.76 39.39
N ILE A 32 -9.92 5.46 38.11
CA ILE A 32 -11.19 5.57 37.39
C ILE A 32 -12.02 4.32 37.57
N GLN A 33 -12.82 4.27 38.64
CA GLN A 33 -13.80 3.21 38.81
C GLN A 33 -15.16 3.79 38.42
N ALA A 34 -15.46 3.69 37.12
CA ALA A 34 -16.51 4.49 36.51
C ALA A 34 -17.83 4.44 37.27
N GLY A 35 -18.42 3.25 37.39
CA GLY A 35 -19.75 3.14 37.94
C GLY A 35 -20.81 3.53 36.93
N LYS A 36 -22.03 3.70 37.44
CA LYS A 36 -23.16 3.99 36.58
C LYS A 36 -23.03 5.37 35.95
N SER A 37 -23.55 5.49 34.73
CA SER A 37 -23.60 6.76 33.99
C SER A 37 -22.18 7.30 33.88
N VAL A 38 -21.92 8.57 34.19
CA VAL A 38 -20.58 9.11 34.04
C VAL A 38 -19.63 8.42 35.00
N LEU A 39 -18.36 8.35 34.61
CA LEU A 39 -17.34 7.72 35.43
C LEU A 39 -16.91 8.66 36.55
N THR A 40 -16.28 8.09 37.57
CA THR A 40 -15.92 8.81 38.78
C THR A 40 -14.52 8.41 39.24
N LEU A 41 -13.84 9.36 39.89
CA LEU A 41 -12.54 9.10 40.47
C LEU A 41 -12.71 8.48 41.85
N GLU A 42 -12.30 7.22 41.99
CA GLU A 42 -12.42 6.50 43.25
C GLU A 42 -11.06 5.98 43.67
N ASN A 43 -10.95 5.69 44.97
CA ASN A 43 -9.75 5.07 45.49
C ASN A 43 -9.57 3.71 44.83
N CYS A 44 -8.31 3.31 44.63
CA CYS A 44 -8.01 2.00 44.10
C CYS A 44 -8.18 0.90 45.14
N LYS A 45 -9.35 0.85 45.76
CA LYS A 45 -9.72 -0.24 46.65
C LYS A 45 -10.18 -1.42 45.79
N GLN A 46 -10.83 -2.40 46.41
CA GLN A 46 -11.30 -3.59 45.71
C GLN A 46 -12.08 -3.27 44.44
N ALA A 47 -12.50 -2.01 44.27
CA ALA A 47 -13.12 -1.60 43.02
C ALA A 47 -12.17 -1.68 41.84
N ASN A 48 -10.86 -1.84 42.11
CA ASN A 48 -9.94 -2.23 41.05
C ASN A 48 -10.34 -3.59 40.49
N LYS A 49 -10.86 -4.48 41.33
CA LYS A 49 -11.38 -5.76 40.89
C LYS A 49 -12.71 -5.62 40.14
N HIS A 50 -13.31 -4.43 40.16
CA HIS A 50 -14.57 -4.18 39.46
C HIS A 50 -14.35 -3.51 38.11
N MET A 51 -13.65 -2.38 38.09
CA MET A 51 -13.48 -1.58 36.89
C MET A 51 -12.03 -1.62 36.44
N LEU A 52 -11.81 -2.05 35.20
CA LEU A 52 -10.50 -2.10 34.58
C LEU A 52 -10.64 -1.57 33.16
N TRP A 53 -9.50 -1.44 32.47
CA TRP A 53 -9.50 -0.77 31.17
C TRP A 53 -8.60 -1.51 30.20
N LYS A 54 -8.89 -1.34 28.91
CA LYS A 54 -8.16 -1.99 27.84
C LYS A 54 -8.28 -1.15 26.58
N TRP A 55 -7.34 -1.33 25.67
CA TRP A 55 -7.36 -0.67 24.37
C TRP A 55 -7.91 -1.63 23.33
N VAL A 56 -8.69 -1.10 22.39
CA VAL A 56 -9.44 -1.93 21.45
C VAL A 56 -9.21 -1.49 20.03
N SER A 57 -9.91 -2.12 19.08
CA SER A 57 -9.60 -1.96 17.67
C SER A 57 -9.48 -0.50 17.28
N ASN A 58 -10.54 0.26 17.43
CA ASN A 58 -10.40 1.71 17.39
C ASN A 58 -9.66 2.16 18.64
N HIS A 59 -8.89 3.24 18.51
CA HIS A 59 -8.01 3.66 19.60
C HIS A 59 -8.74 3.78 20.93
N GLY A 60 -10.06 3.88 20.93
CA GLY A 60 -10.80 4.07 22.16
C GLY A 60 -10.46 3.08 23.24
N LEU A 61 -10.80 3.41 24.49
CA LEU A 61 -10.53 2.55 25.63
C LEU A 61 -11.84 1.91 26.08
N PHE A 62 -11.84 0.58 26.17
CA PHE A 62 -13.03 -0.17 26.55
C PHE A 62 -12.94 -0.54 28.03
N ASN A 63 -13.77 0.09 28.85
CA ASN A 63 -13.80 -0.19 30.28
C ASN A 63 -14.50 -1.52 30.52
N ILE A 64 -13.72 -2.56 30.80
CA ILE A 64 -14.31 -3.83 31.17
C ILE A 64 -15.15 -3.63 32.41
N GLY A 65 -16.11 -4.53 32.62
CA GLY A 65 -17.08 -4.35 33.70
C GLY A 65 -18.09 -3.30 33.35
N GLY A 66 -17.64 -2.09 33.03
CA GLY A 66 -18.52 -1.08 32.48
C GLY A 66 -19.12 -1.45 31.14
N SER A 67 -18.51 -2.42 30.45
CA SER A 67 -18.98 -2.87 29.13
C SER A 67 -19.30 -1.67 28.25
N GLY A 68 -18.44 -0.70 28.31
CA GLY A 68 -18.66 0.56 27.59
C GLY A 68 -17.61 0.89 26.57
N CYS A 69 -17.03 2.09 26.56
CA CYS A 69 -16.01 2.50 25.56
C CYS A 69 -15.58 3.96 25.57
N LEU A 70 -15.50 4.67 26.68
CA LEU A 70 -15.10 6.10 26.82
C LEU A 70 -15.15 6.86 25.53
N GLY A 71 -15.95 7.86 25.55
CA GLY A 71 -16.27 8.78 24.48
C GLY A 71 -16.33 10.21 24.97
N LEU A 72 -16.20 11.13 24.01
CA LEU A 72 -16.24 12.57 24.28
C LEU A 72 -17.31 13.18 23.39
N ASN A 73 -18.26 13.91 23.99
CA ASN A 73 -19.35 14.54 23.26
C ASN A 73 -18.87 15.93 22.83
N PHE A 74 -18.34 16.03 21.61
CA PHE A 74 -17.74 17.27 21.16
C PHE A 74 -18.73 18.43 21.11
N SER A 75 -20.03 18.15 21.01
CA SER A 75 -21.01 19.23 21.08
C SER A 75 -21.02 19.91 22.44
N ALA A 76 -20.63 19.18 23.50
CA ALA A 76 -20.62 19.73 24.86
C ALA A 76 -19.55 19.01 25.67
N PRO A 77 -18.28 19.36 25.44
CA PRO A 77 -17.20 18.69 26.19
C PRO A 77 -17.31 18.86 27.70
N GLU A 78 -17.94 19.93 28.18
CA GLU A 78 -17.99 20.19 29.60
C GLU A 78 -18.70 19.08 30.36
N GLN A 79 -19.61 18.36 29.73
CA GLN A 79 -20.30 17.28 30.42
C GLN A 79 -19.30 16.20 30.83
N PRO A 80 -19.45 15.62 32.03
CA PRO A 80 -18.54 14.55 32.42
C PRO A 80 -18.62 13.38 31.45
N LEU A 81 -17.48 12.75 31.22
CA LEU A 81 -17.42 11.65 30.27
C LEU A 81 -18.17 10.43 30.79
N SER A 82 -18.62 9.61 29.85
CA SER A 82 -19.38 8.40 30.17
C SER A 82 -19.00 7.32 29.19
N LEU A 83 -19.63 6.16 29.36
CA LEU A 83 -19.29 4.96 28.60
C LEU A 83 -20.37 4.69 27.56
N TYR A 84 -19.95 4.43 26.33
CA TYR A 84 -20.86 4.21 25.22
C TYR A 84 -20.56 2.86 24.57
N GLU A 85 -21.33 2.57 23.52
CA GLU A 85 -21.03 1.42 22.67
C GLU A 85 -20.12 1.86 21.53
N CYS A 86 -18.99 1.17 21.35
CA CYS A 86 -18.06 1.62 20.32
C CYS A 86 -18.65 1.61 18.93
N ASP A 87 -19.74 0.89 18.72
CA ASP A 87 -20.44 1.04 17.45
C ASP A 87 -21.06 2.42 17.30
N SER A 88 -21.27 3.14 18.41
CA SER A 88 -21.92 4.45 18.33
C SER A 88 -21.13 5.39 17.44
N THR A 89 -21.83 6.02 16.51
CA THR A 89 -21.30 7.14 15.74
C THR A 89 -21.67 8.48 16.36
N LEU A 90 -22.42 8.47 17.46
CA LEU A 90 -22.86 9.69 18.11
C LEU A 90 -21.71 10.47 18.74
N VAL A 91 -20.74 9.80 19.34
CA VAL A 91 -19.69 10.45 20.11
C VAL A 91 -18.33 10.04 19.57
N SER A 92 -17.34 10.90 19.77
CA SER A 92 -15.97 10.59 19.37
C SER A 92 -15.37 9.64 20.40
N LEU A 93 -14.91 8.49 19.94
CA LEU A 93 -14.37 7.46 20.81
C LEU A 93 -12.87 7.29 20.66
N ARG A 94 -12.26 7.94 19.68
CA ARG A 94 -10.82 7.84 19.49
C ARG A 94 -10.08 8.47 20.67
N TRP A 95 -8.90 7.92 20.96
CA TRP A 95 -8.05 8.44 22.00
C TRP A 95 -6.61 8.29 21.56
N ARG A 96 -5.74 9.13 22.10
CA ARG A 96 -4.35 9.17 21.70
C ARG A 96 -3.48 9.27 22.94
N CYS A 97 -2.25 8.77 22.84
CA CYS A 97 -1.37 8.61 23.98
C CYS A 97 -0.04 9.33 23.75
N ASN A 98 0.03 10.59 24.18
CA ASN A 98 1.32 11.21 24.39
C ASN A 98 1.88 10.71 25.72
N ARG A 99 3.06 11.20 26.10
CA ARG A 99 3.71 10.70 27.31
C ARG A 99 2.75 10.72 28.49
N LYS A 100 2.41 9.53 28.98
CA LYS A 100 1.50 9.35 30.13
C LYS A 100 0.35 10.35 30.10
N MET A 101 -0.22 10.59 28.92
CA MET A 101 -1.47 11.32 28.77
C MET A 101 -2.55 10.39 28.23
N ILE A 102 -3.77 10.90 28.15
CA ILE A 102 -4.85 10.29 27.39
C ILE A 102 -5.45 11.44 26.59
N THR A 103 -5.00 11.61 25.37
CA THR A 103 -5.32 12.79 24.57
C THR A 103 -6.39 12.45 23.55
N GLY A 104 -7.47 13.23 23.55
CA GLY A 104 -8.47 13.11 22.52
C GLY A 104 -8.13 13.98 21.33
N PRO A 105 -9.03 13.96 20.35
CA PRO A 105 -8.83 14.81 19.17
C PRO A 105 -9.05 16.27 19.51
N LEU A 106 -8.50 17.13 18.65
CA LEU A 106 -8.59 18.58 18.84
C LEU A 106 -7.96 19.00 20.16
N GLN A 107 -6.87 18.34 20.53
CA GLN A 107 -6.03 18.67 21.67
C GLN A 107 -6.68 18.36 23.01
N TYR A 108 -7.91 17.89 23.04
CA TYR A 108 -8.54 17.59 24.30
C TYR A 108 -7.89 16.38 24.95
N SER A 109 -8.09 16.25 26.26
CA SER A 109 -7.52 15.15 27.00
C SER A 109 -8.34 14.92 28.26
N VAL A 110 -8.44 13.65 28.66
CA VAL A 110 -9.08 13.34 29.93
C VAL A 110 -8.37 14.15 31.02
N GLN A 111 -9.14 14.71 31.93
CA GLN A 111 -8.59 15.60 32.93
C GLN A 111 -9.64 15.82 34.01
N VAL A 112 -9.22 15.65 35.26
CA VAL A 112 -10.16 15.79 36.38
C VAL A 112 -10.52 17.25 36.56
N ALA A 113 -11.80 17.50 36.77
CA ALA A 113 -12.27 18.86 37.07
C ALA A 113 -11.97 19.18 38.51
N HIS A 114 -12.51 20.28 39.03
CA HIS A 114 -12.37 20.53 40.47
C HIS A 114 -13.02 19.41 41.25
N ASP A 115 -14.18 18.94 40.81
CA ASP A 115 -14.81 17.77 41.39
C ASP A 115 -14.11 16.50 40.92
N ASN A 116 -14.36 15.40 41.63
CA ASN A 116 -13.71 14.12 41.35
C ASN A 116 -14.40 13.35 40.22
N THR A 117 -14.59 13.99 39.07
CA THR A 117 -15.11 13.33 37.88
C THR A 117 -14.42 13.93 36.66
N VAL A 118 -14.00 13.06 35.75
CA VAL A 118 -13.19 13.51 34.62
C VAL A 118 -14.05 14.38 33.72
N VAL A 119 -13.54 15.55 33.38
CA VAL A 119 -14.13 16.39 32.34
C VAL A 119 -13.06 16.63 31.29
N ALA A 120 -13.00 15.77 30.28
CA ALA A 120 -11.97 15.89 29.27
C ALA A 120 -12.03 17.28 28.65
N SER A 121 -10.99 18.08 28.86
CA SER A 121 -11.03 19.47 28.45
C SER A 121 -9.62 19.93 28.09
N ARG A 122 -9.58 20.99 27.30
CA ARG A 122 -8.33 21.63 26.89
C ARG A 122 -7.78 22.57 27.95
N LYS A 123 -8.41 22.61 29.13
CA LYS A 123 -8.09 23.64 30.12
C LYS A 123 -6.63 23.55 30.56
N TYR A 124 -6.20 22.39 31.04
CA TYR A 124 -4.86 22.22 31.57
C TYR A 124 -4.45 20.77 31.45
N ILE A 125 -3.13 20.54 31.53
CA ILE A 125 -2.59 19.20 31.33
C ILE A 125 -2.73 18.39 32.61
N HIS A 126 -2.85 17.08 32.44
CA HIS A 126 -2.90 16.16 33.57
C HIS A 126 -2.33 14.83 33.10
N LYS A 127 -1.79 14.05 34.04
CA LYS A 127 -1.04 12.86 33.71
C LYS A 127 -1.58 11.65 34.47
N TRP A 128 -1.42 10.48 33.86
CA TRP A 128 -2.00 9.24 34.35
C TRP A 128 -0.97 8.12 34.28
N ILE A 129 -1.14 7.12 35.14
CA ILE A 129 -0.26 5.96 35.18
C ILE A 129 -1.07 4.73 35.56
N SER A 130 -0.41 3.58 35.54
CA SER A 130 -1.07 2.31 35.76
C SER A 130 -0.95 1.87 37.22
N TYR A 131 -2.04 1.32 37.76
CA TYR A 131 -2.04 0.72 39.08
C TYR A 131 -1.44 -0.69 38.96
N GLY A 132 -1.51 -1.48 40.03
CA GLY A 132 -1.03 -2.85 39.98
C GLY A 132 0.47 -2.92 39.85
N SER A 133 0.95 -3.27 38.66
CA SER A 133 2.38 -3.30 38.42
C SER A 133 3.02 -1.92 38.59
N GLY A 134 2.21 -0.86 38.58
CA GLY A 134 2.76 0.48 38.69
C GLY A 134 3.42 0.96 37.42
N GLY A 135 3.03 0.42 36.27
CA GLY A 135 3.61 0.83 35.01
C GLY A 135 3.58 2.32 34.82
N GLY A 136 4.77 2.93 34.78
CA GLY A 136 4.87 4.38 34.66
C GLY A 136 4.19 4.94 33.43
N ASP A 137 4.00 4.14 32.39
CA ASP A 137 3.27 4.54 31.20
C ASP A 137 1.99 3.74 31.13
N ILE A 138 0.86 4.43 30.98
CA ILE A 138 -0.42 3.76 30.90
C ILE A 138 -0.53 2.94 29.62
N CYS A 139 0.18 3.34 28.57
CA CYS A 139 0.01 2.76 27.24
C CYS A 139 1.03 1.67 26.96
N GLU A 140 1.43 0.94 27.99
CA GLU A 140 2.30 -0.22 27.83
C GLU A 140 1.62 -1.36 27.10
N TYR A 141 0.29 -1.40 27.09
CA TYR A 141 -0.48 -2.46 26.46
C TYR A 141 -1.25 -1.95 25.24
N LEU A 142 -0.67 -1.03 24.49
CA LEU A 142 -1.38 -0.46 23.35
C LEU A 142 -1.75 -1.58 22.37
N HIS A 143 -2.94 -1.48 21.80
CA HIS A 143 -3.52 -2.60 21.07
C HIS A 143 -2.75 -2.89 19.78
N LYS A 144 -2.71 -4.18 19.43
CA LYS A 144 -2.20 -4.64 18.15
C LYS A 144 -3.27 -5.49 17.50
N ASP A 145 -3.45 -5.32 16.18
CA ASP A 145 -4.58 -5.88 15.46
C ASP A 145 -4.26 -7.31 15.02
N LEU A 146 -5.09 -8.26 15.43
CA LEU A 146 -4.95 -9.64 14.98
C LEU A 146 -5.75 -9.86 13.71
N HIS A 147 -5.04 -10.15 12.62
CA HIS A 147 -5.72 -10.46 11.37
C HIS A 147 -6.28 -11.87 11.40
N THR A 148 -7.58 -12.01 11.18
CA THR A 148 -8.19 -13.33 11.17
C THR A 148 -7.75 -14.09 9.94
N ILE A 149 -7.62 -15.42 10.08
CA ILE A 149 -7.04 -16.22 9.02
C ILE A 149 -8.09 -16.60 7.98
N LYS A 150 -9.21 -17.17 8.42
CA LYS A 150 -10.18 -17.73 7.50
C LYS A 150 -11.48 -17.97 8.23
N GLY A 151 -12.56 -18.11 7.47
CA GLY A 151 -13.80 -18.65 7.99
C GLY A 151 -15.06 -17.94 7.57
N ASN A 152 -15.05 -16.61 7.54
CA ASN A 152 -16.20 -15.90 6.99
C ASN A 152 -15.80 -14.61 6.28
N THR A 153 -14.50 -14.31 6.20
CA THR A 153 -14.07 -13.00 5.79
C THR A 153 -12.74 -13.10 5.06
N HIS A 154 -12.43 -12.04 4.32
CA HIS A 154 -11.20 -12.00 3.54
C HIS A 154 -10.03 -11.50 4.38
N GLY A 155 -9.83 -12.10 5.55
CA GLY A 155 -8.67 -11.84 6.36
C GLY A 155 -8.61 -10.49 7.04
N MET A 156 -9.75 -9.89 7.37
CA MET A 156 -9.72 -8.61 8.04
C MET A 156 -9.25 -8.73 9.48
N PRO A 157 -8.84 -7.62 10.10
CA PRO A 157 -8.50 -7.66 11.52
C PRO A 157 -9.73 -7.83 12.39
N CYS A 158 -9.53 -8.44 13.56
CA CYS A 158 -10.60 -8.53 14.54
C CYS A 158 -11.01 -7.13 14.98
N MET A 159 -12.31 -6.93 15.14
CA MET A 159 -12.87 -5.69 15.66
C MET A 159 -13.23 -5.91 17.11
N PHE A 160 -12.64 -5.12 17.99
CA PHE A 160 -12.90 -5.27 19.41
C PHE A 160 -13.47 -3.98 19.99
N PRO A 161 -14.43 -4.07 20.91
CA PRO A 161 -15.13 -5.29 21.35
C PRO A 161 -16.15 -5.68 20.30
N PHE A 162 -16.69 -6.90 20.33
CA PHE A 162 -17.73 -7.30 19.39
C PHE A 162 -18.87 -7.93 20.16
N GLN A 163 -20.09 -7.71 19.66
CA GLN A 163 -21.28 -8.18 20.34
C GLN A 163 -21.64 -9.58 19.88
N TYR A 164 -21.45 -10.55 20.77
CA TYR A 164 -22.01 -11.88 20.60
C TYR A 164 -23.38 -11.88 21.26
N ASN A 165 -23.93 -13.04 21.58
CA ASN A 165 -25.35 -13.17 21.91
C ASN A 165 -25.62 -12.38 23.18
N HIS A 166 -26.15 -11.17 22.99
CA HIS A 166 -26.56 -10.29 24.07
C HIS A 166 -25.42 -10.00 25.04
N GLN A 167 -24.18 -9.94 24.54
CA GLN A 167 -23.04 -9.67 25.39
C GLN A 167 -21.88 -9.20 24.52
N TRP A 168 -21.03 -8.36 25.11
CA TRP A 168 -19.85 -7.85 24.43
C TRP A 168 -18.65 -8.73 24.73
N HIS A 169 -17.68 -8.71 23.81
CA HIS A 169 -16.43 -9.44 23.98
C HIS A 169 -15.28 -8.57 23.51
N HIS A 170 -14.16 -8.63 24.24
CA HIS A 170 -12.97 -7.85 23.92
C HIS A 170 -11.81 -8.70 23.45
N GLU A 171 -12.01 -10.01 23.30
CA GLU A 171 -10.94 -10.92 22.92
C GLU A 171 -11.53 -12.08 22.15
N CYS A 172 -10.69 -12.74 21.35
CA CYS A 172 -11.14 -13.91 20.61
C CYS A 172 -11.70 -14.95 21.58
N THR A 173 -12.81 -15.55 21.20
CA THR A 173 -13.56 -16.41 22.11
C THR A 173 -13.85 -17.75 21.45
N ARG A 174 -14.64 -18.57 22.15
CA ARG A 174 -14.87 -19.96 21.79
C ARG A 174 -16.33 -20.23 21.41
N GLU A 175 -17.26 -19.68 22.19
CA GLU A 175 -18.64 -20.15 22.20
C GLU A 175 -19.19 -20.47 20.81
N GLY A 176 -19.00 -19.56 19.85
CA GLY A 176 -19.68 -19.66 18.58
C GLY A 176 -19.45 -20.92 17.79
N ARG A 177 -18.21 -21.40 17.71
CA ARG A 177 -17.87 -22.52 16.84
C ARG A 177 -17.78 -23.80 17.66
N GLU A 178 -18.42 -24.86 17.15
CA GLU A 178 -18.33 -26.15 17.82
C GLU A 178 -16.88 -26.54 18.05
N ASP A 179 -16.08 -26.46 17.00
CA ASP A 179 -14.63 -26.61 17.14
C ASP A 179 -14.10 -25.58 18.12
N ASP A 180 -13.05 -25.95 18.85
CA ASP A 180 -12.62 -25.16 20.00
C ASP A 180 -11.56 -24.14 19.65
N LEU A 181 -11.31 -23.89 18.37
CA LEU A 181 -10.39 -22.82 18.03
C LEU A 181 -11.00 -21.46 18.32
N LEU A 182 -10.15 -20.53 18.73
CA LEU A 182 -10.60 -19.18 19.06
C LEU A 182 -11.06 -18.46 17.81
N TRP A 183 -12.05 -17.58 17.95
CA TRP A 183 -12.59 -16.84 16.83
C TRP A 183 -13.06 -15.47 17.29
N CYS A 184 -13.23 -14.58 16.32
CA CYS A 184 -13.58 -13.20 16.58
C CYS A 184 -14.51 -12.72 15.46
N ALA A 185 -14.94 -11.47 15.59
CA ALA A 185 -15.81 -10.86 14.59
C ALA A 185 -15.08 -9.73 13.88
N THR A 186 -15.37 -9.59 12.58
CA THR A 186 -14.79 -8.52 11.79
C THR A 186 -15.57 -7.22 11.92
N THR A 187 -16.82 -7.28 12.37
CA THR A 187 -17.66 -6.11 12.54
C THR A 187 -18.15 -6.05 13.97
N SER A 188 -18.51 -4.84 14.41
CA SER A 188 -18.79 -4.60 15.83
C SER A 188 -19.83 -5.58 16.38
N ARG A 189 -20.85 -5.91 15.59
CA ARG A 189 -21.92 -6.78 16.05
C ARG A 189 -21.99 -8.02 15.18
N TYR A 190 -21.76 -9.18 15.79
CA TYR A 190 -21.79 -10.44 15.06
C TYR A 190 -23.19 -10.79 14.60
N GLU A 191 -24.19 -10.51 15.45
CA GLU A 191 -25.56 -10.87 15.09
C GLU A 191 -26.03 -10.10 13.86
N ARG A 192 -25.82 -8.79 13.84
CA ARG A 192 -26.26 -7.98 12.71
C ARG A 192 -25.49 -8.31 11.44
N ASP A 193 -24.18 -8.54 11.56
CA ASP A 193 -23.34 -8.86 10.40
C ASP A 193 -22.52 -10.09 10.78
N GLU A 194 -22.41 -11.03 9.85
CA GLU A 194 -21.91 -12.37 10.20
C GLU A 194 -20.41 -12.50 9.96
N LYS A 195 -19.71 -11.40 9.68
CA LYS A 195 -18.33 -11.52 9.23
C LYS A 195 -17.42 -11.91 10.38
N TRP A 196 -17.40 -13.19 10.72
CA TRP A 196 -16.50 -13.69 11.75
C TRP A 196 -15.24 -14.25 11.12
N GLY A 197 -14.36 -14.79 11.96
CA GLY A 197 -13.13 -15.38 11.47
C GLY A 197 -12.33 -15.97 12.60
N PHE A 198 -11.56 -17.01 12.24
CA PHE A 198 -10.71 -17.67 13.21
C PHE A 198 -9.58 -16.74 13.67
N CYS A 199 -9.11 -16.96 14.88
CA CYS A 199 -8.17 -16.06 15.53
C CYS A 199 -6.79 -16.69 15.58
N PRO A 200 -5.73 -15.96 15.23
CA PRO A 200 -4.40 -16.56 15.25
C PRO A 200 -4.06 -17.14 16.61
N ASP A 201 -3.43 -18.31 16.61
CA ASP A 201 -2.98 -18.95 17.84
C ASP A 201 -1.86 -19.92 17.54
N PRO A 202 -0.67 -19.76 18.14
CA PRO A 202 0.40 -20.74 17.92
C PRO A 202 0.19 -22.04 18.66
N THR A 203 -0.54 -22.04 19.77
CA THR A 203 -0.67 -23.25 20.58
C THR A 203 -1.39 -24.35 19.83
N SER A 204 -2.47 -24.01 19.12
CA SER A 204 -3.29 -25.02 18.46
C SER A 204 -2.67 -25.45 17.12
N ALA A 205 -1.42 -25.91 17.16
CA ALA A 205 -0.78 -26.39 15.94
C ALA A 205 -1.49 -27.60 15.35
N GLU A 206 -2.16 -28.39 16.19
CA GLU A 206 -2.83 -29.59 15.68
C GLU A 206 -3.90 -29.25 14.65
N VAL A 207 -4.53 -28.09 14.76
CA VAL A 207 -5.56 -27.68 13.81
C VAL A 207 -5.25 -26.28 13.29
N GLY A 208 -4.18 -25.67 13.79
CA GLY A 208 -3.83 -24.33 13.35
C GLY A 208 -3.32 -24.28 11.93
N CYS A 209 -2.64 -25.34 11.48
CA CYS A 209 -2.05 -25.39 10.15
C CYS A 209 -2.74 -26.47 9.32
N ASP A 210 -2.60 -26.34 8.00
CA ASP A 210 -3.41 -27.12 7.07
C ASP A 210 -2.80 -28.46 6.67
N THR A 211 -1.50 -28.52 6.37
CA THR A 211 -0.94 -29.71 5.76
C THR A 211 0.47 -29.94 6.30
N ILE A 212 0.74 -31.17 6.76
CA ILE A 212 2.04 -31.53 7.31
C ILE A 212 2.81 -32.30 6.26
N TRP A 213 3.96 -31.76 5.85
CA TRP A 213 4.82 -32.37 4.84
C TRP A 213 5.91 -33.19 5.53
N GLU A 214 5.49 -34.34 6.05
CA GLU A 214 6.37 -35.19 6.85
C GLU A 214 7.54 -35.72 6.02
N LYS A 215 7.48 -35.53 4.69
CA LYS A 215 8.52 -36.05 3.82
C LYS A 215 9.90 -35.60 4.27
N ASP A 216 10.03 -34.39 4.80
CA ASP A 216 11.31 -33.96 5.32
C ASP A 216 11.83 -34.96 6.35
N LEU A 217 13.13 -34.92 6.59
CA LEU A 217 13.77 -35.92 7.45
C LEU A 217 13.10 -35.97 8.81
N ASN A 218 13.16 -34.87 9.56
CA ASN A 218 12.53 -34.80 10.87
C ASN A 218 11.85 -33.46 11.12
N SER A 219 11.81 -32.57 10.14
CA SER A 219 11.25 -31.24 10.36
C SER A 219 9.78 -31.30 10.74
N HIS A 220 9.01 -32.19 10.10
CA HIS A 220 7.57 -32.21 10.27
C HIS A 220 6.99 -30.84 9.97
N ILE A 221 7.48 -30.23 8.89
CA ILE A 221 7.11 -28.88 8.50
C ILE A 221 5.63 -28.83 8.15
N CYS A 222 4.91 -27.87 8.73
CA CYS A 222 3.51 -27.66 8.41
C CYS A 222 3.33 -26.41 7.58
N TYR A 223 2.30 -26.44 6.74
CA TYR A 223 1.94 -25.38 5.81
C TYR A 223 0.50 -24.98 6.08
N GLN A 224 0.24 -23.68 5.95
CA GLN A 224 -1.10 -23.14 6.07
C GLN A 224 -1.41 -22.37 4.81
N PHE A 225 -2.41 -22.82 4.06
CA PHE A 225 -2.72 -22.29 2.73
C PHE A 225 -3.81 -21.23 2.89
N ASN A 226 -3.42 -20.02 3.30
CA ASN A 226 -4.38 -18.97 3.54
C ASN A 226 -4.79 -18.34 2.20
N LEU A 227 -5.63 -19.09 1.49
CA LEU A 227 -6.33 -18.53 0.35
C LEU A 227 -7.57 -17.78 0.83
N LEU A 228 -8.20 -17.06 -0.09
CA LEU A 228 -9.35 -16.22 0.23
C LEU A 228 -8.94 -15.03 1.09
N SER A 229 -7.72 -15.04 1.62
CA SER A 229 -7.29 -14.03 2.60
C SER A 229 -6.49 -12.93 1.92
N SER A 230 -7.12 -12.15 1.05
CA SER A 230 -6.42 -11.06 0.39
C SER A 230 -5.80 -10.14 1.44
N LEU A 231 -4.47 -10.05 1.43
CA LEU A 231 -3.74 -9.21 2.36
C LEU A 231 -2.54 -8.61 1.68
N SER A 232 -2.11 -7.45 2.18
CA SER A 232 -0.83 -6.89 1.78
C SER A 232 0.29 -7.81 2.25
N TRP A 233 1.48 -7.64 1.67
CA TRP A 233 2.61 -8.46 2.09
C TRP A 233 2.93 -8.24 3.55
N SER A 234 2.88 -6.98 4.00
CA SER A 234 3.22 -6.69 5.39
C SER A 234 2.30 -7.43 6.33
N GLU A 235 0.98 -7.32 6.11
CA GLU A 235 0.02 -8.01 6.97
C GLU A 235 0.13 -9.51 6.83
N ALA A 236 0.41 -10.03 5.63
CA ALA A 236 0.56 -11.46 5.47
C ALA A 236 1.73 -11.98 6.29
N HIS A 237 2.86 -11.28 6.22
CA HIS A 237 4.02 -11.65 7.02
C HIS A 237 3.69 -11.59 8.50
N SER A 238 3.05 -10.49 8.93
CA SER A 238 2.64 -10.39 10.32
C SER A 238 1.81 -11.59 10.72
N SER A 239 0.66 -11.78 10.07
CA SER A 239 -0.19 -12.92 10.34
C SER A 239 0.61 -14.20 10.49
N CYS A 240 1.39 -14.57 9.47
CA CYS A 240 2.17 -15.79 9.54
C CYS A 240 3.02 -15.83 10.80
N GLN A 241 3.61 -14.69 11.17
CA GLN A 241 4.44 -14.65 12.36
C GLN A 241 3.64 -14.93 13.63
N MET A 242 2.45 -14.34 13.74
CA MET A 242 1.70 -14.42 15.00
C MET A 242 1.37 -15.84 15.43
N GLN A 243 1.24 -16.80 14.51
CA GLN A 243 1.01 -18.18 14.92
C GLN A 243 2.30 -18.96 15.11
N GLY A 244 3.45 -18.28 15.02
CA GLY A 244 4.73 -18.93 15.12
C GLY A 244 5.31 -19.36 13.80
N GLY A 245 4.57 -19.26 12.71
CA GLY A 245 5.08 -19.60 11.40
C GLY A 245 5.76 -18.43 10.73
N THR A 246 6.13 -18.65 9.47
CA THR A 246 6.76 -17.64 8.65
C THR A 246 6.24 -17.75 7.22
N LEU A 247 6.33 -16.65 6.48
CA LEU A 247 5.92 -16.68 5.09
C LEU A 247 6.68 -17.76 4.33
N LEU A 248 6.06 -18.25 3.27
CA LEU A 248 6.56 -19.44 2.58
C LEU A 248 8.00 -19.23 2.10
N SER A 249 8.82 -20.25 2.29
CA SER A 249 10.19 -20.26 1.80
C SER A 249 10.36 -21.44 0.85
N ILE A 250 10.60 -21.15 -0.42
CA ILE A 250 10.75 -22.19 -1.45
C ILE A 250 12.21 -22.62 -1.42
N THR A 251 12.51 -23.57 -0.54
CA THR A 251 13.88 -24.02 -0.39
C THR A 251 14.41 -24.65 -1.68
N ASP A 252 13.62 -25.51 -2.32
CA ASP A 252 14.11 -26.27 -3.46
C ASP A 252 12.93 -26.72 -4.32
N GLU A 253 13.28 -27.19 -5.52
CA GLU A 253 12.27 -27.62 -6.48
C GLU A 253 11.36 -28.71 -5.93
N THR A 254 11.87 -29.58 -5.04
CA THR A 254 11.01 -30.65 -4.53
C THR A 254 9.84 -30.08 -3.74
N GLU A 255 10.12 -29.18 -2.79
CA GLU A 255 9.04 -28.57 -2.03
C GLU A 255 8.18 -27.67 -2.91
N GLU A 256 8.79 -26.94 -3.85
CA GLU A 256 7.99 -26.13 -4.75
C GLU A 256 6.97 -26.98 -5.49
N ASN A 257 7.41 -28.10 -6.07
CA ASN A 257 6.50 -28.98 -6.78
C ASN A 257 5.50 -29.63 -5.85
N PHE A 258 5.88 -29.94 -4.61
CA PHE A 258 4.91 -30.44 -3.65
C PHE A 258 3.76 -29.46 -3.48
N ILE A 259 4.08 -28.20 -3.19
CA ILE A 259 3.01 -27.22 -2.99
C ILE A 259 2.22 -27.02 -4.28
N ARG A 260 2.91 -27.07 -5.43
CA ARG A 260 2.23 -26.88 -6.71
C ARG A 260 1.00 -27.78 -6.81
N GLU A 261 1.18 -29.06 -6.46
CA GLU A 261 0.05 -29.99 -6.51
C GLU A 261 -0.85 -29.88 -5.28
N HIS A 262 -0.27 -29.62 -4.10
CA HIS A 262 -1.07 -29.73 -2.89
C HIS A 262 -2.02 -28.57 -2.70
N MET A 263 -1.72 -27.40 -3.25
CA MET A 263 -2.70 -26.32 -3.22
C MET A 263 -3.83 -26.63 -4.18
N SER A 264 -5.02 -26.08 -3.88
CA SER A 264 -6.24 -26.53 -4.54
C SER A 264 -6.68 -25.61 -5.67
N SER A 265 -6.92 -24.33 -5.38
CA SER A 265 -7.42 -23.39 -6.39
C SER A 265 -6.28 -23.00 -7.33
N LYS A 266 -6.22 -23.72 -8.45
CA LYS A 266 -5.03 -23.71 -9.29
C LYS A 266 -4.77 -22.35 -9.91
N THR A 267 -5.76 -21.46 -9.90
CA THR A 267 -5.66 -20.20 -10.63
C THR A 267 -5.23 -19.03 -9.74
N VAL A 268 -4.84 -19.27 -8.50
CA VAL A 268 -4.58 -18.18 -7.57
C VAL A 268 -3.11 -17.76 -7.64
N GLU A 269 -2.85 -16.54 -7.15
CA GLU A 269 -1.51 -16.02 -6.97
C GLU A 269 -1.35 -15.64 -5.51
N VAL A 270 -0.27 -16.11 -4.88
CA VAL A 270 -0.11 -16.00 -3.43
C VAL A 270 1.20 -15.30 -3.11
N TRP A 271 1.26 -14.70 -1.92
CA TRP A 271 2.52 -14.22 -1.38
C TRP A 271 3.37 -15.40 -0.91
N MET A 272 4.68 -15.27 -1.08
CA MET A 272 5.61 -16.35 -0.73
C MET A 272 6.39 -16.00 0.54
N GLY A 273 7.10 -14.88 0.50
CA GLY A 273 8.07 -14.53 1.52
C GLY A 273 9.31 -13.94 0.87
N LEU A 274 9.57 -14.33 -0.37
CA LEU A 274 10.65 -13.72 -1.12
C LEU A 274 10.40 -12.22 -1.23
N ASN A 275 11.46 -11.43 -1.07
CA ASN A 275 11.30 -9.99 -1.07
C ASN A 275 12.66 -9.33 -1.29
N GLN A 276 12.60 -8.08 -1.73
CA GLN A 276 13.75 -7.20 -1.81
C GLN A 276 13.44 -5.89 -1.10
N LEU A 277 12.71 -5.97 0.01
CA LEU A 277 12.21 -4.78 0.67
C LEU A 277 13.33 -3.83 1.09
N ASP A 278 14.51 -4.36 1.39
CA ASP A 278 15.67 -3.53 1.68
C ASP A 278 16.27 -3.05 0.35
N GLU A 279 16.11 -1.76 0.05
CA GLU A 279 16.56 -1.24 -1.22
C GLU A 279 18.07 -1.33 -1.38
N HIS A 280 18.81 -1.55 -0.29
CA HIS A 280 20.25 -1.72 -0.33
C HIS A 280 20.67 -3.18 -0.27
N ALA A 281 19.72 -4.11 -0.37
CA ALA A 281 20.03 -5.54 -0.36
C ALA A 281 19.19 -6.24 -1.41
N GLY A 282 19.70 -7.38 -1.89
CA GLY A 282 19.04 -8.14 -2.92
C GLY A 282 17.91 -9.00 -2.39
N TRP A 283 17.36 -9.80 -3.29
CA TRP A 283 16.24 -10.65 -2.94
C TRP A 283 16.63 -11.61 -1.82
N GLN A 284 15.68 -11.87 -0.93
CA GLN A 284 15.96 -12.67 0.25
C GLN A 284 14.65 -13.21 0.79
N TRP A 285 14.75 -14.39 1.41
CA TRP A 285 13.60 -14.94 2.11
C TRP A 285 13.37 -14.19 3.42
N SER A 286 12.11 -13.86 3.68
CA SER A 286 11.78 -13.28 4.96
C SER A 286 12.24 -14.17 6.11
N ASP A 287 12.07 -15.48 5.96
CA ASP A 287 12.65 -16.42 6.90
C ASP A 287 14.16 -16.41 6.80
N GLY A 288 14.81 -17.20 7.64
CA GLY A 288 16.25 -17.28 7.64
C GLY A 288 16.84 -18.16 6.55
N THR A 289 16.02 -18.77 5.71
CA THR A 289 16.54 -19.65 4.68
C THR A 289 17.35 -18.85 3.66
N PRO A 290 18.42 -19.42 3.12
CA PRO A 290 19.16 -18.72 2.07
C PRO A 290 18.41 -18.78 0.75
N LEU A 291 18.74 -17.83 -0.13
CA LEU A 291 18.11 -17.75 -1.45
C LEU A 291 19.06 -18.37 -2.47
N ASN A 292 19.03 -19.70 -2.56
CA ASN A 292 19.86 -20.44 -3.49
C ASN A 292 19.08 -21.01 -4.67
N TYR A 293 17.79 -21.28 -4.49
CA TYR A 293 16.95 -21.85 -5.54
C TYR A 293 16.01 -20.76 -6.05
N LEU A 294 16.00 -20.56 -7.36
CA LEU A 294 15.29 -19.44 -7.95
C LEU A 294 14.58 -19.90 -9.21
N ASN A 295 13.34 -19.45 -9.40
CA ASN A 295 12.53 -19.79 -10.57
C ASN A 295 11.94 -18.56 -11.23
N TRP A 296 12.71 -17.49 -11.36
CA TRP A 296 12.20 -16.27 -11.96
C TRP A 296 11.68 -16.56 -13.36
N SER A 297 10.60 -15.85 -13.74
CA SER A 297 9.99 -15.99 -15.03
C SER A 297 9.85 -14.61 -15.66
N PRO A 298 9.93 -14.50 -16.99
CA PRO A 298 9.83 -13.18 -17.63
C PRO A 298 8.39 -12.67 -17.73
N GLU A 299 7.46 -13.34 -17.03
CA GLU A 299 6.08 -12.87 -17.04
C GLU A 299 5.96 -11.45 -16.50
N VAL A 300 6.93 -11.02 -15.69
CA VAL A 300 7.01 -9.65 -15.22
C VAL A 300 8.25 -9.00 -15.83
N ASN A 301 8.12 -7.72 -16.18
CA ASN A 301 9.20 -6.98 -16.84
C ASN A 301 10.18 -6.47 -15.78
N PHE A 302 11.47 -6.59 -16.07
CA PHE A 302 12.49 -6.28 -15.08
C PHE A 302 12.94 -4.83 -15.19
N GLU A 303 12.94 -4.12 -14.07
CA GLU A 303 13.54 -2.80 -13.94
C GLU A 303 13.99 -2.64 -12.49
N PRO A 304 15.14 -1.99 -12.26
CA PRO A 304 15.71 -1.98 -10.90
C PRO A 304 15.04 -0.99 -9.96
N PHE A 305 14.55 0.13 -10.50
CA PHE A 305 14.06 1.23 -9.69
C PHE A 305 12.64 1.02 -9.17
N VAL A 306 11.84 0.20 -9.83
CA VAL A 306 10.39 0.20 -9.64
C VAL A 306 10.04 -0.42 -8.29
N GLU A 307 8.79 -0.23 -7.86
CA GLU A 307 8.32 -0.60 -6.53
C GLU A 307 7.88 -2.06 -6.43
N ASP A 308 8.17 -2.89 -7.41
CA ASP A 308 7.81 -4.31 -7.36
C ASP A 308 8.70 -5.10 -6.40
N HIS A 309 8.50 -4.90 -5.09
CA HIS A 309 9.48 -5.39 -4.13
C HIS A 309 9.17 -6.78 -3.59
N CYS A 310 7.94 -7.26 -3.72
CA CYS A 310 7.56 -8.51 -3.06
C CYS A 310 7.37 -9.60 -4.10
N GLY A 311 7.49 -10.86 -3.64
CA GLY A 311 7.46 -11.99 -4.54
C GLY A 311 6.14 -12.74 -4.48
N THR A 312 5.65 -13.13 -5.65
CA THR A 312 4.39 -13.82 -5.80
C THR A 312 4.60 -15.13 -6.55
N PHE A 313 3.83 -16.15 -6.17
CA PHE A 313 3.97 -17.49 -6.70
C PHE A 313 2.60 -18.00 -7.14
N SER A 314 2.59 -18.75 -8.22
CA SER A 314 1.37 -19.32 -8.77
C SER A 314 1.61 -20.76 -9.17
N SER A 315 0.60 -21.61 -8.97
CA SER A 315 0.71 -22.99 -9.39
C SER A 315 0.21 -23.15 -10.82
N PHE A 316 0.70 -22.31 -11.72
CA PHE A 316 0.43 -22.47 -13.13
C PHE A 316 1.38 -23.50 -13.72
N MET A 317 1.14 -23.83 -14.99
CA MET A 317 1.98 -24.83 -15.65
C MET A 317 3.45 -24.43 -15.61
N PRO A 318 3.85 -23.22 -15.97
CA PRO A 318 5.26 -22.84 -15.82
C PRO A 318 5.63 -22.69 -14.35
N SER A 319 6.90 -22.99 -14.06
CA SER A 319 7.45 -22.69 -12.74
C SER A 319 7.90 -21.24 -12.74
N ALA A 320 7.07 -20.36 -12.18
CA ALA A 320 7.28 -18.92 -12.34
C ALA A 320 6.99 -18.20 -11.04
N TRP A 321 7.86 -17.27 -10.69
CA TRP A 321 7.63 -16.28 -9.64
C TRP A 321 7.60 -14.91 -10.28
N ARG A 322 6.96 -13.96 -9.60
CA ARG A 322 6.79 -12.63 -10.17
C ARG A 322 6.98 -11.57 -9.09
N SER A 323 7.22 -10.35 -9.54
CA SER A 323 7.48 -9.21 -8.66
C SER A 323 6.24 -8.32 -8.64
N ARG A 324 5.80 -7.97 -7.43
CA ARG A 324 4.60 -7.15 -7.26
C ARG A 324 4.88 -6.09 -6.21
N ASP A 325 3.95 -5.14 -6.12
CA ASP A 325 4.00 -4.12 -5.08
C ASP A 325 3.42 -4.68 -3.79
N CYS A 326 4.17 -4.53 -2.70
CA CYS A 326 3.85 -5.24 -1.46
C CYS A 326 2.51 -4.86 -0.88
N GLU A 327 2.05 -3.62 -1.10
CA GLU A 327 0.77 -3.19 -0.57
C GLU A 327 -0.42 -3.85 -1.27
N SER A 328 -0.20 -4.47 -2.43
CA SER A 328 -1.29 -5.16 -3.10
C SER A 328 -1.80 -6.31 -2.25
N THR A 329 -3.10 -6.54 -2.32
CA THR A 329 -3.78 -7.52 -1.47
C THR A 329 -3.90 -8.84 -2.25
N LEU A 330 -3.41 -9.92 -1.65
CA LEU A 330 -3.42 -11.23 -2.28
C LEU A 330 -3.41 -12.30 -1.21
N PRO A 331 -3.84 -13.51 -1.54
CA PRO A 331 -3.73 -14.62 -0.56
C PRO A 331 -2.27 -14.95 -0.30
N TYR A 332 -2.04 -15.91 0.58
CA TYR A 332 -0.67 -16.22 0.96
C TYR A 332 -0.62 -17.61 1.61
N ILE A 333 0.60 -18.00 1.97
CA ILE A 333 0.86 -19.30 2.57
C ILE A 333 1.86 -19.10 3.71
N CYS A 334 1.58 -19.71 4.86
CA CYS A 334 2.48 -19.68 5.99
C CYS A 334 3.19 -21.02 6.15
N LYS A 335 4.41 -20.94 6.68
CA LYS A 335 5.32 -22.06 6.75
C LYS A 335 5.89 -22.13 8.16
N LYS A 336 5.84 -23.32 8.78
CA LYS A 336 6.24 -23.42 10.17
C LYS A 336 6.85 -24.79 10.43
N TYR A 337 8.10 -24.83 10.89
CA TYR A 337 8.71 -26.09 11.27
C TYR A 337 8.30 -26.44 12.70
N LEU A 338 8.02 -27.72 12.92
CA LEU A 338 7.46 -28.17 14.19
C LEU A 338 8.48 -28.75 15.15
N ASN A 339 9.62 -29.23 14.65
CA ASN A 339 10.61 -29.85 15.53
C ASN A 339 11.63 -28.84 16.05
N HIS A 340 11.82 -27.73 15.34
CA HIS A 340 12.87 -26.76 15.68
C HIS A 340 12.36 -25.83 16.77
N ILE A 341 12.52 -26.27 18.02
CA ILE A 341 12.22 -25.41 19.16
C ILE A 341 13.41 -24.51 19.46
N ASP A 342 14.61 -24.93 19.05
CA ASP A 342 15.83 -24.18 19.31
C ASP A 342 16.23 -23.38 18.07
N HIS A 343 15.25 -22.88 17.34
CA HIS A 343 15.50 -22.21 16.07
C HIS A 343 15.94 -20.76 16.22
N GLU A 344 16.03 -20.24 17.44
CA GLU A 344 16.36 -18.84 17.64
C GLU A 344 17.62 -18.43 16.88
N ILE A 345 18.65 -19.26 16.89
CA ILE A 345 19.84 -19.05 16.07
C ILE A 345 20.14 -20.36 15.34
N VAL A 346 20.40 -20.26 14.04
CA VAL A 346 20.59 -21.46 13.22
C VAL A 346 21.80 -22.26 13.70
N GLU A 347 22.91 -21.58 13.99
CA GLU A 347 24.13 -22.24 14.44
C GLU A 347 24.56 -21.65 15.77
N LYS A 348 24.97 -22.52 16.69
CA LYS A 348 25.27 -22.09 18.05
C LYS A 348 26.71 -21.62 18.22
N ASP A 349 27.67 -22.31 17.59
CA ASP A 349 29.08 -22.03 17.79
C ASP A 349 29.74 -21.38 16.58
N ALA A 350 28.95 -20.79 15.68
CA ALA A 350 29.52 -20.21 14.47
C ALA A 350 30.47 -19.05 14.75
N TRP A 351 30.37 -18.43 15.93
CA TRP A 351 31.11 -17.19 16.20
C TRP A 351 32.32 -17.38 17.09
N LYS A 352 32.37 -18.44 17.90
CA LYS A 352 33.50 -18.64 18.78
C LYS A 352 34.78 -18.79 17.96
N TYR A 353 35.84 -18.09 18.37
CA TYR A 353 37.09 -18.12 17.65
C TYR A 353 37.95 -19.30 18.11
N TYR A 354 38.55 -20.00 17.15
CA TYR A 354 39.50 -21.07 17.42
C TYR A 354 40.89 -20.61 17.02
N ALA A 355 41.85 -20.76 17.94
CA ALA A 355 43.23 -20.41 17.64
C ALA A 355 43.68 -21.16 16.38
N THR A 356 43.96 -20.40 15.32
CA THR A 356 44.29 -20.96 14.02
C THR A 356 45.68 -20.53 13.60
N HIS A 357 46.37 -21.42 12.89
CA HIS A 357 47.70 -21.18 12.36
C HIS A 357 47.70 -21.43 10.87
N CYS A 358 48.71 -20.90 10.19
CA CYS A 358 48.85 -21.18 8.77
C CYS A 358 50.26 -20.84 8.30
N GLU A 359 50.54 -21.20 7.06
CA GLU A 359 51.85 -21.01 6.49
C GLU A 359 51.97 -19.62 5.86
N PRO A 360 53.18 -19.18 5.55
CA PRO A 360 53.37 -17.85 4.97
C PRO A 360 52.58 -17.70 3.67
N GLY A 361 52.10 -16.50 3.42
CA GLY A 361 51.23 -16.23 2.28
C GLY A 361 49.77 -16.41 2.62
N TRP A 362 49.47 -17.41 3.45
CA TRP A 362 48.10 -17.60 3.91
C TRP A 362 47.83 -16.80 5.18
N ASN A 363 46.58 -16.38 5.32
CA ASN A 363 46.09 -15.74 6.52
C ASN A 363 45.19 -16.72 7.25
N PRO A 364 45.44 -17.02 8.52
CA PRO A 364 44.52 -17.89 9.25
C PRO A 364 43.30 -17.13 9.73
N TYR A 365 42.15 -17.78 9.60
CA TYR A 365 40.92 -17.29 10.22
C TYR A 365 40.36 -18.45 11.03
N ASN A 366 39.19 -18.29 11.64
CA ASN A 366 38.68 -19.27 12.57
C ASN A 366 38.75 -20.67 11.99
N ARG A 367 39.65 -21.49 12.52
CA ARG A 367 39.80 -22.89 12.19
C ARG A 367 40.03 -23.14 10.69
N ASN A 368 40.56 -22.17 9.96
CA ASN A 368 40.74 -22.34 8.53
C ASN A 368 41.86 -21.45 8.02
N CYS A 369 42.33 -21.75 6.80
CA CYS A 369 43.37 -20.98 6.13
C CYS A 369 42.76 -20.31 4.92
N TYR A 370 43.21 -19.10 4.60
CA TYR A 370 42.70 -18.38 3.45
C TYR A 370 43.86 -17.75 2.71
N LYS A 371 43.68 -17.51 1.42
CA LYS A 371 44.68 -16.72 0.70
C LYS A 371 44.05 -16.08 -0.53
N LEU A 372 44.32 -14.79 -0.70
CA LEU A 372 43.81 -14.02 -1.82
C LEU A 372 44.95 -13.84 -2.82
N GLN A 373 44.67 -14.08 -4.10
CA GLN A 373 45.74 -14.17 -5.09
C GLN A 373 45.95 -12.89 -5.88
N LYS A 374 44.95 -12.04 -5.99
CA LYS A 374 45.07 -10.79 -6.76
C LYS A 374 45.46 -11.06 -8.21
N GLU A 375 45.10 -12.23 -8.71
CA GLU A 375 45.42 -12.64 -10.07
C GLU A 375 44.13 -12.79 -10.85
N GLU A 376 43.86 -11.85 -11.75
CA GLU A 376 42.64 -11.86 -12.55
C GLU A 376 42.55 -13.19 -13.30
N LYS A 377 41.47 -13.93 -13.08
CA LYS A 377 41.22 -15.19 -13.74
C LYS A 377 39.73 -15.35 -14.01
N THR A 378 39.40 -16.16 -15.01
CA THR A 378 38.02 -16.59 -15.15
C THR A 378 37.65 -17.45 -13.95
N TRP A 379 36.36 -17.73 -13.83
CA TRP A 379 35.91 -18.55 -12.69
C TRP A 379 36.50 -19.96 -12.76
N HIS A 380 36.43 -20.58 -13.93
CA HIS A 380 37.00 -21.92 -14.08
C HIS A 380 38.50 -21.90 -13.84
N GLU A 381 39.18 -20.89 -14.38
CA GLU A 381 40.62 -20.77 -14.17
C GLU A 381 40.95 -20.64 -12.70
N ALA A 382 40.20 -19.81 -11.98
CA ALA A 382 40.46 -19.63 -10.55
C ALA A 382 40.19 -20.90 -9.77
N LEU A 383 39.11 -21.62 -10.11
CA LEU A 383 38.83 -22.86 -9.42
C LEU A 383 39.95 -23.87 -9.64
N ARG A 384 40.42 -23.98 -10.88
CA ARG A 384 41.52 -24.89 -11.17
C ARG A 384 42.80 -24.44 -10.48
N SER A 385 42.99 -23.12 -10.35
CA SER A 385 44.15 -22.61 -9.62
C SER A 385 44.10 -23.01 -8.16
N CYS A 386 42.95 -22.86 -7.52
CA CYS A 386 42.82 -23.31 -6.14
C CYS A 386 43.05 -24.81 -6.04
N GLN A 387 42.50 -25.58 -6.99
CA GLN A 387 42.74 -27.01 -7.02
C GLN A 387 44.20 -27.36 -7.24
N ALA A 388 44.98 -26.48 -7.85
CA ALA A 388 46.41 -26.72 -8.00
C ALA A 388 47.05 -27.05 -6.66
N ASP A 389 46.60 -26.40 -5.59
CA ASP A 389 46.87 -26.82 -4.23
C ASP A 389 45.66 -27.58 -3.71
N ASN A 390 45.78 -28.10 -2.49
CA ASN A 390 44.64 -28.75 -1.84
C ASN A 390 43.70 -27.70 -1.27
N SER A 391 43.25 -26.82 -2.17
CA SER A 391 42.45 -25.67 -1.81
C SER A 391 41.31 -25.52 -2.80
N ALA A 392 40.22 -24.89 -2.33
CA ALA A 392 39.05 -24.65 -3.14
C ALA A 392 38.61 -23.21 -2.97
N LEU A 393 37.86 -22.70 -3.95
CA LEU A 393 37.33 -21.35 -3.84
C LEU A 393 36.48 -21.24 -2.57
N ILE A 394 36.36 -20.01 -2.08
CA ILE A 394 35.81 -19.80 -0.75
C ILE A 394 34.34 -20.19 -0.71
N ASP A 395 33.94 -20.79 0.41
CA ASP A 395 32.54 -21.00 0.77
C ASP A 395 32.26 -20.30 2.09
N ILE A 396 31.12 -19.62 2.15
CA ILE A 396 30.73 -18.84 3.33
C ILE A 396 29.63 -19.60 4.05
N THR A 397 29.85 -19.89 5.33
CA THR A 397 28.85 -20.58 6.14
C THR A 397 28.12 -19.65 7.10
N SER A 398 28.76 -18.56 7.51
CA SER A 398 28.18 -17.67 8.50
C SER A 398 28.66 -16.24 8.26
N LEU A 399 27.95 -15.29 8.87
CA LEU A 399 28.28 -13.89 8.71
C LEU A 399 29.69 -13.59 9.18
N ALA A 400 30.22 -14.41 10.09
CA ALA A 400 31.59 -14.22 10.53
C ALA A 400 32.58 -14.36 9.38
N GLU A 401 32.34 -15.34 8.51
CA GLU A 401 33.19 -15.48 7.33
C GLU A 401 33.08 -14.28 6.41
N VAL A 402 31.89 -13.69 6.30
CA VAL A 402 31.76 -12.47 5.51
C VAL A 402 32.57 -11.34 6.15
N GLU A 403 32.54 -11.25 7.48
CA GLU A 403 33.34 -10.25 8.17
C GLU A 403 34.81 -10.44 7.84
N PHE A 404 35.30 -11.68 7.90
CA PHE A 404 36.70 -11.91 7.58
C PHE A 404 36.97 -11.59 6.13
N LEU A 405 36.02 -11.88 5.24
CA LEU A 405 36.18 -11.59 3.83
C LEU A 405 36.38 -10.10 3.62
N VAL A 406 35.54 -9.28 4.26
CA VAL A 406 35.69 -7.84 4.12
C VAL A 406 36.97 -7.35 4.76
N THR A 407 37.38 -7.92 5.89
CA THR A 407 38.65 -7.53 6.48
C THR A 407 39.81 -7.80 5.52
N LEU A 408 39.83 -8.99 4.91
CA LEU A 408 40.92 -9.32 3.99
C LEU A 408 40.87 -8.46 2.74
N LEU A 409 39.67 -8.26 2.18
CA LEU A 409 39.53 -7.32 1.07
C LEU A 409 39.93 -5.91 1.47
N GLY A 410 39.98 -5.63 2.77
CA GLY A 410 40.71 -4.48 3.24
C GLY A 410 42.14 -4.41 2.75
N ASP A 411 42.63 -5.47 2.13
CA ASP A 411 43.88 -5.37 1.38
C ASP A 411 43.79 -4.21 0.41
N GLU A 412 44.95 -3.77 -0.06
CA GLU A 412 45.09 -2.40 -0.54
C GLU A 412 44.13 -2.07 -1.68
N ASN A 413 43.87 -3.00 -2.60
CA ASN A 413 42.82 -2.73 -3.58
C ASN A 413 41.67 -3.72 -3.47
N ALA A 414 41.94 -5.01 -3.68
CA ALA A 414 41.01 -6.10 -3.37
C ALA A 414 39.55 -5.69 -3.57
N SER A 415 39.23 -5.21 -4.77
CA SER A 415 37.89 -4.67 -5.00
C SER A 415 36.83 -5.77 -4.92
N GLU A 416 37.01 -6.86 -5.64
CA GLU A 416 36.05 -7.95 -5.67
C GLU A 416 36.79 -9.27 -5.79
N THR A 417 36.12 -10.36 -5.42
CA THR A 417 36.72 -11.69 -5.52
C THR A 417 35.69 -12.72 -5.95
N TRP A 418 36.12 -13.64 -6.81
CA TRP A 418 35.29 -14.80 -7.16
C TRP A 418 34.97 -15.60 -5.92
N ILE A 419 33.76 -16.12 -5.84
CA ILE A 419 33.35 -16.98 -4.73
C ILE A 419 33.20 -18.40 -5.25
N GLY A 420 33.44 -19.36 -4.37
CA GLY A 420 33.35 -20.76 -4.76
C GLY A 420 31.91 -21.22 -4.91
N LEU A 421 31.13 -20.48 -5.69
CA LEU A 421 29.70 -20.71 -5.83
C LEU A 421 29.28 -20.32 -7.24
N SER A 422 28.49 -21.17 -7.88
CA SER A 422 28.06 -20.89 -9.24
C SER A 422 26.85 -21.76 -9.56
N SER A 423 26.22 -21.45 -10.69
CA SER A 423 25.04 -22.16 -11.15
C SER A 423 25.39 -23.09 -12.31
N ASN A 424 24.64 -24.19 -12.42
CA ASN A 424 24.84 -25.14 -13.51
C ASN A 424 23.52 -25.66 -14.07
N LYS A 425 22.46 -24.83 -14.05
CA LYS A 425 21.16 -25.20 -14.57
C LYS A 425 20.54 -24.02 -15.28
N ILE A 426 19.53 -24.30 -16.11
CA ILE A 426 18.74 -23.23 -16.70
C ILE A 426 17.76 -22.74 -15.64
N PRO A 427 17.00 -23.62 -14.97
CA PRO A 427 16.36 -23.21 -13.72
C PRO A 427 17.38 -23.19 -12.60
N VAL A 428 17.79 -21.99 -12.19
CA VAL A 428 19.06 -21.83 -11.49
C VAL A 428 18.95 -22.33 -10.06
N SER A 429 19.89 -23.20 -9.68
CA SER A 429 20.12 -23.57 -8.29
C SER A 429 21.61 -23.42 -8.03
N PHE A 430 21.95 -22.70 -6.96
CA PHE A 430 23.33 -22.30 -6.71
C PHE A 430 23.99 -23.29 -5.76
N GLU A 431 25.20 -23.73 -6.11
CA GLU A 431 25.95 -24.69 -5.32
C GLU A 431 27.40 -24.22 -5.22
N TRP A 432 28.06 -24.66 -4.16
CA TRP A 432 29.46 -24.32 -3.98
C TRP A 432 30.33 -25.04 -5.02
N SER A 433 31.55 -24.54 -5.19
CA SER A 433 32.53 -25.29 -5.96
C SER A 433 32.83 -26.64 -5.33
N ASN A 434 32.53 -26.79 -4.04
CA ASN A 434 32.57 -28.06 -3.34
C ASN A 434 31.15 -28.58 -3.20
N ASP A 435 30.99 -29.90 -3.23
CA ASP A 435 29.67 -30.51 -3.18
C ASP A 435 29.13 -30.41 -1.75
N SER A 436 28.73 -29.19 -1.38
CA SER A 436 28.18 -28.92 -0.06
C SER A 436 27.02 -27.95 -0.21
N SER A 437 26.15 -27.96 0.80
CA SER A 437 24.93 -27.16 0.77
C SER A 437 25.22 -25.70 1.03
N VAL A 438 24.28 -24.85 0.62
CA VAL A 438 24.35 -23.42 0.91
C VAL A 438 23.64 -23.17 2.23
N ILE A 439 24.25 -22.33 3.06
CA ILE A 439 23.69 -21.99 4.37
C ILE A 439 23.50 -20.49 4.55
N PHE A 440 24.05 -19.65 3.67
CA PHE A 440 23.98 -18.22 3.85
C PHE A 440 24.08 -17.55 2.49
N THR A 441 23.46 -16.37 2.36
CA THR A 441 23.51 -15.61 1.13
C THR A 441 23.43 -14.13 1.46
N ASN A 442 24.18 -13.32 0.69
CA ASN A 442 24.27 -11.89 0.92
C ASN A 442 24.15 -11.15 -0.43
N TRP A 443 23.12 -11.51 -1.19
CA TRP A 443 22.96 -10.97 -2.54
C TRP A 443 22.95 -9.44 -2.52
N HIS A 444 23.67 -8.85 -3.47
CA HIS A 444 23.73 -7.40 -3.58
C HIS A 444 22.37 -6.84 -3.97
N THR A 445 22.23 -5.52 -3.84
CA THR A 445 20.97 -4.82 -4.04
C THR A 445 20.18 -5.35 -5.22
N LEU A 446 20.83 -5.52 -6.38
CA LEU A 446 20.15 -5.91 -7.60
C LEU A 446 20.72 -7.14 -8.27
N GLU A 447 21.67 -7.82 -7.63
CA GLU A 447 22.48 -8.84 -8.34
C GLU A 447 22.04 -10.30 -8.25
N PRO A 448 20.83 -10.68 -7.78
CA PRO A 448 20.35 -12.06 -7.92
C PRO A 448 19.89 -12.13 -9.39
N HIS A 449 20.01 -11.03 -10.16
CA HIS A 449 19.58 -10.93 -11.54
C HIS A 449 20.20 -12.02 -12.41
N ILE A 450 19.36 -12.88 -12.97
CA ILE A 450 19.85 -13.99 -13.77
C ILE A 450 20.02 -13.51 -15.20
N PHE A 451 21.25 -13.58 -15.72
CA PHE A 451 21.46 -13.35 -17.13
C PHE A 451 20.60 -14.34 -17.92
N PRO A 452 19.93 -13.91 -18.99
CA PRO A 452 18.75 -14.65 -19.48
C PRO A 452 18.88 -16.17 -19.48
N ASN A 453 19.87 -16.74 -20.18
CA ASN A 453 19.84 -18.18 -20.42
C ASN A 453 21.19 -18.87 -20.30
N ARG A 454 22.23 -18.16 -19.87
CA ARG A 454 23.55 -18.77 -19.80
C ARG A 454 23.51 -19.97 -18.86
N SER A 455 24.19 -21.05 -19.25
CA SER A 455 24.16 -22.28 -18.46
C SER A 455 24.73 -22.06 -17.08
N GLN A 456 25.84 -21.33 -16.98
CA GLN A 456 26.50 -21.08 -15.70
C GLN A 456 26.72 -19.60 -15.50
N LEU A 457 26.39 -19.12 -14.31
CA LEU A 457 26.68 -17.77 -13.87
C LEU A 457 27.41 -17.86 -12.53
N CYS A 458 28.44 -17.02 -12.36
CA CYS A 458 29.33 -17.14 -11.23
C CYS A 458 29.30 -15.86 -10.40
N VAL A 459 29.43 -16.02 -9.09
CA VAL A 459 29.21 -14.94 -8.14
C VAL A 459 30.53 -14.37 -7.68
N SER A 460 30.58 -13.03 -7.60
CA SER A 460 31.71 -12.31 -7.05
C SER A 460 31.23 -11.47 -5.88
N ALA A 461 32.06 -11.41 -4.84
CA ALA A 461 31.77 -10.64 -3.64
C ALA A 461 32.49 -9.31 -3.70
N GLU A 462 31.79 -8.25 -3.31
CA GLU A 462 32.34 -6.91 -3.29
C GLU A 462 32.93 -6.60 -1.91
N GLN A 463 33.91 -5.71 -1.88
CA GLN A 463 34.63 -5.41 -0.64
C GLN A 463 33.83 -4.55 0.32
N SER A 464 32.78 -3.85 -0.15
CA SER A 464 32.06 -2.93 0.72
C SER A 464 31.38 -3.65 1.88
N GLU A 465 30.61 -4.70 1.59
CA GLU A 465 29.86 -5.38 2.63
C GLU A 465 29.89 -6.89 2.48
N GLY A 466 30.64 -7.43 1.51
CA GLY A 466 30.53 -8.83 1.20
C GLY A 466 29.33 -9.17 0.35
N HIS A 467 28.72 -8.17 -0.27
CA HIS A 467 27.56 -8.40 -1.12
C HIS A 467 27.95 -9.21 -2.34
N TRP A 468 27.16 -10.21 -2.68
CA TRP A 468 27.43 -11.05 -3.83
C TRP A 468 26.66 -10.55 -5.05
N LYS A 469 27.26 -10.75 -6.22
CA LYS A 469 26.59 -10.41 -7.47
C LYS A 469 27.01 -11.41 -8.53
N VAL A 470 26.04 -11.84 -9.35
CA VAL A 470 26.32 -12.82 -10.39
C VAL A 470 26.87 -12.10 -11.62
N LYS A 471 27.63 -12.84 -12.43
CA LYS A 471 28.13 -12.32 -13.68
C LYS A 471 28.67 -13.48 -14.50
N ASN A 472 29.03 -13.18 -15.74
CA ASN A 472 29.59 -14.20 -16.63
C ASN A 472 30.87 -14.77 -16.04
N CYS A 473 30.94 -16.10 -15.98
CA CYS A 473 32.07 -16.74 -15.34
C CYS A 473 33.39 -16.45 -16.04
N GLU A 474 33.34 -16.02 -17.30
CA GLU A 474 34.55 -15.71 -18.05
C GLU A 474 35.26 -14.47 -17.55
N GLU A 475 34.63 -13.67 -16.70
CA GLU A 475 35.23 -12.43 -16.24
C GLU A 475 36.53 -12.71 -15.50
N ARG A 476 37.56 -11.91 -15.78
CA ARG A 476 38.85 -12.06 -15.12
C ARG A 476 38.84 -11.23 -13.84
N LEU A 477 38.91 -11.90 -12.69
CA LEU A 477 38.86 -11.25 -11.40
C LEU A 477 39.78 -11.97 -10.44
N PHE A 478 40.10 -11.29 -9.33
CA PHE A 478 40.88 -11.93 -8.29
C PHE A 478 40.11 -13.11 -7.72
N TYR A 479 40.79 -13.91 -6.89
CA TYR A 479 40.16 -15.06 -6.29
C TYR A 479 40.85 -15.39 -4.98
N ILE A 480 40.07 -15.95 -4.05
CA ILE A 480 40.54 -16.34 -2.74
C ILE A 480 40.31 -17.83 -2.59
N CYS A 481 41.38 -18.56 -2.29
CA CYS A 481 41.32 -20.00 -2.07
C CYS A 481 41.29 -20.26 -0.57
N LYS A 482 40.37 -21.11 -0.14
CA LYS A 482 40.29 -21.54 1.24
C LYS A 482 40.98 -22.90 1.39
N LYS A 483 41.44 -23.18 2.60
CA LYS A 483 42.17 -24.39 2.89
C LYS A 483 41.90 -24.83 4.32
N ALA A 484 42.07 -26.13 4.57
CA ALA A 484 41.83 -26.66 5.90
C ALA A 484 42.93 -26.21 6.87
N GLY A 485 42.67 -26.47 8.14
CA GLY A 485 43.63 -26.17 9.19
C GLY A 485 43.21 -26.85 10.46
N HIS A 486 44.03 -26.69 11.50
CA HIS A 486 43.73 -27.28 12.80
C HIS A 486 44.12 -26.30 13.90
N VAL A 487 43.51 -26.49 15.07
CA VAL A 487 43.73 -25.59 16.19
C VAL A 487 45.22 -25.56 16.52
N LEU A 488 45.77 -24.35 16.60
CA LEU A 488 47.17 -24.21 16.99
C LEU A 488 47.35 -24.56 18.45
N SER A 489 46.47 -24.08 19.32
CA SER A 489 46.56 -24.34 20.75
C SER A 489 45.27 -23.87 21.41
N ASP A 490 45.23 -23.99 22.73
CA ASP A 490 44.09 -23.53 23.52
C ASP A 490 44.29 -22.13 24.06
N ALA A 491 45.36 -21.44 23.66
CA ALA A 491 45.63 -20.11 24.18
C ALA A 491 44.86 -19.06 23.37
N GLU A 492 44.70 -17.88 23.99
CA GLU A 492 44.07 -16.72 23.36
C GLU A 492 45.03 -15.53 23.55
N SER A 493 45.96 -15.38 22.61
CA SER A 493 46.99 -14.36 22.74
C SER A 493 46.40 -12.94 22.67
N GLY A 494 45.19 -12.79 22.16
CA GLY A 494 44.57 -11.47 22.08
C GLY A 494 44.34 -10.88 23.45
N CYS A 495 43.43 -11.48 24.22
CA CYS A 495 43.18 -11.05 25.59
C CYS A 495 42.86 -12.31 26.40
N GLN A 496 43.88 -12.86 27.05
CA GLN A 496 43.66 -14.02 27.90
C GLN A 496 42.67 -13.70 29.01
N GLU A 497 42.73 -12.48 29.54
CA GLU A 497 41.78 -12.05 30.58
C GLU A 497 40.37 -11.87 30.05
N GLY A 498 40.20 -11.42 28.81
CA GLY A 498 38.88 -11.28 28.25
C GLY A 498 38.17 -12.61 28.11
N TRP A 499 36.85 -12.58 28.29
CA TRP A 499 36.08 -13.80 28.18
C TRP A 499 36.11 -14.38 26.76
N GLU A 500 35.89 -13.55 25.74
CA GLU A 500 36.01 -14.01 24.36
C GLU A 500 36.84 -13.02 23.58
N ARG A 501 37.33 -13.46 22.42
CA ARG A 501 37.93 -12.58 21.44
C ARG A 501 37.04 -12.53 20.19
N HIS A 502 37.17 -11.44 19.43
CA HIS A 502 36.52 -11.36 18.13
C HIS A 502 37.20 -10.27 17.33
N GLY A 503 37.50 -10.56 16.06
CA GLY A 503 38.15 -9.57 15.23
C GLY A 503 39.38 -9.00 15.91
N GLY A 504 39.41 -7.68 16.06
CA GLY A 504 40.49 -6.99 16.70
C GLY A 504 40.25 -6.55 18.12
N PHE A 505 39.26 -7.12 18.82
CA PHE A 505 38.95 -6.74 20.18
C PHE A 505 38.61 -8.00 20.97
N CYS A 506 38.36 -7.81 22.26
CA CYS A 506 37.89 -8.88 23.12
C CYS A 506 36.74 -8.37 23.96
N TYR A 507 36.00 -9.29 24.57
CA TYR A 507 34.76 -8.96 25.25
C TYR A 507 34.66 -9.71 26.57
N LYS A 508 34.21 -9.00 27.60
CA LYS A 508 34.22 -9.46 28.98
C LYS A 508 32.89 -9.13 29.66
N ILE A 509 31.78 -9.46 29.02
CA ILE A 509 30.45 -9.22 29.58
C ILE A 509 30.37 -9.75 31.00
N ASP A 510 29.56 -9.09 31.84
CA ASP A 510 29.30 -9.60 33.18
C ASP A 510 27.88 -9.23 33.60
N THR A 511 27.32 -10.05 34.49
CA THR A 511 25.96 -9.88 34.98
C THR A 511 25.91 -9.51 36.46
N VAL A 512 26.85 -8.70 36.94
CA VAL A 512 26.89 -8.32 38.35
C VAL A 512 26.79 -6.81 38.49
N LEU A 513 27.77 -6.08 37.94
CA LEU A 513 27.77 -4.63 38.06
C LEU A 513 26.58 -4.06 37.29
N ARG A 514 25.90 -3.09 37.90
CA ARG A 514 24.54 -2.77 37.52
C ARG A 514 24.29 -1.30 37.18
N SER A 515 25.00 -0.35 37.79
CA SER A 515 24.76 1.05 37.49
C SER A 515 25.30 1.39 36.10
N PHE A 516 24.91 2.56 35.59
CA PHE A 516 25.29 2.97 34.25
C PHE A 516 26.75 3.38 34.19
N ASP A 517 27.66 2.42 34.29
CA ASP A 517 29.10 2.64 34.22
C ASP A 517 29.64 3.36 35.45
N GLN A 518 28.82 3.61 36.46
CA GLN A 518 29.27 4.34 37.63
C GLN A 518 30.16 3.44 38.49
N ALA A 519 31.41 3.84 38.67
CA ALA A 519 32.36 3.07 39.46
C ALA A 519 33.23 4.04 40.24
N SER A 520 33.72 3.59 41.40
CA SER A 520 34.55 4.43 42.23
C SER A 520 35.82 4.85 41.49
N SER A 521 36.53 3.90 40.91
CA SER A 521 37.70 4.18 40.10
C SER A 521 37.72 3.20 38.94
N GLY A 522 38.35 3.62 37.84
CA GLY A 522 38.29 2.80 36.66
C GLY A 522 36.86 2.63 36.21
N TYR A 523 36.54 1.41 35.77
CA TYR A 523 35.18 1.08 35.36
C TYR A 523 34.93 -0.40 35.64
N TYR A 524 33.74 -0.84 35.27
CA TYR A 524 33.39 -2.24 35.46
C TYR A 524 34.38 -3.15 34.74
N CYS A 525 34.87 -2.71 33.60
CA CYS A 525 36.08 -3.25 33.01
C CYS A 525 36.95 -2.10 32.53
N PRO A 526 38.26 -2.21 32.65
CA PRO A 526 39.13 -1.02 32.51
C PRO A 526 38.92 -0.32 31.17
N PRO A 527 38.75 -1.06 30.07
CA PRO A 527 38.42 -0.40 28.80
C PRO A 527 37.02 0.19 28.74
N ALA A 528 36.25 0.11 29.83
CA ALA A 528 34.94 0.77 29.91
C ALA A 528 33.91 0.06 29.05
N LEU A 529 32.83 0.75 28.72
CA LEU A 529 31.67 0.13 28.09
C LEU A 529 31.88 -0.03 26.58
N VAL A 530 30.97 -0.75 25.95
CA VAL A 530 31.17 -1.20 24.57
C VAL A 530 30.65 -0.17 23.59
N THR A 531 31.27 -0.13 22.41
CA THR A 531 30.79 0.63 21.27
C THR A 531 30.70 -0.30 20.06
N ILE A 532 29.66 -0.12 19.26
CA ILE A 532 29.37 -1.00 18.13
C ILE A 532 29.57 -0.19 16.86
N THR A 533 30.40 -0.71 15.96
CA THR A 533 30.67 -0.04 14.69
C THR A 533 30.09 -0.80 13.50
N ASN A 534 29.79 -2.08 13.65
CA ASN A 534 29.33 -2.88 12.52
C ASN A 534 28.34 -3.94 12.96
N ARG A 535 27.50 -4.32 12.00
CA ARG A 535 26.55 -5.40 12.23
C ARG A 535 27.26 -6.66 12.67
N PHE A 536 28.50 -6.87 12.24
CA PHE A 536 29.25 -8.04 12.67
C PHE A 536 29.50 -7.99 14.18
N GLU A 537 29.97 -6.84 14.67
CA GLU A 537 30.13 -6.66 16.09
C GLU A 537 28.81 -6.89 16.82
N GLN A 538 27.74 -6.31 16.28
CA GLN A 538 26.43 -6.45 16.93
C GLN A 538 26.04 -7.92 17.03
N ALA A 539 26.24 -8.68 15.96
CA ALA A 539 25.91 -10.09 15.98
C ALA A 539 26.76 -10.83 17.00
N PHE A 540 28.04 -10.49 17.09
CA PHE A 540 28.91 -11.17 18.05
C PHE A 540 28.41 -10.94 19.47
N ILE A 541 28.08 -9.68 19.81
CA ILE A 541 27.62 -9.42 21.17
C ILE A 541 26.25 -10.04 21.40
N THR A 542 25.42 -10.13 20.35
CA THR A 542 24.16 -10.85 20.46
C THR A 542 24.40 -12.29 20.84
N SER A 543 25.37 -12.93 20.18
CA SER A 543 25.74 -14.29 20.56
C SER A 543 26.21 -14.36 22.00
N LEU A 544 27.02 -13.38 22.41
CA LEU A 544 27.51 -13.35 23.78
C LEU A 544 26.35 -13.35 24.77
N ILE A 545 25.41 -12.42 24.59
CA ILE A 545 24.31 -12.30 25.53
C ILE A 545 23.44 -13.56 25.51
N SER A 546 23.15 -14.08 24.32
CA SER A 546 22.37 -15.31 24.23
C SER A 546 23.05 -16.46 24.94
N SER A 547 24.37 -16.51 24.94
CA SER A 547 25.11 -17.55 25.63
C SER A 547 25.06 -17.41 27.15
N VAL A 548 24.85 -16.19 27.66
CA VAL A 548 24.94 -15.95 29.10
C VAL A 548 23.65 -15.34 29.62
N VAL A 549 22.53 -15.67 29.00
CA VAL A 549 21.24 -15.27 29.56
C VAL A 549 21.00 -16.11 30.81
N LYS A 550 21.31 -15.55 31.97
CA LYS A 550 21.08 -16.27 33.23
C LYS A 550 19.62 -16.23 33.62
N MET A 551 18.97 -15.08 33.45
CA MET A 551 17.56 -14.92 33.77
C MET A 551 16.91 -14.12 32.64
N LYS A 552 15.69 -14.52 32.29
CA LYS A 552 15.12 -14.15 31.00
C LYS A 552 14.90 -12.63 30.90
N ASP A 553 14.85 -12.17 29.65
CA ASP A 553 14.46 -10.79 29.32
C ASP A 553 15.22 -9.77 30.15
N SER A 554 16.53 -9.96 30.27
CA SER A 554 17.36 -8.98 30.95
C SER A 554 17.71 -7.84 30.00
N TYR A 555 18.58 -6.95 30.47
CA TYR A 555 19.04 -5.83 29.65
C TYR A 555 20.51 -5.58 29.95
N PHE A 556 21.20 -4.98 28.98
CA PHE A 556 22.63 -4.77 29.08
C PHE A 556 22.99 -3.36 28.65
N TRP A 557 23.81 -2.68 29.46
CA TRP A 557 24.16 -1.30 29.16
C TRP A 557 25.01 -1.22 27.90
N ILE A 558 24.90 -0.09 27.20
CA ILE A 558 25.75 0.21 26.06
C ILE A 558 26.26 1.64 26.19
N ALA A 559 27.40 1.91 25.57
CA ALA A 559 28.05 3.21 25.70
C ALA A 559 27.30 4.33 25.02
N LEU A 560 26.16 4.06 24.39
CA LEU A 560 25.43 5.10 23.67
C LEU A 560 24.50 5.79 24.66
N GLN A 561 24.59 7.11 24.77
CA GLN A 561 23.81 7.83 25.76
C GLN A 561 23.58 9.27 25.29
N ASP A 562 22.68 9.95 26.00
CA ASP A 562 22.34 11.34 25.73
C ASP A 562 22.20 12.12 27.03
N GLN A 563 23.12 11.92 27.97
CA GLN A 563 22.99 12.57 29.27
C GLN A 563 23.00 14.08 29.14
N ASN A 564 23.86 14.63 28.28
CA ASN A 564 23.76 16.04 27.90
C ASN A 564 22.55 16.18 26.97
N ASP A 565 21.37 16.19 27.59
CA ASP A 565 20.13 15.96 26.86
C ASP A 565 20.09 16.80 25.60
N THR A 566 20.26 16.15 24.45
CA THR A 566 20.20 16.81 23.15
C THR A 566 19.34 16.05 22.15
N GLY A 567 18.98 14.81 22.43
CA GLY A 567 18.25 14.00 21.45
C GLY A 567 19.21 13.22 20.59
N GLU A 568 20.35 13.82 20.27
CA GLU A 568 21.36 13.15 19.46
C GLU A 568 22.18 12.20 20.33
N TYR A 569 21.60 11.08 20.74
CA TYR A 569 22.32 10.06 21.48
C TYR A 569 23.68 9.82 20.86
N THR A 570 24.71 9.68 21.69
CA THR A 570 26.05 9.46 21.20
C THR A 570 26.83 8.65 22.22
N TRP A 571 27.89 8.01 21.74
CA TRP A 571 28.74 7.19 22.60
C TRP A 571 29.36 8.03 23.71
N LYS A 572 29.51 7.43 24.88
CA LYS A 572 30.27 8.07 25.94
C LYS A 572 31.75 8.02 25.55
N PRO A 573 32.40 9.17 25.33
CA PRO A 573 33.72 9.15 24.68
C PRO A 573 34.82 8.72 25.63
N VAL A 574 35.62 7.74 25.18
CA VAL A 574 36.87 7.41 25.84
C VAL A 574 37.82 8.58 25.58
N GLY A 575 38.96 8.58 26.26
CA GLY A 575 39.81 9.77 26.30
C GLY A 575 39.98 10.48 24.97
N GLN A 576 39.44 11.69 24.90
CA GLN A 576 39.59 12.56 23.73
C GLN A 576 39.06 11.90 22.46
N LYS A 577 38.27 10.85 22.58
CA LYS A 577 37.82 10.12 21.40
C LYS A 577 36.52 10.72 20.86
N PRO A 578 36.51 11.28 19.63
CA PRO A 578 35.27 11.75 19.01
C PRO A 578 34.49 10.64 18.32
N GLU A 579 34.22 9.56 19.06
CA GLU A 579 33.63 8.35 18.51
C GLU A 579 32.31 8.66 17.80
N PRO A 580 32.26 8.58 16.48
CA PRO A 580 30.98 8.73 15.78
C PRO A 580 30.13 7.48 15.94
N VAL A 581 28.92 7.56 15.40
CA VAL A 581 27.99 6.44 15.39
C VAL A 581 27.64 6.14 13.94
N GLN A 582 27.81 4.87 13.54
CA GLN A 582 27.58 4.45 12.17
C GLN A 582 26.54 3.35 12.04
N TYR A 583 26.18 2.70 13.14
CA TYR A 583 25.21 1.61 13.11
C TYR A 583 24.33 1.68 14.35
N THR A 584 23.09 1.21 14.20
CA THR A 584 22.17 1.19 15.32
C THR A 584 21.18 0.05 15.13
N HIS A 585 20.65 -0.44 16.25
CA HIS A 585 19.80 -1.63 16.29
C HIS A 585 18.56 -1.38 17.12
N TRP A 586 17.87 -0.27 16.86
CA TRP A 586 16.74 0.12 17.68
C TRP A 586 15.64 -0.93 17.64
N ASN A 587 14.88 -1.00 18.73
CA ASN A 587 13.71 -1.87 18.80
C ASN A 587 12.55 -1.22 18.08
N THR A 588 11.36 -1.78 18.26
CA THR A 588 10.17 -1.28 17.56
C THR A 588 9.85 0.14 18.02
N HIS A 589 9.79 1.07 17.07
CA HIS A 589 9.47 2.48 17.33
C HIS A 589 10.15 2.95 18.63
N GLN A 590 11.39 2.51 18.78
CA GLN A 590 12.09 2.60 20.04
C GLN A 590 12.74 3.95 20.36
N PRO A 591 13.41 4.61 19.41
CA PRO A 591 14.15 5.84 19.76
C PRO A 591 13.20 6.99 20.12
N ARG A 592 12.56 6.86 21.28
CA ARG A 592 11.43 7.72 21.62
C ARG A 592 11.86 9.07 22.18
N TYR A 593 12.54 9.07 23.33
CA TYR A 593 12.77 10.32 24.05
C TYR A 593 14.26 10.61 24.19
N SER A 594 14.59 11.89 24.11
CA SER A 594 15.96 12.33 24.35
C SER A 594 16.36 12.06 25.80
N GLY A 595 17.66 12.10 26.05
CA GLY A 595 18.17 11.85 27.37
C GLY A 595 18.08 10.38 27.75
N GLY A 596 18.93 9.94 28.66
CA GLY A 596 18.97 8.56 29.08
C GLY A 596 20.14 7.80 28.47
N CYS A 597 20.10 6.49 28.66
CA CYS A 597 21.18 5.62 28.21
C CYS A 597 20.59 4.39 27.53
N VAL A 598 21.38 3.78 26.66
CA VAL A 598 20.88 2.69 25.83
C VAL A 598 21.12 1.35 26.52
N ALA A 599 20.08 0.53 26.55
CA ALA A 599 20.14 -0.83 27.05
C ALA A 599 19.66 -1.77 25.96
N MET A 600 20.36 -2.90 25.81
CA MET A 600 20.06 -3.89 24.78
C MET A 600 19.28 -5.02 25.42
N ARG A 601 18.26 -5.50 24.70
CA ARG A 601 17.30 -6.44 25.24
C ARG A 601 17.83 -7.86 25.21
N GLY A 602 17.38 -8.68 26.15
CA GLY A 602 17.67 -10.10 26.16
C GLY A 602 16.48 -10.98 25.87
N ARG A 603 15.27 -10.41 25.86
CA ARG A 603 14.10 -11.18 25.45
C ARG A 603 14.28 -11.67 24.02
N HIS A 604 13.51 -12.69 23.64
CA HIS A 604 13.77 -13.47 22.45
C HIS A 604 14.04 -12.59 21.22
N PRO A 605 13.50 -11.37 21.14
CA PRO A 605 14.05 -10.48 20.08
C PRO A 605 15.43 -9.97 20.47
N LEU A 606 16.40 -10.88 20.43
CA LEU A 606 17.73 -10.59 20.96
C LEU A 606 18.38 -9.43 20.22
N GLY A 607 19.17 -8.65 20.97
CA GLY A 607 20.06 -7.68 20.36
C GLY A 607 19.44 -6.35 20.01
N ARG A 608 18.16 -6.15 20.26
CA ARG A 608 17.54 -4.88 19.90
C ARG A 608 17.80 -3.84 20.98
N TRP A 609 18.07 -2.61 20.55
CA TRP A 609 18.45 -1.53 21.44
C TRP A 609 17.22 -0.79 21.94
N GLU A 610 17.35 -0.15 23.10
CA GLU A 610 16.27 0.62 23.71
C GLU A 610 16.85 1.76 24.52
N VAL A 611 16.04 2.80 24.72
CA VAL A 611 16.41 3.90 25.60
C VAL A 611 15.86 3.64 27.00
N LYS A 612 16.59 4.09 28.02
CA LYS A 612 16.21 3.79 29.39
C LYS A 612 16.73 4.89 30.30
N HIS A 613 16.19 4.92 31.51
CA HIS A 613 16.56 5.89 32.52
C HIS A 613 17.75 5.36 33.30
N CYS A 614 18.80 6.18 33.43
CA CYS A 614 20.07 5.74 33.97
C CYS A 614 20.08 5.65 35.49
N ARG A 615 19.18 6.35 36.18
CA ARG A 615 19.09 6.27 37.63
C ARG A 615 18.05 5.27 38.10
N HIS A 616 17.27 4.70 37.19
CA HIS A 616 16.13 3.88 37.55
C HIS A 616 16.13 2.51 36.89
N PHE A 617 16.65 2.40 35.67
CA PHE A 617 16.63 1.13 34.98
C PHE A 617 17.81 0.26 35.40
N LYS A 618 17.65 -1.05 35.22
CA LYS A 618 18.62 -2.04 35.65
C LYS A 618 19.11 -2.82 34.43
N ALA A 619 20.43 -2.85 34.24
CA ALA A 619 21.02 -3.58 33.12
C ALA A 619 22.45 -3.94 33.50
N MET A 620 23.03 -4.86 32.73
CA MET A 620 24.27 -5.53 33.11
C MET A 620 25.42 -5.02 32.26
N SER A 621 26.64 -5.38 32.65
CA SER A 621 27.82 -4.69 32.17
C SER A 621 28.40 -5.36 30.93
N LEU A 622 28.83 -4.53 29.97
CA LEU A 622 29.45 -4.98 28.74
C LEU A 622 30.84 -4.36 28.62
N CYS A 623 31.76 -5.09 27.98
CA CYS A 623 33.15 -4.68 27.93
C CYS A 623 33.71 -4.85 26.53
N LYS A 624 34.77 -4.08 26.24
CA LYS A 624 35.47 -4.17 24.96
C LYS A 624 36.95 -3.93 25.21
N GLN A 625 37.69 -5.02 25.39
CA GLN A 625 39.15 -4.91 25.46
C GLN A 625 39.69 -4.50 24.09
N PRO A 626 40.54 -3.48 24.04
CA PRO A 626 40.84 -2.82 22.76
C PRO A 626 41.79 -3.64 21.91
N VAL A 627 42.19 -3.01 20.79
CA VAL A 627 43.14 -3.63 19.88
C VAL A 627 44.50 -3.71 20.52
N GLU A 628 45.16 -4.86 20.39
CA GLU A 628 46.49 -5.03 20.96
C GLU A 628 47.53 -4.18 20.26
N ASN A 629 47.30 -3.82 19.00
CA ASN A 629 48.13 -2.86 18.28
C ASN A 629 47.40 -1.53 18.23
N GLN A 630 48.09 -0.47 18.66
CA GLN A 630 47.45 0.83 18.77
C GLN A 630 46.96 1.30 17.40
N GLU A 631 45.76 1.87 17.37
CA GLU A 631 45.21 2.39 16.13
C GLU A 631 45.76 3.78 15.84
N LYS A 632 45.84 4.10 14.56
CA LYS A 632 46.41 5.38 14.13
C LYS A 632 45.34 6.47 14.11
N ALA A 633 45.74 7.65 13.65
CA ALA A 633 44.80 8.76 13.52
C ALA A 633 43.67 8.37 12.57
N GLU A 634 42.50 8.98 12.77
CA GLU A 634 41.30 8.48 12.11
C GLU A 634 41.07 9.11 10.74
N TYR A 635 41.06 10.44 10.67
CA TYR A 635 40.53 11.13 9.50
C TYR A 635 41.37 12.34 9.14
N GLU A 636 41.25 12.77 7.89
CA GLU A 636 41.89 13.99 7.42
C GLU A 636 40.99 15.20 7.60
N GLU A 637 39.71 15.07 7.24
CA GLU A 637 38.71 16.11 7.43
C GLU A 637 38.93 17.34 6.55
N ARG A 638 39.52 17.14 5.36
CA ARG A 638 39.62 18.23 4.40
C ARG A 638 38.36 18.34 3.54
N TRP A 639 37.54 17.28 3.53
CA TRP A 639 36.43 17.22 2.57
C TRP A 639 35.45 18.37 2.69
N PRO A 640 35.08 18.85 3.90
CA PRO A 640 34.12 19.96 3.97
C PRO A 640 34.65 21.27 3.40
N PHE A 641 35.84 21.24 2.79
CA PHE A 641 36.33 22.41 2.06
C PHE A 641 35.28 22.91 1.09
N HIS A 642 34.60 21.99 0.41
CA HIS A 642 33.53 22.32 -0.51
C HIS A 642 32.68 21.07 -0.71
N PRO A 643 31.69 20.82 0.15
CA PRO A 643 31.03 19.50 0.13
C PRO A 643 30.39 19.15 -1.19
N CYS A 644 30.00 20.13 -2.01
CA CYS A 644 29.29 19.86 -3.25
C CYS A 644 29.49 21.02 -4.22
N TYR A 645 28.98 20.84 -5.42
CA TYR A 645 29.03 21.90 -6.42
C TYR A 645 28.10 23.04 -6.01
N LEU A 646 28.29 24.19 -6.67
CA LEU A 646 27.57 25.39 -6.29
C LEU A 646 26.06 25.25 -6.43
N ASP A 647 25.59 24.28 -7.21
CA ASP A 647 24.15 24.14 -7.42
C ASP A 647 23.41 23.85 -6.14
N TRP A 648 24.03 23.12 -5.20
CA TRP A 648 23.37 22.69 -3.99
C TRP A 648 23.78 23.59 -2.82
N GLU A 649 22.96 23.57 -1.77
CA GLU A 649 23.12 24.45 -0.63
C GLU A 649 23.65 23.68 0.56
N SER A 650 24.53 24.30 1.34
CA SER A 650 25.06 23.70 2.55
C SER A 650 25.92 24.73 3.28
N GLU A 651 26.02 24.54 4.59
CA GLU A 651 26.96 25.32 5.37
C GLU A 651 28.38 24.96 4.95
N PRO A 652 29.28 25.93 4.82
CA PRO A 652 30.71 25.57 4.72
C PRO A 652 31.21 25.04 6.05
N GLY A 653 31.40 23.72 6.13
CA GLY A 653 31.71 23.07 7.39
C GLY A 653 30.84 21.87 7.61
N LEU A 654 29.65 21.86 7.00
CA LEU A 654 28.77 20.69 7.08
C LEU A 654 29.29 19.58 6.18
N ALA A 655 28.92 18.35 6.54
CA ALA A 655 29.41 17.17 5.84
C ALA A 655 28.58 16.78 4.63
N SER A 656 27.48 17.49 4.36
CA SER A 656 26.60 17.12 3.26
C SER A 656 25.93 18.38 2.74
N CYS A 657 25.29 18.25 1.57
CA CYS A 657 24.58 19.34 0.94
C CYS A 657 23.12 18.94 0.75
N PHE A 658 22.26 19.96 0.69
CA PHE A 658 20.83 19.76 0.54
C PHE A 658 20.31 20.59 -0.62
N LYS A 659 19.25 20.10 -1.24
CA LYS A 659 18.51 20.84 -2.24
C LYS A 659 17.02 20.64 -2.01
N VAL A 660 16.28 21.73 -2.07
CA VAL A 660 14.85 21.72 -1.80
C VAL A 660 14.11 21.83 -3.13
N PHE A 661 13.20 20.89 -3.37
CA PHE A 661 12.39 20.83 -4.58
C PHE A 661 10.98 21.25 -4.20
N HIS A 662 10.63 22.48 -4.59
CA HIS A 662 9.40 23.15 -4.22
C HIS A 662 8.30 22.99 -5.26
N SER A 663 8.55 22.24 -6.33
CA SER A 663 7.58 22.14 -7.41
C SER A 663 8.04 21.12 -8.42
N GLU A 664 7.11 20.67 -9.25
CA GLU A 664 7.43 19.87 -10.43
C GLU A 664 6.86 20.56 -11.67
N LYS A 665 7.72 20.77 -12.68
CA LYS A 665 7.32 21.38 -13.97
C LYS A 665 7.03 22.86 -13.74
N VAL A 666 6.07 23.19 -12.89
CA VAL A 666 5.70 24.59 -12.56
C VAL A 666 5.42 24.66 -11.06
N LEU A 667 4.53 23.79 -10.56
CA LEU A 667 4.12 23.81 -9.16
C LEU A 667 3.63 22.45 -8.69
N MET A 668 3.95 21.39 -9.42
CA MET A 668 3.34 20.09 -9.13
C MET A 668 4.19 19.33 -8.11
N LYS A 669 3.52 18.58 -7.24
CA LYS A 669 4.14 17.85 -6.17
C LYS A 669 4.58 16.47 -6.65
N ARG A 670 4.92 15.59 -5.71
CA ARG A 670 5.44 14.28 -6.05
C ARG A 670 5.19 13.30 -4.92
N THR A 671 5.01 12.03 -5.28
CA THR A 671 4.90 10.98 -4.28
C THR A 671 6.26 10.72 -3.64
N TRP A 672 6.24 10.00 -2.52
CA TRP A 672 7.47 9.76 -1.78
C TRP A 672 8.50 9.02 -2.63
N ARG A 673 8.11 7.87 -3.19
CA ARG A 673 9.08 7.08 -3.95
C ARG A 673 9.46 7.80 -5.23
N GLU A 674 8.54 8.53 -5.82
CA GLU A 674 8.86 9.30 -7.02
C GLU A 674 9.92 10.35 -6.71
N ALA A 675 9.76 11.07 -5.61
CA ALA A 675 10.77 12.06 -5.22
C ALA A 675 12.10 11.39 -4.91
N GLU A 676 12.06 10.22 -4.26
CA GLU A 676 13.29 9.49 -4.01
C GLU A 676 13.99 9.12 -5.31
N ALA A 677 13.22 8.67 -6.30
CA ALA A 677 13.80 8.35 -7.60
C ALA A 677 14.38 9.59 -8.24
N PHE A 678 13.73 10.74 -8.07
CA PHE A 678 14.28 11.98 -8.61
C PHE A 678 15.62 12.31 -7.96
N CYS A 679 15.71 12.15 -6.63
CA CYS A 679 17.01 12.33 -5.98
C CYS A 679 18.03 11.35 -6.53
N GLU A 680 17.61 10.10 -6.74
CA GLU A 680 18.54 9.09 -7.23
C GLU A 680 19.09 9.44 -8.60
N GLU A 681 18.23 9.90 -9.51
CA GLU A 681 18.75 10.22 -10.83
C GLU A 681 19.69 11.42 -10.81
N PHE A 682 19.74 12.17 -9.71
CA PHE A 682 20.82 13.12 -9.47
C PHE A 682 21.94 12.51 -8.65
N GLY A 683 21.75 11.32 -8.11
CA GLY A 683 22.76 10.66 -7.32
C GLY A 683 22.59 10.82 -5.82
N ALA A 684 21.55 11.51 -5.39
CA ALA A 684 21.34 11.79 -3.97
C ALA A 684 20.27 10.86 -3.40
N HIS A 685 19.88 11.11 -2.16
CA HIS A 685 18.78 10.41 -1.52
C HIS A 685 17.83 11.44 -0.92
N LEU A 686 16.64 11.00 -0.55
CA LEU A 686 15.78 11.86 0.26
C LEU A 686 16.52 12.22 1.54
N ALA A 687 16.48 13.50 1.89
CA ALA A 687 17.38 14.02 2.90
C ALA A 687 17.28 13.22 4.20
N SER A 688 18.32 13.35 5.02
CA SER A 688 18.39 12.66 6.30
C SER A 688 19.16 13.53 7.28
N PHE A 689 18.85 13.36 8.55
CA PHE A 689 19.47 14.13 9.63
C PHE A 689 20.28 13.19 10.50
N ALA A 690 21.58 13.14 10.25
CA ALA A 690 22.48 12.43 11.15
C ALA A 690 22.80 13.26 12.39
N HIS A 691 22.43 14.54 12.40
CA HIS A 691 22.78 15.42 13.50
C HIS A 691 21.71 16.47 13.73
N ILE A 692 21.51 16.79 15.00
CA ILE A 692 20.68 17.94 15.36
C ILE A 692 21.12 19.17 14.58
N GLU A 693 22.43 19.27 14.32
CA GLU A 693 22.93 20.37 13.50
C GLU A 693 22.32 20.33 12.11
N GLU A 694 22.27 19.14 11.49
CA GLU A 694 21.66 19.05 10.17
C GLU A 694 20.19 19.44 10.22
N GLU A 695 19.47 18.97 11.25
CA GLU A 695 18.06 19.30 11.35
C GLU A 695 17.86 20.81 11.47
N ASN A 696 18.62 21.45 12.35
CA ASN A 696 18.50 22.90 12.52
C ASN A 696 18.88 23.63 11.24
N PHE A 697 19.92 23.17 10.56
CA PHE A 697 20.35 23.82 9.33
C PHE A 697 19.26 23.76 8.28
N VAL A 698 18.60 22.60 8.14
CA VAL A 698 17.56 22.50 7.13
C VAL A 698 16.35 23.34 7.53
N ASN A 699 16.01 23.41 8.81
CA ASN A 699 14.91 24.27 9.23
C ASN A 699 15.22 25.73 8.91
N GLU A 700 16.45 26.15 9.18
CA GLU A 700 16.86 27.52 8.89
C GLU A 700 16.82 27.79 7.39
N LEU A 701 17.24 26.82 6.58
CA LEU A 701 17.15 26.97 5.13
C LEU A 701 15.71 27.15 4.69
N LEU A 702 14.81 26.32 5.24
CA LEU A 702 13.41 26.42 4.88
C LEU A 702 12.85 27.79 5.22
N HIS A 703 13.16 28.30 6.40
CA HIS A 703 12.61 29.60 6.79
C HIS A 703 13.33 30.76 6.13
N SER A 704 14.55 30.56 5.62
CA SER A 704 15.16 31.55 4.76
C SER A 704 14.46 31.60 3.42
N LYS A 705 14.03 30.45 2.92
CA LYS A 705 13.36 30.40 1.63
C LYS A 705 11.94 30.97 1.72
N PHE A 706 11.18 30.57 2.74
CA PHE A 706 9.75 30.83 2.77
C PHE A 706 9.38 31.79 3.90
N ASN A 707 8.08 32.07 3.99
CA ASN A 707 7.55 33.09 4.88
C ASN A 707 7.18 32.51 6.24
N TRP A 708 6.48 33.31 7.04
CA TRP A 708 5.93 32.86 8.32
C TRP A 708 4.72 31.98 8.03
N THR A 709 4.98 30.83 7.42
CA THR A 709 3.90 29.98 6.96
C THR A 709 4.28 28.52 7.20
N GLU A 710 3.26 27.69 7.38
CA GLU A 710 3.40 26.24 7.46
C GLU A 710 2.67 25.56 6.31
N GLU A 711 2.46 26.29 5.21
CA GLU A 711 1.69 25.77 4.09
C GLU A 711 2.39 24.65 3.36
N ARG A 712 3.70 24.51 3.51
CA ARG A 712 4.48 23.55 2.74
C ARG A 712 4.94 22.40 3.64
N GLN A 713 4.71 21.19 3.16
CA GLN A 713 5.22 19.97 3.79
C GLN A 713 6.15 19.27 2.81
N PHE A 714 7.33 18.90 3.28
CA PHE A 714 8.37 18.37 2.42
C PHE A 714 8.69 16.92 2.76
N TRP A 715 8.87 16.11 1.74
CA TRP A 715 9.28 14.72 1.93
C TRP A 715 10.69 14.64 2.49
N ILE A 716 10.97 13.58 3.24
CA ILE A 716 12.30 13.28 3.72
C ILE A 716 12.50 11.77 3.68
N GLY A 717 13.75 11.36 3.89
CA GLY A 717 14.09 9.95 3.84
C GLY A 717 13.50 9.13 4.96
N PHE A 718 13.18 9.75 6.09
CA PHE A 718 12.63 9.01 7.22
C PHE A 718 11.40 8.24 6.77
N ASN A 719 11.37 6.94 7.01
CA ASN A 719 10.26 6.12 6.55
C ASN A 719 10.24 4.82 7.33
N LYS A 720 9.20 4.02 7.06
CA LYS A 720 8.98 2.75 7.72
C LYS A 720 8.60 1.66 6.73
N ARG A 721 9.01 1.82 5.47
CA ARG A 721 8.49 0.99 4.39
C ARG A 721 8.96 -0.45 4.46
N ASN A 722 9.98 -0.75 5.27
CA ASN A 722 10.44 -2.11 5.41
C ASN A 722 9.88 -2.71 6.69
N PRO A 723 8.90 -3.61 6.62
CA PRO A 723 8.36 -4.23 7.84
C PRO A 723 9.01 -5.54 8.27
N LEU A 724 9.80 -6.19 7.41
CA LEU A 724 10.40 -7.46 7.78
C LEU A 724 11.37 -7.32 8.94
N ASN A 725 12.12 -6.22 8.98
CA ASN A 725 12.86 -5.88 10.18
C ASN A 725 11.88 -5.48 11.28
N ALA A 726 12.42 -5.22 12.47
CA ALA A 726 11.58 -4.72 13.55
C ALA A 726 10.90 -3.45 13.11
N GLY A 727 9.59 -3.38 13.32
CA GLY A 727 8.84 -2.21 12.90
C GLY A 727 9.37 -0.95 13.54
N SER A 728 10.08 -0.15 12.76
CA SER A 728 10.68 1.08 13.26
C SER A 728 11.16 1.91 12.09
N TRP A 729 11.26 3.21 12.33
CA TRP A 729 11.59 4.13 11.25
C TRP A 729 13.07 4.05 10.90
N GLU A 730 13.39 4.47 9.68
CA GLU A 730 14.77 4.46 9.19
C GLU A 730 14.91 5.52 8.11
N TRP A 731 16.15 5.96 7.90
CA TRP A 731 16.43 6.85 6.79
C TRP A 731 16.64 6.05 5.52
N SER A 732 16.00 6.51 4.45
CA SER A 732 16.26 5.90 3.15
C SER A 732 17.74 5.95 2.80
N ASP A 733 18.36 7.12 2.94
CA ASP A 733 19.80 7.18 3.00
C ASP A 733 20.27 6.39 4.21
N ARG A 734 21.36 5.64 4.05
CA ARG A 734 21.74 4.64 5.04
C ARG A 734 22.21 5.24 6.35
N THR A 735 22.15 6.55 6.53
CA THR A 735 22.62 7.16 7.76
C THR A 735 21.84 6.60 8.95
N PRO A 736 22.49 6.28 10.06
CA PRO A 736 21.77 5.76 11.22
C PRO A 736 20.87 6.82 11.84
N VAL A 737 19.81 6.37 12.48
CA VAL A 737 18.84 7.28 13.10
C VAL A 737 19.31 7.56 14.52
N VAL A 738 19.77 8.78 14.77
CA VAL A 738 20.05 9.21 16.14
C VAL A 738 18.72 9.43 16.85
N SER A 739 18.72 9.14 18.16
CA SER A 739 17.47 8.99 18.88
C SER A 739 16.64 10.27 18.86
N SER A 740 15.36 10.12 19.16
CA SER A 740 14.46 11.23 19.43
C SER A 740 14.06 11.98 18.17
N PHE A 741 14.66 11.63 17.02
CA PHE A 741 14.08 12.10 15.76
C PHE A 741 12.79 11.38 15.44
N LEU A 742 12.37 10.43 16.29
CA LEU A 742 11.03 9.88 16.19
C LEU A 742 10.06 11.04 16.07
N ASP A 743 9.37 11.13 14.92
CA ASP A 743 8.63 12.33 14.58
C ASP A 743 7.70 12.75 15.72
N ASN A 744 7.00 11.79 16.32
CA ASN A 744 6.07 12.09 17.39
C ASN A 744 5.76 10.84 18.18
N THR A 745 5.30 11.03 19.41
CA THR A 745 4.82 9.92 20.21
C THR A 745 3.55 9.33 19.65
N TYR A 746 2.91 10.00 18.68
CA TYR A 746 1.71 9.48 18.04
C TYR A 746 2.08 8.34 17.11
N PHE A 747 2.55 7.23 17.68
CA PHE A 747 2.88 6.04 16.90
C PHE A 747 1.69 5.09 16.89
N GLY A 748 1.86 3.95 16.20
CA GLY A 748 0.80 2.98 16.04
C GLY A 748 -0.05 3.19 14.81
N GLU A 749 0.03 4.36 14.18
CA GLU A 749 -0.71 4.62 12.95
C GLU A 749 0.00 3.92 11.79
N ASP A 750 -0.03 2.59 11.79
CA ASP A 750 0.73 1.81 10.81
C ASP A 750 0.35 2.14 9.37
N ALA A 751 -0.86 2.64 9.13
CA ALA A 751 -1.23 3.01 7.78
C ALA A 751 -0.28 4.04 7.19
N ARG A 752 0.21 4.95 8.02
CA ARG A 752 1.19 5.93 7.58
C ARG A 752 2.59 5.33 7.67
N ASN A 753 3.33 5.41 6.56
CA ASN A 753 4.63 4.75 6.48
C ASN A 753 5.77 5.69 6.15
N CYS A 754 5.52 6.85 5.55
CA CYS A 754 6.54 7.84 5.26
C CYS A 754 6.39 9.02 6.22
N ALA A 755 7.22 10.03 6.03
CA ALA A 755 7.22 11.18 6.91
C ALA A 755 7.52 12.43 6.12
N VAL A 756 7.11 13.57 6.68
CA VAL A 756 7.33 14.87 6.04
C VAL A 756 7.88 15.84 7.07
N TYR A 757 8.60 16.84 6.60
CA TYR A 757 9.18 17.86 7.45
C TYR A 757 8.35 19.13 7.42
N LYS A 758 8.46 19.91 8.48
CA LYS A 758 7.77 21.19 8.59
C LYS A 758 8.69 22.18 9.28
N ALA A 759 8.34 23.46 9.15
CA ALA A 759 9.06 24.51 9.85
C ALA A 759 8.93 24.29 11.35
N ASN A 760 9.70 25.04 12.14
CA ASN A 760 9.69 24.92 13.60
C ASN A 760 10.10 23.52 14.05
N LYS A 761 10.94 22.87 13.24
CA LYS A 761 11.68 21.69 13.68
C LYS A 761 10.72 20.58 14.14
N THR A 762 9.92 20.09 13.20
CA THR A 762 8.96 19.03 13.51
C THR A 762 8.73 18.16 12.29
N LEU A 763 8.27 16.94 12.54
CA LEU A 763 8.04 15.94 11.50
C LEU A 763 6.64 15.37 11.66
N LEU A 764 6.08 14.88 10.55
CA LEU A 764 4.76 14.27 10.58
C LEU A 764 4.78 12.93 9.85
N PRO A 765 4.20 11.87 10.44
CA PRO A 765 3.97 10.65 9.67
C PRO A 765 2.94 10.90 8.58
N LEU A 766 2.97 10.06 7.56
CA LEU A 766 2.07 10.23 6.42
C LEU A 766 1.95 8.92 5.66
N HIS A 767 0.99 8.89 4.74
CA HIS A 767 0.89 7.77 3.80
C HIS A 767 1.78 8.05 2.60
N CYS A 768 2.62 7.08 2.25
CA CYS A 768 3.59 7.29 1.19
C CYS A 768 2.93 7.58 -0.14
N GLY A 769 1.65 7.25 -0.29
CA GLY A 769 0.94 7.56 -1.51
C GLY A 769 0.62 9.02 -1.69
N SER A 770 0.75 9.83 -0.65
CA SER A 770 0.47 11.26 -0.75
C SER A 770 1.42 11.89 -1.77
N LYS A 771 1.11 13.13 -2.14
CA LYS A 771 1.96 13.93 -3.00
C LYS A 771 2.46 15.16 -2.23
N ARG A 772 3.74 15.45 -2.36
CA ARG A 772 4.34 16.54 -1.61
C ARG A 772 5.58 17.04 -2.36
N GLU A 773 6.06 18.20 -1.92
CA GLU A 773 7.38 18.66 -2.31
C GLU A 773 8.42 17.93 -1.47
N TRP A 774 9.70 18.08 -1.82
CA TRP A 774 10.69 17.25 -1.16
C TRP A 774 12.03 17.95 -1.05
N ILE A 775 13.01 17.22 -0.54
CA ILE A 775 14.38 17.71 -0.35
C ILE A 775 15.32 16.52 -0.46
N CYS A 776 16.39 16.69 -1.23
CA CYS A 776 17.39 15.66 -1.44
C CYS A 776 18.70 16.06 -0.77
N LYS A 777 19.45 15.06 -0.32
CA LYS A 777 20.71 15.25 0.37
C LYS A 777 21.80 14.48 -0.35
N ILE A 778 22.95 15.12 -0.54
CA ILE A 778 24.07 14.50 -1.24
C ILE A 778 25.36 14.83 -0.50
N PRO A 779 26.17 13.83 -0.12
CA PRO A 779 27.40 14.16 0.61
C PRO A 779 28.50 14.81 -0.22
N ARG A 780 28.89 14.17 -1.33
CA ARG A 780 30.18 14.51 -1.94
C ARG A 780 30.14 14.87 -3.42
N ASP A 781 29.31 14.20 -4.22
CA ASP A 781 29.43 14.30 -5.67
C ASP A 781 28.04 14.36 -6.31
N VAL A 782 27.83 15.37 -7.17
CA VAL A 782 26.58 15.49 -7.90
C VAL A 782 26.69 14.68 -9.20
N LYS A 783 25.66 13.88 -9.49
CA LYS A 783 25.59 13.05 -10.68
C LYS A 783 24.27 13.32 -11.40
N PRO A 784 24.20 14.37 -12.21
CA PRO A 784 22.95 14.63 -12.94
C PRO A 784 22.73 13.61 -14.04
N LYS A 785 21.58 12.93 -14.02
CA LYS A 785 21.28 11.94 -15.05
C LYS A 785 20.42 12.54 -16.16
N ILE A 786 19.44 13.36 -15.81
CA ILE A 786 18.66 14.19 -16.74
C ILE A 786 19.30 15.41 -17.40
N PRO A 787 20.40 15.97 -16.87
CA PRO A 787 20.74 17.39 -17.10
C PRO A 787 19.66 18.31 -17.64
N PHE A 788 18.39 18.10 -17.33
CA PHE A 788 17.34 19.01 -17.75
C PHE A 788 17.41 19.20 -19.26
N TRP A 789 17.37 18.07 -19.96
CA TRP A 789 17.67 18.05 -21.38
C TRP A 789 16.77 19.01 -22.16
N TYR A 790 17.20 19.33 -23.38
CA TYR A 790 16.36 19.99 -24.37
C TYR A 790 15.64 21.21 -23.77
N GLN A 791 16.43 22.21 -23.38
CA GLN A 791 15.91 23.34 -22.64
C GLN A 791 15.23 24.38 -23.52
N TYR A 792 15.21 24.22 -24.84
CA TYR A 792 14.51 25.16 -25.70
C TYR A 792 13.76 24.50 -26.85
N ASP A 793 13.69 23.17 -26.89
CA ASP A 793 12.94 22.47 -27.94
C ASP A 793 11.49 22.26 -27.55
N VAL A 794 11.00 23.06 -26.60
CA VAL A 794 9.63 22.95 -26.11
C VAL A 794 8.63 23.63 -27.02
N PRO A 795 8.92 24.80 -27.60
CA PRO A 795 7.85 25.58 -28.24
C PRO A 795 7.32 24.94 -29.51
N TRP A 796 6.07 24.43 -29.45
CA TRP A 796 5.45 23.88 -30.65
C TRP A 796 3.97 24.25 -30.76
N LEU A 797 3.54 25.35 -30.16
CA LEU A 797 2.18 25.84 -30.35
C LEU A 797 1.89 26.11 -31.83
N PHE A 798 2.92 26.25 -32.66
CA PHE A 798 2.72 26.58 -34.06
C PHE A 798 1.80 25.58 -34.75
N TYR A 799 1.81 24.33 -34.32
CA TYR A 799 1.01 23.27 -34.93
C TYR A 799 -0.30 23.04 -34.19
N GLN A 800 -0.27 23.01 -32.87
CA GLN A 800 -1.44 22.73 -32.06
C GLN A 800 -1.51 23.70 -30.90
N ASP A 801 -2.45 23.44 -29.98
CA ASP A 801 -2.63 24.28 -28.81
C ASP A 801 -1.73 23.82 -27.67
N ALA A 802 -0.87 22.85 -27.93
CA ALA A 802 -0.01 22.27 -26.90
C ALA A 802 1.44 22.42 -27.32
N GLU A 803 2.33 22.41 -26.34
CA GLU A 803 3.76 22.52 -26.56
C GLU A 803 4.39 21.15 -26.39
N TYR A 804 5.11 20.69 -27.40
CA TYR A 804 5.65 19.34 -27.43
C TYR A 804 7.14 19.37 -27.07
N LEU A 805 7.78 18.20 -27.19
CA LEU A 805 9.21 18.08 -26.95
C LEU A 805 9.68 16.71 -27.44
N PHE A 806 10.72 16.67 -28.26
CA PHE A 806 11.19 15.42 -28.86
C PHE A 806 12.43 14.94 -28.11
N HIS A 807 12.26 13.90 -27.30
CA HIS A 807 13.36 13.31 -26.55
C HIS A 807 14.08 12.33 -27.47
N THR A 808 15.15 12.81 -28.10
CA THR A 808 15.94 11.97 -28.99
C THR A 808 16.81 10.99 -28.23
N PHE A 809 17.18 11.31 -26.99
CA PHE A 809 18.02 10.42 -26.20
C PHE A 809 17.30 9.12 -25.93
N ALA A 810 17.99 8.00 -26.16
CA ALA A 810 17.38 6.70 -25.93
C ALA A 810 16.94 6.57 -24.48
N SER A 811 15.71 6.09 -24.27
CA SER A 811 15.17 5.96 -22.93
C SER A 811 13.91 5.11 -22.88
N GLU A 812 13.88 4.15 -21.97
CA GLU A 812 12.64 3.45 -21.65
C GLU A 812 11.82 4.33 -20.72
N TRP A 813 10.50 4.32 -20.93
CA TRP A 813 9.66 5.33 -20.31
C TRP A 813 8.91 4.84 -19.07
N LEU A 814 9.12 3.61 -18.62
CA LEU A 814 8.69 3.29 -17.27
C LEU A 814 9.34 4.22 -16.27
N ASN A 815 10.52 4.75 -16.61
CA ASN A 815 11.19 5.79 -15.83
C ASN A 815 11.14 7.15 -16.53
N PHE A 816 11.33 7.18 -17.85
CA PHE A 816 11.34 8.46 -18.55
C PHE A 816 9.97 9.12 -18.52
N GLU A 817 8.91 8.40 -18.15
CA GLU A 817 7.65 9.07 -17.89
C GLU A 817 7.81 10.13 -16.81
N PHE A 818 8.63 9.85 -15.80
CA PHE A 818 8.83 10.81 -14.71
C PHE A 818 9.54 12.06 -15.20
N VAL A 819 10.65 11.89 -15.92
CA VAL A 819 11.39 13.06 -16.41
C VAL A 819 10.54 13.84 -17.41
N CYS A 820 9.79 13.12 -18.25
CA CYS A 820 8.90 13.77 -19.19
C CYS A 820 7.85 14.61 -18.46
N SER A 821 7.26 14.06 -17.40
CA SER A 821 6.32 14.82 -16.59
C SER A 821 7.01 16.02 -15.96
N TRP A 822 8.30 15.89 -15.66
CA TRP A 822 9.02 16.97 -15.00
C TRP A 822 9.04 18.26 -15.82
N LEU A 823 8.60 18.24 -17.07
CA LEU A 823 8.51 19.47 -17.85
C LEU A 823 7.19 19.56 -18.62
N HIS A 824 6.54 18.43 -18.84
CA HIS A 824 5.45 18.32 -19.79
C HIS A 824 4.47 17.27 -19.27
N SER A 825 3.62 16.77 -20.16
CA SER A 825 2.80 15.60 -19.86
C SER A 825 3.70 14.44 -19.48
N ASP A 826 3.12 13.38 -18.90
CA ASP A 826 3.90 12.19 -18.63
C ASP A 826 4.46 11.61 -19.93
N LEU A 827 3.65 11.59 -20.98
CA LEU A 827 4.11 11.22 -22.31
C LEU A 827 3.21 11.89 -23.34
N LEU A 828 3.60 11.73 -24.60
CA LEU A 828 2.76 12.18 -25.70
C LEU A 828 1.56 11.25 -25.85
N THR A 829 0.40 11.84 -26.09
CA THR A 829 -0.82 11.10 -26.38
C THR A 829 -1.51 11.75 -27.57
N ILE A 830 -2.03 10.93 -28.46
CA ILE A 830 -2.63 11.38 -29.71
C ILE A 830 -4.14 11.30 -29.58
N HIS A 831 -4.82 12.36 -30.02
CA HIS A 831 -6.27 12.40 -30.07
C HIS A 831 -6.76 13.07 -31.36
N SER A 832 -5.96 13.03 -32.42
CA SER A 832 -6.34 13.66 -33.68
C SER A 832 -5.44 13.16 -34.78
N ALA A 833 -6.04 12.75 -35.90
CA ALA A 833 -5.26 12.40 -37.07
C ALA A 833 -4.42 13.59 -37.53
N HIS A 834 -4.90 14.81 -37.30
CA HIS A 834 -4.14 15.99 -37.70
C HIS A 834 -2.87 16.14 -36.87
N GLU A 835 -3.01 16.04 -35.55
CA GLU A 835 -1.82 16.08 -34.69
C GLU A 835 -0.90 14.91 -35.00
N GLN A 836 -1.46 13.76 -35.33
CA GLN A 836 -0.62 12.63 -35.72
C GLN A 836 0.13 12.93 -37.02
N GLU A 837 -0.51 13.65 -37.95
CA GLU A 837 0.19 14.06 -39.16
C GLU A 837 1.36 14.97 -38.82
N PHE A 838 1.15 15.92 -37.92
CA PHE A 838 2.24 16.79 -37.50
C PHE A 838 3.36 15.97 -36.85
N ILE A 839 2.99 15.03 -35.98
CA ILE A 839 3.98 14.22 -35.29
C ILE A 839 4.79 13.40 -36.29
N HIS A 840 4.11 12.83 -37.28
CA HIS A 840 4.81 12.05 -38.30
C HIS A 840 5.75 12.95 -39.10
N SER A 841 5.27 14.12 -39.50
CA SER A 841 6.11 15.04 -40.25
C SER A 841 7.39 15.36 -39.49
N LYS A 842 7.30 15.61 -38.19
CA LYS A 842 8.51 15.90 -37.42
C LYS A 842 9.35 14.65 -37.18
N ILE A 843 8.72 13.53 -36.80
CA ILE A 843 9.46 12.31 -36.48
C ILE A 843 10.12 11.73 -37.71
N LYS A 844 9.76 12.18 -38.89
CA LYS A 844 10.42 11.70 -40.10
C LYS A 844 11.81 12.31 -40.18
N ALA A 845 12.63 12.02 -39.17
CA ALA A 845 13.98 12.58 -39.09
C ALA A 845 14.97 11.64 -39.76
N LEU A 846 15.92 12.25 -40.50
CA LEU A 846 16.82 11.47 -41.33
C LEU A 846 17.84 10.67 -40.52
N SER A 847 18.32 11.22 -39.42
CA SER A 847 19.39 10.58 -38.65
C SER A 847 18.86 9.47 -37.75
N LYS A 848 19.70 8.99 -36.83
CA LYS A 848 19.26 8.03 -35.83
C LYS A 848 17.93 8.41 -35.22
N TYR A 849 17.61 9.71 -35.20
CA TYR A 849 16.29 10.16 -34.80
C TYR A 849 15.18 9.55 -35.66
N GLY A 850 15.54 8.90 -36.77
CA GLY A 850 14.59 8.19 -37.60
C GLY A 850 14.25 6.81 -37.11
N ALA A 851 14.65 6.44 -35.89
CA ALA A 851 14.22 5.19 -35.31
C ALA A 851 12.75 5.27 -34.93
N SER A 852 12.22 4.17 -34.40
CA SER A 852 10.87 4.18 -33.85
C SER A 852 10.86 5.02 -32.58
N TRP A 853 9.68 5.51 -32.21
CA TRP A 853 9.55 6.42 -31.07
C TRP A 853 8.49 5.93 -30.09
N TRP A 854 8.80 6.02 -28.80
CA TRP A 854 7.83 5.70 -27.76
C TRP A 854 6.67 6.67 -27.78
N ILE A 855 5.53 6.24 -27.22
CA ILE A 855 4.41 7.12 -26.93
C ILE A 855 3.75 6.63 -25.66
N GLY A 856 2.86 7.47 -25.13
CA GLY A 856 2.22 7.17 -23.85
C GLY A 856 1.25 6.01 -23.91
N LEU A 857 1.03 5.46 -25.10
CA LEU A 857 0.11 4.34 -25.26
C LEU A 857 0.59 3.17 -24.42
N GLN A 858 -0.32 2.61 -23.61
CA GLN A 858 0.04 1.63 -22.60
C GLN A 858 -0.93 0.45 -22.65
N GLU A 859 -0.44 -0.71 -22.22
CA GLU A 859 -1.27 -1.90 -22.04
C GLU A 859 -1.15 -2.36 -20.60
N GLU A 860 -2.28 -2.70 -19.99
CA GLU A 860 -2.31 -3.11 -18.58
C GLU A 860 -2.52 -4.61 -18.40
N ARG A 861 -3.04 -5.31 -19.40
CA ARG A 861 -3.25 -6.75 -19.33
C ARG A 861 -2.98 -7.32 -20.72
N ALA A 862 -3.24 -8.62 -20.89
CA ALA A 862 -3.39 -9.15 -22.24
C ALA A 862 -4.54 -8.47 -22.95
N ASN A 863 -5.65 -8.29 -22.24
CA ASN A 863 -6.69 -7.34 -22.63
C ASN A 863 -6.26 -5.96 -22.15
N ASP A 864 -7.16 -4.98 -22.27
CA ASP A 864 -6.91 -3.64 -21.74
C ASP A 864 -5.62 -3.06 -22.33
N GLU A 865 -5.42 -3.27 -23.62
CA GLU A 865 -4.25 -2.78 -24.33
C GLU A 865 -4.45 -1.38 -24.88
N PHE A 866 -5.48 -0.67 -24.42
CA PHE A 866 -5.94 0.55 -25.09
C PHE A 866 -6.19 1.65 -24.07
N ARG A 867 -5.22 1.88 -23.19
CA ARG A 867 -5.25 3.00 -22.25
C ARG A 867 -3.97 3.80 -22.35
N TRP A 868 -4.10 5.12 -22.41
CA TRP A 868 -2.95 6.00 -22.29
C TRP A 868 -2.46 6.00 -20.85
N ARG A 869 -1.14 5.99 -20.67
CA ARG A 869 -0.59 6.23 -19.35
C ARG A 869 -0.96 7.63 -18.87
N ASP A 870 -1.34 8.52 -19.79
CA ASP A 870 -1.87 9.83 -19.46
C ASP A 870 -3.17 9.70 -18.69
N GLY A 871 -3.80 8.53 -18.76
CA GLY A 871 -5.06 8.27 -18.10
C GLY A 871 -6.27 8.36 -19.00
N THR A 872 -6.17 9.14 -20.08
CA THR A 872 -7.26 9.21 -21.03
C THR A 872 -7.45 7.85 -21.69
N PRO A 873 -8.69 7.41 -21.92
CA PRO A 873 -8.89 6.19 -22.69
C PRO A 873 -8.41 6.37 -24.12
N VAL A 874 -7.95 5.27 -24.72
CA VAL A 874 -7.44 5.34 -26.08
C VAL A 874 -8.61 5.40 -27.03
N ILE A 875 -8.97 6.62 -27.44
CA ILE A 875 -10.17 6.82 -28.23
C ILE A 875 -9.86 6.90 -29.71
N TYR A 876 -8.61 7.20 -30.07
CA TYR A 876 -8.20 7.34 -31.45
C TYR A 876 -7.21 6.23 -31.80
N GLN A 877 -7.43 5.60 -32.95
CA GLN A 877 -6.63 4.47 -33.39
C GLN A 877 -5.86 4.84 -34.64
N ASN A 878 -4.55 4.53 -34.64
CA ASN A 878 -3.73 4.61 -35.85
C ASN A 878 -2.79 3.41 -35.94
N TRP A 879 -3.22 2.27 -35.43
CA TRP A 879 -2.37 1.09 -35.37
C TRP A 879 -1.90 0.69 -36.76
N ASP A 880 -0.73 0.05 -36.80
CA ASP A 880 -0.34 -0.74 -37.97
C ASP A 880 -0.92 -2.14 -37.81
N THR A 881 -1.58 -2.63 -38.86
CA THR A 881 -2.25 -3.93 -38.76
C THR A 881 -1.31 -5.10 -38.98
N GLY A 882 -0.02 -4.84 -39.26
CA GLY A 882 0.92 -5.92 -39.48
C GLY A 882 1.08 -6.85 -38.29
N ARG A 883 1.03 -6.30 -37.07
CA ARG A 883 1.23 -7.08 -35.84
C ARG A 883 0.05 -6.82 -34.90
N GLU A 884 -1.02 -7.61 -35.07
CA GLU A 884 -2.12 -7.58 -34.13
C GLU A 884 -1.90 -8.54 -32.97
N ARG A 885 -0.90 -9.41 -33.08
CA ARG A 885 -0.64 -10.42 -32.06
C ARG A 885 0.46 -9.96 -31.12
N THR A 886 0.60 -8.65 -30.94
CA THR A 886 1.65 -8.10 -30.10
C THR A 886 1.24 -8.15 -28.63
N VAL A 887 1.44 -9.32 -28.01
CA VAL A 887 1.18 -9.49 -26.58
C VAL A 887 2.45 -10.00 -25.92
N ASN A 888 3.01 -11.08 -26.46
CA ASN A 888 4.24 -11.67 -25.94
C ASN A 888 4.12 -11.91 -24.43
N ASN A 889 3.01 -12.52 -24.05
CA ASN A 889 2.70 -12.78 -22.64
C ASN A 889 2.79 -11.49 -21.83
N GLN A 890 2.19 -10.44 -22.37
CA GLN A 890 2.04 -9.13 -21.74
C GLN A 890 3.36 -8.37 -21.64
N SER A 891 4.46 -8.92 -22.16
CA SER A 891 5.71 -8.19 -22.17
C SER A 891 5.63 -6.96 -23.09
N GLN A 892 5.11 -7.15 -24.30
CA GLN A 892 4.90 -6.03 -25.21
C GLN A 892 3.68 -5.26 -24.75
N ARG A 893 3.91 -4.16 -24.04
CA ARG A 893 2.84 -3.43 -23.37
C ARG A 893 2.98 -1.93 -23.55
N CYS A 894 3.97 -1.50 -24.32
CA CYS A 894 4.27 -0.08 -24.48
C CYS A 894 4.27 0.26 -25.96
N GLY A 895 3.62 1.36 -26.31
CA GLY A 895 3.35 1.66 -27.71
C GLY A 895 4.39 2.56 -28.33
N PHE A 896 4.58 2.39 -29.65
CA PHE A 896 5.55 3.18 -30.40
C PHE A 896 5.00 3.45 -31.78
N ILE A 897 5.58 4.47 -32.43
CA ILE A 897 5.23 4.86 -33.78
C ILE A 897 6.45 4.68 -34.67
N SER A 898 6.22 4.19 -35.88
CA SER A 898 7.27 4.06 -36.88
C SER A 898 7.68 5.44 -37.40
N SER A 899 8.96 5.60 -37.71
CA SER A 899 9.46 6.85 -38.26
C SER A 899 9.14 7.00 -39.75
N ILE A 900 8.93 5.90 -40.46
CA ILE A 900 8.73 5.98 -41.90
C ILE A 900 7.27 6.21 -42.27
N THR A 901 6.34 5.59 -41.54
CA THR A 901 4.92 5.73 -41.83
C THR A 901 4.14 6.46 -40.74
N GLY A 902 4.64 6.47 -39.51
CA GLY A 902 3.90 7.02 -38.40
C GLY A 902 2.86 6.08 -37.82
N LEU A 903 2.68 4.90 -38.41
CA LEU A 903 1.74 3.93 -37.87
C LEU A 903 2.26 3.39 -36.54
N TRP A 904 1.34 3.07 -35.65
CA TRP A 904 1.71 2.70 -34.29
C TRP A 904 2.14 1.25 -34.20
N GLY A 905 2.69 0.90 -33.04
CA GLY A 905 3.05 -0.46 -32.72
C GLY A 905 3.35 -0.60 -31.24
N SER A 906 3.38 -1.83 -30.73
CA SER A 906 3.64 -2.06 -29.33
C SER A 906 4.94 -2.85 -29.19
N GLU A 907 5.64 -2.63 -28.09
CA GLU A 907 6.96 -3.22 -27.89
C GLU A 907 7.20 -3.42 -26.40
N GLU A 908 8.13 -4.33 -26.10
CA GLU A 908 8.61 -4.49 -24.73
C GLU A 908 9.17 -3.15 -24.26
N CYS A 909 8.81 -2.74 -23.06
CA CYS A 909 8.96 -1.34 -22.68
C CYS A 909 10.42 -0.98 -22.45
N SER A 910 11.28 -1.96 -22.19
CA SER A 910 12.65 -1.68 -21.80
C SER A 910 13.56 -1.38 -23.00
N VAL A 911 13.06 -1.52 -24.22
CA VAL A 911 13.90 -1.37 -25.41
C VAL A 911 14.50 0.03 -25.44
N SER A 912 13.80 1.00 -24.83
CA SER A 912 14.36 2.32 -24.57
C SER A 912 14.72 3.06 -25.85
N MET A 913 13.81 3.08 -26.82
CA MET A 913 13.97 3.92 -28.00
C MET A 913 13.60 5.35 -27.65
N PRO A 914 13.76 6.33 -28.56
CA PRO A 914 13.44 7.71 -28.20
C PRO A 914 11.96 7.89 -27.94
N SER A 915 11.58 9.10 -27.54
CA SER A 915 10.21 9.36 -27.11
C SER A 915 9.85 10.81 -27.37
N ILE A 916 8.62 11.18 -26.97
CA ILE A 916 8.10 12.53 -27.15
C ILE A 916 7.32 12.92 -25.90
N CYS A 917 7.04 14.21 -25.78
CA CYS A 917 6.29 14.77 -24.66
C CYS A 917 5.45 15.94 -25.16
N LYS A 918 4.46 16.32 -24.35
CA LYS A 918 3.62 17.47 -24.63
C LYS A 918 2.95 18.02 -23.38
N ARG A 919 2.45 19.24 -23.48
CA ARG A 919 1.76 19.87 -22.36
C ARG A 919 0.76 20.90 -22.87
N LYS A 920 -0.31 21.10 -22.10
CA LYS A 920 -1.49 21.79 -22.58
C LYS A 920 -1.48 23.27 -22.25
N LYS A 921 -0.49 24.01 -22.74
CA LYS A 921 -0.51 25.47 -22.60
C LYS A 921 0.51 26.04 -23.58
N VAL A 922 0.03 26.82 -24.54
CA VAL A 922 0.89 27.46 -25.52
C VAL A 922 1.77 28.50 -24.84
N PRO A 932 -21.94 38.69 -19.47
CA PRO A 932 -23.19 38.55 -20.25
C PRO A 932 -24.10 37.44 -19.74
N LYS A 933 -23.66 36.74 -18.69
CA LYS A 933 -24.43 35.62 -18.13
C LYS A 933 -25.50 36.13 -17.16
N GLN A 934 -26.52 36.76 -17.75
CA GLN A 934 -27.68 37.19 -16.98
C GLN A 934 -28.76 36.13 -17.01
N HIS A 935 -29.40 35.91 -15.87
CA HIS A 935 -30.49 34.95 -15.81
C HIS A 935 -31.66 35.44 -16.66
N GLY A 936 -32.39 34.48 -17.23
CA GLY A 936 -33.46 34.80 -18.14
C GLY A 936 -34.57 33.76 -18.15
N THR A 937 -35.58 33.98 -18.99
CA THR A 937 -36.72 33.07 -19.07
C THR A 937 -36.32 31.78 -19.78
N CYS A 938 -37.09 30.73 -19.51
CA CYS A 938 -36.84 29.41 -20.08
C CYS A 938 -38.11 28.95 -20.79
N PRO A 939 -38.06 28.64 -22.09
CA PRO A 939 -39.28 28.18 -22.77
C PRO A 939 -39.86 26.95 -22.11
N LYS A 940 -41.15 26.75 -22.34
CA LYS A 940 -41.89 25.68 -21.66
C LYS A 940 -41.27 24.33 -21.97
N GLY A 941 -41.40 23.41 -21.01
CA GLY A 941 -40.85 22.08 -21.14
C GLY A 941 -39.37 21.98 -20.84
N TRP A 942 -38.58 22.97 -21.24
CA TRP A 942 -37.16 22.95 -20.97
C TRP A 942 -36.90 23.09 -19.48
N LEU A 943 -35.74 22.59 -19.05
CA LEU A 943 -35.27 22.78 -17.68
C LEU A 943 -34.14 23.80 -17.69
N TYR A 944 -34.31 24.88 -16.93
CA TYR A 944 -33.26 25.88 -16.82
C TYR A 944 -32.34 25.49 -15.68
N PHE A 945 -31.06 25.27 -16.00
CA PHE A 945 -30.12 24.77 -15.01
C PHE A 945 -29.08 25.82 -14.64
N ASN A 946 -28.33 26.30 -15.64
CA ASN A 946 -27.25 27.25 -15.35
C ASN A 946 -27.12 28.17 -16.58
N TYR A 947 -27.82 29.29 -16.53
CA TYR A 947 -27.78 30.27 -17.61
C TYR A 947 -28.14 29.64 -18.95
N LYS A 948 -28.76 28.47 -18.93
CA LYS A 948 -29.12 27.77 -20.15
C LYS A 948 -30.27 26.81 -19.84
N CYS A 949 -30.92 26.36 -20.91
CA CYS A 949 -32.07 25.47 -20.83
C CYS A 949 -31.79 24.21 -21.62
N LEU A 950 -32.21 23.07 -21.07
CA LEU A 950 -31.98 21.76 -21.64
C LEU A 950 -33.33 21.13 -21.99
N LEU A 951 -33.36 20.34 -23.06
CA LEU A 951 -34.60 19.72 -23.48
C LEU A 951 -34.75 18.31 -22.91
N LEU A 952 -33.73 17.47 -23.07
CA LEU A 952 -33.73 16.12 -22.51
C LEU A 952 -34.87 15.27 -23.10
N ASN A 953 -34.98 15.29 -24.43
CA ASN A 953 -36.02 14.53 -25.11
C ASN A 953 -35.65 13.05 -25.11
N ILE A 954 -36.46 12.25 -24.41
CA ILE A 954 -36.37 10.80 -24.40
C ILE A 954 -37.68 10.25 -24.97
N PRO A 955 -37.72 9.87 -26.25
CA PRO A 955 -38.99 9.39 -26.82
C PRO A 955 -39.45 8.11 -26.15
N LYS A 956 -40.78 8.00 -25.99
CA LYS A 956 -41.41 6.76 -25.55
C LYS A 956 -41.84 5.89 -26.72
N ASP A 957 -41.80 6.41 -27.95
CA ASP A 957 -42.24 5.69 -29.13
C ASP A 957 -41.04 5.32 -29.98
N PRO A 958 -40.87 4.06 -30.36
CA PRO A 958 -39.81 3.74 -31.33
C PRO A 958 -39.91 4.54 -32.61
N SER A 959 -41.12 4.83 -33.08
CA SER A 959 -41.29 5.64 -34.28
C SER A 959 -40.76 7.06 -34.09
N SER A 960 -40.69 7.53 -32.85
CA SER A 960 -40.23 8.89 -32.58
C SER A 960 -38.73 9.00 -32.44
N TRP A 961 -38.00 7.89 -32.47
CA TRP A 961 -36.55 7.94 -32.32
C TRP A 961 -35.93 8.68 -33.49
N LYS A 962 -34.82 9.37 -33.21
CA LYS A 962 -34.06 10.08 -34.21
C LYS A 962 -32.61 9.63 -34.18
N ASN A 963 -31.98 9.67 -35.34
CA ASN A 963 -30.54 9.50 -35.40
C ASN A 963 -29.86 10.84 -35.17
N TRP A 964 -28.59 10.78 -34.79
CA TRP A 964 -27.87 11.97 -34.37
C TRP A 964 -28.00 13.11 -35.39
N THR A 965 -27.79 12.80 -36.68
CA THR A 965 -27.86 13.84 -37.70
C THR A 965 -29.28 14.36 -37.87
N HIS A 966 -30.28 13.69 -37.29
CA HIS A 966 -31.63 14.22 -37.28
C HIS A 966 -31.89 15.05 -36.03
N ALA A 967 -31.46 14.54 -34.88
CA ALA A 967 -31.64 15.28 -33.63
C ALA A 967 -30.97 16.63 -33.70
N GLN A 968 -29.87 16.73 -34.45
CA GLN A 968 -29.25 18.05 -34.63
C GLN A 968 -30.23 18.99 -35.33
N HIS A 969 -30.97 18.49 -36.31
CA HIS A 969 -31.97 19.31 -36.97
C HIS A 969 -33.04 19.77 -35.98
N PHE A 970 -33.47 18.87 -35.10
CA PHE A 970 -34.49 19.23 -34.12
C PHE A 970 -34.00 20.34 -33.20
N CYS A 971 -32.78 20.19 -32.68
CA CYS A 971 -32.25 21.24 -31.81
C CYS A 971 -32.11 22.55 -32.57
N ALA A 972 -31.63 22.50 -33.81
CA ALA A 972 -31.46 23.73 -34.58
C ALA A 972 -32.79 24.43 -34.80
N GLU A 973 -33.82 23.68 -35.20
CA GLU A 973 -35.12 24.31 -35.44
C GLU A 973 -35.72 24.83 -34.15
N GLU A 974 -35.49 24.14 -33.03
CA GLU A 974 -35.93 24.63 -31.73
C GLU A 974 -35.09 25.79 -31.24
N GLY A 975 -33.98 26.09 -31.90
CA GLY A 975 -33.18 27.25 -31.58
C GLY A 975 -31.91 26.95 -30.82
N GLY A 976 -31.57 25.69 -30.61
CA GLY A 976 -30.36 25.32 -29.92
C GLY A 976 -29.55 24.27 -30.66
N THR A 977 -28.64 23.61 -29.95
CA THR A 977 -27.82 22.55 -30.52
C THR A 977 -27.79 21.39 -29.55
N LEU A 978 -27.13 20.32 -29.96
CA LEU A 978 -26.92 19.20 -29.04
C LEU A 978 -26.11 19.68 -27.84
N VAL A 979 -26.41 19.10 -26.67
CA VAL A 979 -25.78 19.55 -25.44
C VAL A 979 -24.27 19.54 -25.58
N ALA A 980 -23.64 20.56 -25.03
CA ALA A 980 -22.20 20.61 -24.84
C ALA A 980 -21.94 20.61 -23.34
N ILE A 981 -21.52 19.46 -22.80
CA ILE A 981 -21.40 19.30 -21.36
C ILE A 981 -20.12 20.00 -20.93
N GLU A 982 -20.25 21.27 -20.54
CA GLU A 982 -19.07 22.07 -20.26
C GLU A 982 -18.40 21.64 -18.96
N SER A 983 -19.18 21.15 -17.99
CA SER A 983 -18.63 20.93 -16.66
C SER A 983 -19.37 19.80 -15.96
N GLU A 984 -18.76 19.31 -14.89
CA GLU A 984 -19.29 18.19 -14.14
C GLU A 984 -20.67 18.48 -13.60
N VAL A 985 -20.98 19.73 -13.25
CA VAL A 985 -22.32 20.01 -12.73
C VAL A 985 -23.36 19.89 -13.84
N GLU A 986 -23.05 20.34 -15.05
CA GLU A 986 -23.96 20.13 -16.16
C GLU A 986 -24.15 18.64 -16.41
N GLN A 987 -23.06 17.87 -16.41
CA GLN A 987 -23.19 16.44 -16.60
C GLN A 987 -24.07 15.81 -15.53
N ALA A 988 -23.88 16.23 -14.28
CA ALA A 988 -24.67 15.69 -13.19
C ALA A 988 -26.14 16.07 -13.32
N PHE A 989 -26.42 17.30 -13.75
CA PHE A 989 -27.81 17.70 -13.97
C PHE A 989 -28.47 16.81 -15.02
N ILE A 990 -27.77 16.61 -16.14
CA ILE A 990 -28.33 15.76 -17.19
C ILE A 990 -28.56 14.35 -16.67
N THR A 991 -27.59 13.81 -15.95
CA THR A 991 -27.75 12.47 -15.42
C THR A 991 -28.94 12.38 -14.47
N MET A 992 -29.11 13.36 -13.59
CA MET A 992 -30.24 13.33 -12.67
C MET A 992 -31.56 13.42 -13.42
N ASN A 993 -31.56 14.12 -14.56
CA ASN A 993 -32.79 14.22 -15.35
C ASN A 993 -32.89 13.06 -16.32
N LEU A 994 -32.24 11.95 -16.00
CA LEU A 994 -32.21 10.77 -16.86
C LEU A 994 -32.38 9.50 -16.02
N PHE A 995 -33.06 9.60 -14.88
CA PHE A 995 -33.05 8.53 -13.89
C PHE A 995 -33.60 7.23 -14.44
N GLY A 996 -34.91 7.19 -14.72
CA GLY A 996 -35.56 5.94 -15.07
C GLY A 996 -35.53 5.59 -16.53
N GLN A 997 -35.11 6.51 -17.39
CA GLN A 997 -35.12 6.27 -18.83
C GLN A 997 -33.87 5.50 -19.24
N THR A 998 -34.04 4.22 -19.57
CA THR A 998 -32.90 3.37 -19.89
C THR A 998 -32.47 3.53 -21.34
N THR A 999 -32.92 4.61 -21.99
CA THR A 999 -32.55 4.91 -23.36
C THR A 999 -31.41 5.92 -23.34
N SER A 1000 -30.28 5.56 -23.95
CA SER A 1000 -29.17 6.49 -24.05
C SER A 1000 -29.57 7.67 -24.93
N VAL A 1001 -28.80 8.74 -24.84
CA VAL A 1001 -29.19 10.03 -25.41
C VAL A 1001 -27.98 10.65 -26.10
N TRP A 1002 -28.20 11.20 -27.29
CA TRP A 1002 -27.11 11.79 -28.06
C TRP A 1002 -26.44 12.92 -27.30
N ILE A 1003 -25.22 13.26 -27.72
CA ILE A 1003 -24.51 14.43 -27.24
C ILE A 1003 -23.86 15.11 -28.44
N GLY A 1004 -23.52 16.39 -28.25
CA GLY A 1004 -23.00 17.19 -29.35
C GLY A 1004 -21.50 17.20 -29.52
N LEU A 1005 -20.88 16.04 -29.68
CA LEU A 1005 -19.50 15.96 -30.14
C LEU A 1005 -19.36 14.75 -31.04
N GLN A 1006 -18.35 14.79 -31.90
CA GLN A 1006 -18.20 13.83 -32.98
C GLN A 1006 -16.83 13.18 -32.88
N ASN A 1007 -16.74 11.93 -33.35
CA ASN A 1007 -15.45 11.25 -33.40
C ASN A 1007 -14.43 12.04 -34.20
N ASP A 1008 -14.89 12.88 -35.13
CA ASP A 1008 -13.97 13.72 -35.89
C ASP A 1008 -13.10 14.57 -34.96
N ASP A 1009 -13.64 14.94 -33.80
CA ASP A 1009 -12.91 15.80 -32.85
C ASP A 1009 -13.41 15.48 -31.44
N TYR A 1010 -12.63 14.68 -30.71
CA TYR A 1010 -12.98 14.40 -29.33
C TYR A 1010 -12.88 15.62 -28.45
N GLU A 1011 -12.22 16.68 -28.92
CA GLU A 1011 -11.81 17.79 -28.08
C GLU A 1011 -12.65 19.05 -28.27
N THR A 1012 -13.59 19.05 -29.21
CA THR A 1012 -14.38 20.25 -29.50
C THR A 1012 -15.85 19.88 -29.63
N TRP A 1013 -16.69 20.56 -28.86
CA TRP A 1013 -18.12 20.38 -28.98
C TRP A 1013 -18.64 21.04 -30.25
N LEU A 1014 -19.77 20.54 -30.74
CA LEU A 1014 -20.32 21.05 -31.99
C LEU A 1014 -20.53 22.55 -31.97
N ASN A 1015 -20.85 23.13 -30.81
CA ASN A 1015 -21.00 24.58 -30.73
C ASN A 1015 -19.70 25.32 -30.99
N GLY A 1016 -18.57 24.64 -30.93
CA GLY A 1016 -17.29 25.24 -31.25
C GLY A 1016 -16.46 25.69 -30.07
N LYS A 1017 -16.46 24.95 -28.97
CA LYS A 1017 -15.64 25.27 -27.81
C LYS A 1017 -14.98 24.01 -27.27
N PRO A 1018 -13.83 24.15 -26.63
CA PRO A 1018 -13.01 22.96 -26.32
C PRO A 1018 -13.67 22.06 -25.28
N VAL A 1019 -13.31 20.79 -25.35
CA VAL A 1019 -13.78 19.80 -24.39
C VAL A 1019 -12.81 19.77 -23.21
N VAL A 1020 -12.99 20.69 -22.27
CA VAL A 1020 -12.13 20.71 -21.09
C VAL A 1020 -12.52 19.57 -20.16
N TYR A 1021 -13.81 19.39 -19.92
CA TYR A 1021 -14.31 18.29 -19.12
C TYR A 1021 -14.53 17.07 -20.01
N SER A 1022 -14.54 15.90 -19.39
CA SER A 1022 -14.76 14.66 -20.12
C SER A 1022 -15.16 13.57 -19.15
N ASN A 1023 -16.08 12.71 -19.59
CA ASN A 1023 -16.56 11.59 -18.79
C ASN A 1023 -16.61 10.33 -19.64
N TRP A 1024 -15.54 10.05 -20.38
CA TRP A 1024 -15.52 8.92 -21.29
C TRP A 1024 -15.69 7.61 -20.53
N SER A 1025 -16.40 6.68 -21.15
CA SER A 1025 -16.64 5.40 -20.52
C SER A 1025 -15.33 4.65 -20.32
N PRO A 1026 -15.21 3.85 -19.26
CA PRO A 1026 -13.98 3.07 -19.09
C PRO A 1026 -13.75 2.06 -20.19
N PHE A 1027 -14.79 1.67 -20.92
CA PHE A 1027 -14.69 0.60 -21.90
C PHE A 1027 -15.62 0.89 -23.08
N ASP A 1028 -15.45 0.12 -24.14
CA ASP A 1028 -16.39 0.08 -25.26
C ASP A 1028 -16.63 1.45 -25.87
N ILE A 1029 -15.64 2.34 -25.80
CA ILE A 1029 -15.82 3.68 -26.34
C ILE A 1029 -16.09 3.62 -27.84
N ILE A 1030 -15.40 2.74 -28.55
CA ILE A 1030 -15.54 2.58 -29.99
C ILE A 1030 -15.93 1.16 -30.37
N ASN A 1031 -16.32 0.34 -29.40
CA ASN A 1031 -16.62 -1.08 -29.64
C ASN A 1031 -18.04 -1.24 -30.19
N ILE A 1032 -18.19 -0.98 -31.48
CA ILE A 1032 -19.47 -1.17 -32.16
C ILE A 1032 -19.66 -2.68 -32.35
N PRO A 1033 -20.74 -3.26 -31.84
CA PRO A 1033 -20.85 -4.73 -31.91
C PRO A 1033 -20.88 -5.29 -33.31
N SER A 1034 -21.41 -4.55 -34.29
CA SER A 1034 -21.61 -5.07 -35.63
C SER A 1034 -20.39 -4.97 -36.52
N HIS A 1035 -19.28 -4.41 -36.03
CA HIS A 1035 -18.10 -4.17 -36.85
C HIS A 1035 -16.85 -4.58 -36.10
N ASN A 1036 -15.75 -4.66 -36.84
CA ASN A 1036 -14.45 -4.64 -36.20
C ASN A 1036 -14.26 -3.31 -35.48
N THR A 1037 -13.31 -3.29 -34.54
CA THR A 1037 -13.04 -2.06 -33.83
C THR A 1037 -12.52 -0.96 -34.76
N THR A 1038 -11.68 -1.33 -35.73
CA THR A 1038 -10.95 -0.33 -36.50
C THR A 1038 -11.13 -0.47 -38.02
N GLU A 1039 -11.18 -1.68 -38.55
CA GLU A 1039 -11.03 -1.87 -39.99
C GLU A 1039 -12.05 -1.08 -40.78
N VAL A 1040 -13.34 -1.27 -40.48
CA VAL A 1040 -14.39 -0.53 -41.17
C VAL A 1040 -14.74 0.78 -40.47
N GLN A 1041 -14.26 0.97 -39.23
CA GLN A 1041 -14.58 2.19 -38.51
C GLN A 1041 -14.05 3.42 -39.23
N LYS A 1042 -12.85 3.32 -39.82
CA LYS A 1042 -12.24 4.48 -40.46
C LYS A 1042 -13.08 5.02 -41.60
N HIS A 1043 -13.99 4.22 -42.15
CA HIS A 1043 -14.88 4.67 -43.21
C HIS A 1043 -16.21 5.22 -42.70
N ILE A 1044 -16.44 5.19 -41.38
CA ILE A 1044 -17.76 5.43 -40.81
C ILE A 1044 -17.63 6.57 -39.82
N PRO A 1045 -18.42 7.65 -39.93
CA PRO A 1045 -18.46 8.64 -38.85
C PRO A 1045 -19.07 8.03 -37.60
N LEU A 1046 -18.61 8.47 -36.44
CA LEU A 1046 -19.11 7.99 -35.16
C LEU A 1046 -19.60 9.18 -34.35
N CYS A 1047 -20.53 8.91 -33.43
CA CYS A 1047 -21.29 9.97 -32.79
C CYS A 1047 -21.31 9.74 -31.28
N ALA A 1048 -21.12 10.80 -30.52
CA ALA A 1048 -21.13 10.69 -29.07
C ALA A 1048 -22.51 10.30 -28.58
N LEU A 1049 -22.55 9.70 -27.39
CA LEU A 1049 -23.81 9.18 -26.86
C LEU A 1049 -23.68 9.02 -25.36
N LEU A 1050 -24.63 9.56 -24.62
CA LEU A 1050 -24.62 9.55 -23.15
C LEU A 1050 -25.26 8.26 -22.66
N SER A 1051 -24.51 7.47 -21.90
CA SER A 1051 -25.03 6.21 -21.40
C SER A 1051 -26.11 6.46 -20.37
N SER A 1052 -27.24 5.77 -20.51
CA SER A 1052 -28.28 5.72 -19.50
C SER A 1052 -28.20 4.45 -18.67
N ASN A 1053 -27.08 3.74 -18.75
CA ASN A 1053 -26.97 2.45 -18.10
C ASN A 1053 -27.15 2.61 -16.59
N PRO A 1054 -27.82 1.67 -15.92
CA PRO A 1054 -28.03 1.80 -14.47
C PRO A 1054 -26.85 1.36 -13.63
N ASN A 1055 -25.71 1.04 -14.23
CA ASN A 1055 -24.52 0.63 -13.48
C ASN A 1055 -23.58 1.82 -13.36
N PHE A 1056 -23.18 2.14 -12.12
CA PHE A 1056 -22.48 3.38 -11.87
C PHE A 1056 -21.15 3.46 -12.60
N HIS A 1057 -20.55 2.33 -12.95
CA HIS A 1057 -19.33 2.38 -13.75
C HIS A 1057 -19.61 3.03 -15.10
N PHE A 1058 -20.84 2.92 -15.60
CA PHE A 1058 -21.20 3.47 -16.90
C PHE A 1058 -22.23 4.58 -16.83
N THR A 1059 -23.02 4.64 -15.76
CA THR A 1059 -24.12 5.59 -15.69
C THR A 1059 -23.62 7.00 -16.00
N GLY A 1060 -24.24 7.64 -16.98
CA GLY A 1060 -23.83 8.98 -17.36
C GLY A 1060 -22.50 9.05 -18.07
N LYS A 1061 -21.86 7.91 -18.32
CA LYS A 1061 -20.62 7.92 -19.09
C LYS A 1061 -20.93 8.12 -20.57
N TRP A 1062 -19.90 8.49 -21.32
CA TRP A 1062 -20.02 8.76 -22.73
C TRP A 1062 -19.39 7.62 -23.53
N TYR A 1063 -19.96 7.33 -24.69
CA TYR A 1063 -19.30 6.46 -25.66
C TYR A 1063 -19.69 6.90 -27.05
N PHE A 1064 -19.37 6.08 -28.04
CA PHE A 1064 -19.70 6.38 -29.43
C PHE A 1064 -20.62 5.32 -30.01
N GLU A 1065 -21.35 5.72 -31.03
CA GLU A 1065 -22.25 4.83 -31.75
C GLU A 1065 -22.47 5.39 -33.16
N ASP A 1066 -22.94 4.52 -34.04
CA ASP A 1066 -23.17 4.92 -35.43
C ASP A 1066 -24.09 6.12 -35.47
N CYS A 1067 -23.63 7.19 -36.13
CA CYS A 1067 -24.45 8.39 -36.27
C CYS A 1067 -25.80 8.08 -36.90
N GLY A 1068 -25.85 7.13 -37.83
CA GLY A 1068 -27.09 6.78 -38.48
C GLY A 1068 -28.00 5.89 -37.69
N LYS A 1069 -27.52 5.29 -36.61
CA LYS A 1069 -28.35 4.42 -35.80
C LYS A 1069 -29.51 5.22 -35.21
N GLU A 1070 -30.51 4.48 -34.74
CA GLU A 1070 -31.66 5.06 -34.06
C GLU A 1070 -32.06 4.17 -32.89
N GLY A 1071 -32.68 4.78 -31.89
CA GLY A 1071 -32.97 4.10 -30.65
C GLY A 1071 -32.55 4.91 -29.45
N TYR A 1072 -32.18 6.17 -29.68
CA TYR A 1072 -31.62 7.03 -28.64
C TYR A 1072 -32.25 8.41 -28.73
N GLY A 1073 -32.46 9.02 -27.56
CA GLY A 1073 -33.01 10.35 -27.49
C GLY A 1073 -31.97 11.40 -27.81
N PHE A 1074 -32.28 12.64 -27.45
CA PHE A 1074 -31.36 13.76 -27.69
C PHE A 1074 -31.59 14.85 -26.66
N VAL A 1075 -30.52 15.57 -26.33
CA VAL A 1075 -30.60 16.71 -25.42
C VAL A 1075 -30.21 17.94 -26.21
N CYS A 1076 -31.13 18.90 -26.32
CA CYS A 1076 -30.81 20.19 -26.91
C CYS A 1076 -30.54 21.20 -25.81
N GLU A 1077 -29.61 22.11 -26.09
CA GLU A 1077 -29.23 23.16 -25.16
C GLU A 1077 -29.43 24.51 -25.83
N LYS A 1078 -29.83 25.50 -25.03
CA LYS A 1078 -29.87 26.87 -25.55
C LYS A 1078 -29.88 27.86 -24.39
N MET A 1079 -29.08 28.90 -24.52
CA MET A 1079 -28.95 29.88 -23.44
C MET A 1079 -30.31 30.44 -23.05
N GLN A 1080 -30.44 30.77 -21.77
CA GLN A 1080 -31.70 31.29 -21.26
C GLN A 1080 -32.05 32.61 -21.93
N ASP A 1081 -33.35 32.82 -22.15
CA ASP A 1081 -33.85 34.04 -22.77
C ASP A 1081 -33.90 35.13 -21.70
N THR A 1082 -33.04 36.13 -21.85
CA THR A 1082 -32.96 37.22 -20.88
C THR A 1082 -34.00 38.30 -21.11
N SER A 1083 -34.80 38.20 -22.16
CA SER A 1083 -35.83 39.21 -22.42
C SER A 1083 -36.99 39.05 -21.46
N GLY A 1084 -36.74 39.31 -20.17
CA GLY A 1084 -37.80 39.18 -19.18
C GLY A 1084 -37.21 38.92 -17.81
N HIS A 1085 -38.05 38.38 -16.94
CA HIS A 1085 -37.62 38.06 -15.58
C HIS A 1085 -36.58 36.94 -15.62
N GLY A 1086 -35.60 37.04 -14.73
CA GLY A 1086 -34.65 35.96 -14.54
C GLY A 1086 -35.27 34.84 -13.73
N VAL A 1087 -36.21 34.12 -14.35
CA VAL A 1087 -36.99 33.11 -13.64
C VAL A 1087 -36.13 32.04 -12.98
N ASN A 1088 -34.82 32.04 -13.24
CA ASN A 1088 -33.93 31.17 -12.47
C ASN A 1088 -34.07 31.44 -10.98
N THR A 1089 -34.52 32.64 -10.61
CA THR A 1089 -34.79 32.94 -9.21
C THR A 1089 -35.79 31.96 -8.62
N SER A 1090 -36.72 31.46 -9.43
CA SER A 1090 -37.71 30.51 -8.93
C SER A 1090 -37.08 29.27 -8.34
N ASP A 1091 -35.94 28.83 -8.86
CA ASP A 1091 -35.19 27.70 -8.31
C ASP A 1091 -34.07 28.12 -7.38
N MET A 1092 -33.53 29.32 -7.56
CA MET A 1092 -32.43 29.78 -6.72
C MET A 1092 -32.93 30.12 -5.32
N TYR A 1093 -34.06 30.83 -5.23
CA TYR A 1093 -34.55 31.28 -3.93
C TYR A 1093 -34.94 30.12 -3.02
N PRO A 1094 -35.82 29.19 -3.43
CA PRO A 1094 -36.39 28.24 -2.46
C PRO A 1094 -35.33 27.30 -1.90
N MET A 1095 -35.41 27.08 -0.59
CA MET A 1095 -34.60 26.06 0.07
C MET A 1095 -35.58 25.09 0.71
N PRO A 1096 -36.06 24.09 -0.02
CA PRO A 1096 -36.98 23.12 0.58
C PRO A 1096 -36.26 22.25 1.60
N ASN A 1097 -36.76 22.26 2.83
CA ASN A 1097 -36.16 21.43 3.88
C ASN A 1097 -36.14 19.97 3.50
N THR A 1098 -37.06 19.54 2.64
CA THR A 1098 -37.12 18.16 2.18
C THR A 1098 -37.16 18.15 0.66
N LEU A 1099 -36.42 17.20 0.07
CA LEU A 1099 -36.35 17.07 -1.38
C LEU A 1099 -36.61 15.62 -1.75
N GLU A 1100 -37.28 15.42 -2.88
CA GLU A 1100 -37.60 14.09 -3.39
C GLU A 1100 -36.92 13.88 -4.73
N TYR A 1101 -36.25 12.75 -4.87
CA TYR A 1101 -35.62 12.38 -6.12
C TYR A 1101 -35.58 10.87 -6.23
N GLY A 1102 -35.53 10.38 -7.47
CA GLY A 1102 -35.52 8.95 -7.69
C GLY A 1102 -36.69 8.30 -7.00
N ASN A 1103 -36.40 7.57 -5.93
CA ASN A 1103 -37.44 6.93 -5.13
C ASN A 1103 -37.12 7.10 -3.65
N ARG A 1104 -36.43 8.18 -3.31
CA ARG A 1104 -36.06 8.49 -1.94
C ARG A 1104 -36.23 9.98 -1.70
N THR A 1105 -36.30 10.35 -0.43
CA THR A 1105 -36.47 11.74 -0.03
C THR A 1105 -35.30 12.17 0.85
N TYR A 1106 -34.81 13.37 0.60
CA TYR A 1106 -33.64 13.92 1.25
C TYR A 1106 -34.02 15.13 2.08
N LYS A 1107 -33.35 15.31 3.21
CA LYS A 1107 -33.45 16.50 4.03
C LYS A 1107 -32.09 17.20 4.05
N ILE A 1108 -32.09 18.49 3.74
CA ILE A 1108 -30.87 19.28 3.73
C ILE A 1108 -30.83 20.09 5.03
N ILE A 1109 -29.91 19.76 5.91
CA ILE A 1109 -29.69 20.51 7.14
C ILE A 1109 -28.62 21.55 6.84
N ASN A 1110 -28.81 22.77 7.35
CA ASN A 1110 -27.87 23.86 7.10
C ASN A 1110 -27.45 24.55 8.39
N ALA A 1111 -27.08 23.79 9.40
CA ALA A 1111 -26.62 24.34 10.67
C ALA A 1111 -25.14 24.06 10.88
N ASN A 1112 -24.56 24.72 11.88
CA ASN A 1112 -23.16 24.53 12.25
C ASN A 1112 -23.06 23.24 13.06
N MET A 1113 -22.19 22.33 12.63
CA MET A 1113 -22.14 21.02 13.27
C MET A 1113 -20.87 20.29 12.84
N THR A 1114 -20.46 19.33 13.68
CA THR A 1114 -19.46 18.35 13.30
C THR A 1114 -20.12 17.18 12.59
N TRP A 1115 -19.30 16.19 12.23
CA TRP A 1115 -19.86 14.96 11.67
C TRP A 1115 -20.74 14.24 12.68
N TYR A 1116 -20.26 14.10 13.91
CA TYR A 1116 -21.09 13.48 14.94
C TYR A 1116 -22.36 14.27 15.17
N ALA A 1117 -22.27 15.59 15.16
CA ALA A 1117 -23.46 16.41 15.29
C ALA A 1117 -24.43 16.22 14.15
N ALA A 1118 -23.95 16.08 12.91
CA ALA A 1118 -24.84 15.81 11.79
C ALA A 1118 -25.51 14.45 11.96
N ILE A 1119 -24.77 13.45 12.43
CA ILE A 1119 -25.37 12.14 12.68
C ILE A 1119 -26.50 12.28 13.71
N LYS A 1120 -26.21 12.97 14.80
CA LYS A 1120 -27.24 13.15 15.83
C LYS A 1120 -28.42 13.93 15.30
N THR A 1121 -28.19 14.91 14.43
CA THR A 1121 -29.30 15.70 13.89
C THR A 1121 -30.19 14.86 12.99
N CYS A 1122 -29.58 14.05 12.12
CA CYS A 1122 -30.39 13.16 11.29
C CYS A 1122 -31.19 12.19 12.16
N LEU A 1123 -30.56 11.65 13.21
CA LEU A 1123 -31.28 10.73 14.08
C LEU A 1123 -32.39 11.42 14.86
N MET A 1124 -32.20 12.68 15.25
CA MET A 1124 -33.25 13.44 15.93
C MET A 1124 -34.40 13.72 14.98
N HIS A 1125 -34.08 13.91 13.70
CA HIS A 1125 -35.07 13.77 12.64
C HIS A 1125 -35.40 12.29 12.48
N LYS A 1126 -36.39 12.00 11.65
CA LYS A 1126 -36.73 10.61 11.38
C LYS A 1126 -35.89 10.02 10.27
N ALA A 1127 -34.94 10.78 9.73
CA ALA A 1127 -34.11 10.32 8.62
C ALA A 1127 -32.79 9.78 9.16
N GLN A 1128 -31.87 9.47 8.23
CA GLN A 1128 -30.52 9.08 8.58
C GLN A 1128 -29.57 9.81 7.64
N LEU A 1129 -28.33 9.97 8.08
CA LEU A 1129 -27.35 10.68 7.27
C LEU A 1129 -27.20 9.97 5.92
N VAL A 1130 -27.13 10.76 4.85
CA VAL A 1130 -27.30 10.23 3.51
C VAL A 1130 -26.32 9.11 3.24
N SER A 1131 -26.72 8.18 2.37
CA SER A 1131 -25.86 7.16 1.83
C SER A 1131 -26.03 7.14 0.31
N ILE A 1132 -24.92 7.26 -0.41
CA ILE A 1132 -24.97 7.44 -1.86
C ILE A 1132 -24.53 6.16 -2.55
N THR A 1133 -25.48 5.33 -2.93
CA THR A 1133 -25.15 4.01 -3.47
C THR A 1133 -25.03 3.99 -4.99
N ASP A 1134 -25.35 5.08 -5.69
CA ASP A 1134 -25.26 5.03 -7.15
C ASP A 1134 -25.02 6.43 -7.70
N GLN A 1135 -24.56 6.45 -8.96
CA GLN A 1135 -24.22 7.71 -9.60
C GLN A 1135 -25.45 8.57 -9.83
N TYR A 1136 -26.64 7.99 -9.93
CA TYR A 1136 -27.83 8.83 -10.09
C TYR A 1136 -28.04 9.71 -8.86
N HIS A 1137 -28.04 9.10 -7.67
CA HIS A 1137 -28.20 9.89 -6.46
C HIS A 1137 -27.03 10.82 -6.24
N GLN A 1138 -25.82 10.34 -6.55
CA GLN A 1138 -24.66 11.22 -6.46
C GLN A 1138 -24.82 12.44 -7.35
N SER A 1139 -25.33 12.24 -8.56
CA SER A 1139 -25.59 13.33 -9.49
C SER A 1139 -26.63 14.30 -8.98
N PHE A 1140 -27.71 13.79 -8.39
CA PHE A 1140 -28.70 14.70 -7.82
C PHE A 1140 -28.08 15.55 -6.71
N LEU A 1141 -27.32 14.90 -5.83
CA LEU A 1141 -26.68 15.64 -4.74
C LEU A 1141 -25.68 16.64 -5.29
N THR A 1142 -25.07 16.34 -6.43
CA THR A 1142 -24.17 17.32 -7.03
C THR A 1142 -24.90 18.62 -7.36
N VAL A 1143 -26.07 18.52 -7.99
CA VAL A 1143 -26.84 19.71 -8.30
C VAL A 1143 -27.30 20.41 -7.02
N VAL A 1144 -27.74 19.62 -6.03
CA VAL A 1144 -28.22 20.21 -4.79
C VAL A 1144 -27.10 21.02 -4.13
N LEU A 1145 -25.90 20.44 -4.04
CA LEU A 1145 -24.81 21.12 -3.39
C LEU A 1145 -24.28 22.28 -4.23
N ASN A 1146 -24.36 22.19 -5.56
CA ASN A 1146 -24.04 23.36 -6.37
C ASN A 1146 -24.99 24.50 -6.08
N ARG A 1147 -26.28 24.20 -5.92
CA ARG A 1147 -27.22 25.24 -5.52
C ARG A 1147 -26.84 25.83 -4.17
N LEU A 1148 -26.64 24.98 -3.17
CA LEU A 1148 -26.38 25.48 -1.81
C LEU A 1148 -25.10 26.31 -1.76
N GLY A 1149 -24.04 25.84 -2.42
CA GLY A 1149 -22.81 26.60 -2.51
C GLY A 1149 -21.79 26.35 -1.43
N TYR A 1150 -21.97 25.32 -0.60
CA TYR A 1150 -21.00 25.04 0.44
C TYR A 1150 -21.13 23.59 0.88
N ALA A 1151 -20.09 23.11 1.57
CA ALA A 1151 -19.97 21.70 1.87
C ALA A 1151 -21.08 21.22 2.78
N HIS A 1152 -21.29 19.91 2.81
CA HIS A 1152 -22.20 19.26 3.74
C HIS A 1152 -21.63 17.89 4.11
N TRP A 1153 -21.96 17.44 5.31
CA TRP A 1153 -21.56 16.09 5.71
C TRP A 1153 -22.33 15.05 4.93
N ILE A 1154 -21.77 13.84 4.85
CA ILE A 1154 -22.46 12.67 4.32
C ILE A 1154 -22.09 11.48 5.20
N GLY A 1155 -22.89 10.43 5.07
CA GLY A 1155 -22.81 9.30 5.97
C GLY A 1155 -21.70 8.30 5.70
N LEU A 1156 -20.54 8.75 5.24
CA LEU A 1156 -19.42 7.88 4.95
C LEU A 1156 -18.30 8.12 5.94
N PHE A 1157 -17.87 7.06 6.64
CA PHE A 1157 -16.83 7.15 7.63
C PHE A 1157 -16.06 5.84 7.66
N THR A 1158 -14.88 5.87 8.27
CA THR A 1158 -14.04 4.69 8.39
C THR A 1158 -13.56 4.52 9.82
N THR A 1159 -13.76 3.31 10.35
CA THR A 1159 -13.20 2.99 11.66
C THR A 1159 -11.69 2.89 11.60
N ASP A 1160 -11.14 2.64 10.42
CA ASP A 1160 -9.70 2.45 10.23
C ASP A 1160 -9.21 3.51 9.25
N ASN A 1161 -7.97 3.94 9.42
CA ASN A 1161 -7.51 5.19 8.82
C ASN A 1161 -7.32 5.07 7.31
N GLY A 1162 -8.36 5.40 6.55
CA GLY A 1162 -8.23 5.56 5.11
C GLY A 1162 -8.15 4.29 4.32
N LEU A 1163 -8.35 3.12 4.93
CA LEU A 1163 -8.29 1.87 4.18
C LEU A 1163 -9.61 1.59 3.46
N ASN A 1164 -10.69 1.47 4.23
CA ASN A 1164 -11.99 1.14 3.66
C ASN A 1164 -13.07 1.81 4.48
N PHE A 1165 -13.88 2.64 3.82
CA PHE A 1165 -14.93 3.39 4.49
C PHE A 1165 -16.23 2.57 4.51
N ASP A 1166 -17.11 2.94 5.44
CA ASP A 1166 -18.41 2.31 5.58
C ASP A 1166 -19.49 3.37 5.69
N TRP A 1167 -20.69 3.02 5.27
CA TRP A 1167 -21.82 3.94 5.36
C TRP A 1167 -22.45 3.87 6.73
N SER A 1168 -22.79 5.03 7.28
CA SER A 1168 -23.32 5.09 8.65
C SER A 1168 -24.57 4.24 8.79
N ASP A 1169 -25.46 4.26 7.80
CA ASP A 1169 -26.74 3.56 7.88
C ASP A 1169 -26.61 2.05 7.64
N GLY A 1170 -25.42 1.56 7.30
CA GLY A 1170 -25.20 0.14 7.15
C GLY A 1170 -25.38 -0.42 5.76
N THR A 1171 -25.78 0.39 4.79
CA THR A 1171 -25.90 -0.10 3.44
C THR A 1171 -24.53 -0.27 2.81
N LYS A 1172 -24.40 -1.28 1.96
CA LYS A 1172 -23.13 -1.64 1.33
C LYS A 1172 -23.20 -1.33 -0.15
N SER A 1173 -22.19 -0.62 -0.64
CA SER A 1173 -22.15 -0.25 -2.05
C SER A 1173 -20.72 0.15 -2.40
N SER A 1174 -20.26 -0.31 -3.56
CA SER A 1174 -18.90 0.00 -4.00
C SER A 1174 -18.78 1.39 -4.57
N PHE A 1175 -19.86 2.15 -4.67
CA PHE A 1175 -19.77 3.49 -5.26
C PHE A 1175 -18.85 4.37 -4.43
N THR A 1176 -17.97 5.09 -5.12
CA THR A 1176 -17.09 6.07 -4.49
C THR A 1176 -16.89 7.21 -5.46
N PHE A 1177 -16.95 8.44 -4.96
CA PHE A 1177 -16.89 9.64 -5.79
C PHE A 1177 -15.91 10.65 -5.22
N TRP A 1178 -14.72 10.20 -4.85
CA TRP A 1178 -13.75 11.08 -4.21
C TRP A 1178 -13.31 12.17 -5.18
N LYS A 1179 -12.93 13.31 -4.60
CA LYS A 1179 -12.35 14.38 -5.41
C LYS A 1179 -11.05 13.92 -6.04
N ASP A 1180 -10.20 13.24 -5.26
CA ASP A 1180 -8.94 12.73 -5.75
C ASP A 1180 -8.51 11.56 -4.88
N GLU A 1181 -7.67 10.70 -5.45
CA GLU A 1181 -7.27 9.49 -4.75
C GLU A 1181 -6.77 9.78 -3.34
N GLU A 1182 -5.87 10.75 -3.19
CA GLU A 1182 -5.31 11.06 -1.89
C GLU A 1182 -6.33 11.66 -0.94
N SER A 1183 -7.40 12.26 -1.46
CA SER A 1183 -8.42 12.85 -0.60
C SER A 1183 -9.04 11.82 0.33
N SER A 1184 -8.96 10.53 -0.02
CA SER A 1184 -9.50 9.50 0.85
C SER A 1184 -8.72 9.41 2.16
N LEU A 1185 -7.47 9.87 2.15
CA LEU A 1185 -6.57 9.66 3.28
C LEU A 1185 -6.57 10.82 4.28
N LEU A 1186 -7.13 11.96 3.91
CA LEU A 1186 -6.97 13.16 4.74
C LEU A 1186 -7.76 13.10 6.03
N GLY A 1187 -8.41 12.03 6.42
CA GLY A 1187 -9.15 12.04 7.67
C GLY A 1187 -9.95 10.77 7.84
N ASP A 1188 -10.97 10.85 8.71
CA ASP A 1188 -11.81 9.70 9.03
C ASP A 1188 -13.25 9.86 8.62
N CYS A 1189 -13.80 11.07 8.65
CA CYS A 1189 -15.18 11.31 8.28
C CYS A 1189 -15.24 12.07 6.96
N VAL A 1190 -16.24 11.76 6.15
CA VAL A 1190 -16.33 12.26 4.78
C VAL A 1190 -17.35 13.37 4.70
N PHE A 1191 -17.11 14.31 3.80
CA PHE A 1191 -18.07 15.35 3.47
C PHE A 1191 -18.04 15.56 1.96
N ALA A 1192 -18.94 16.40 1.48
CA ALA A 1192 -19.11 16.63 0.05
C ALA A 1192 -18.76 18.07 -0.29
N ASP A 1193 -18.02 18.26 -1.37
CA ASP A 1193 -17.69 19.60 -1.83
C ASP A 1193 -18.91 20.26 -2.45
N SER A 1194 -18.75 21.54 -2.80
CA SER A 1194 -19.80 22.25 -3.51
C SER A 1194 -20.10 21.61 -4.85
N ASN A 1195 -19.15 20.89 -5.42
CA ASN A 1195 -19.33 20.19 -6.70
C ASN A 1195 -19.51 18.69 -6.47
N GLY A 1196 -19.97 18.33 -5.27
CA GLY A 1196 -20.34 16.95 -5.00
C GLY A 1196 -19.18 16.04 -4.66
N ARG A 1197 -17.99 16.34 -5.20
CA ARG A 1197 -16.86 15.46 -5.00
C ARG A 1197 -16.55 15.32 -3.51
N TRP A 1198 -16.33 14.08 -3.09
CA TRP A 1198 -16.15 13.76 -1.68
C TRP A 1198 -14.77 14.16 -1.19
N HIS A 1199 -14.66 14.28 0.14
CA HIS A 1199 -13.39 14.58 0.79
C HIS A 1199 -13.40 13.95 2.18
N SER A 1200 -12.27 13.35 2.55
CA SER A 1200 -12.10 12.90 3.91
C SER A 1200 -11.51 14.03 4.75
N THR A 1201 -11.79 13.97 6.06
CA THR A 1201 -11.34 15.02 6.96
C THR A 1201 -11.56 14.55 8.38
N ALA A 1202 -10.97 15.29 9.32
CA ALA A 1202 -11.17 15.02 10.73
C ALA A 1202 -12.65 15.21 11.08
N CYS A 1203 -13.20 14.25 11.81
CA CYS A 1203 -14.61 14.31 12.14
C CYS A 1203 -14.93 15.55 12.96
N GLU A 1204 -13.96 16.07 13.71
CA GLU A 1204 -14.21 17.20 14.59
C GLU A 1204 -14.32 18.52 13.85
N SER A 1205 -14.01 18.57 12.56
CA SER A 1205 -14.22 19.78 11.80
C SER A 1205 -15.67 20.21 11.92
N PHE A 1206 -15.92 21.50 11.73
CA PHE A 1206 -17.26 22.07 11.81
C PHE A 1206 -17.69 22.50 10.41
N LEU A 1207 -18.81 21.97 9.95
CA LEU A 1207 -19.34 22.28 8.64
C LEU A 1207 -20.77 22.78 8.77
N GLN A 1208 -21.19 23.58 7.81
CA GLN A 1208 -22.44 24.33 7.89
C GLN A 1208 -23.64 23.57 7.37
N GLY A 1209 -23.60 22.25 7.33
CA GLY A 1209 -24.77 21.50 6.89
C GLY A 1209 -24.47 20.03 6.71
N ALA A 1210 -25.54 19.30 6.45
CA ALA A 1210 -25.49 17.86 6.26
C ALA A 1210 -26.66 17.42 5.38
N ILE A 1211 -26.63 16.16 4.97
CA ILE A 1211 -27.62 15.59 4.07
C ILE A 1211 -28.15 14.31 4.70
N CYS A 1212 -29.37 14.35 5.22
CA CYS A 1212 -30.04 13.16 5.70
C CYS A 1212 -30.93 12.61 4.60
N HIS A 1213 -31.21 11.31 4.66
CA HIS A 1213 -32.15 10.68 3.75
C HIS A 1213 -33.10 9.80 4.56
N VAL A 1214 -34.35 9.77 4.15
CA VAL A 1214 -35.32 8.92 4.85
C VAL A 1214 -35.12 7.47 4.39
N PRO A 1215 -34.95 6.53 5.31
CA PRO A 1215 -34.69 5.16 4.89
C PRO A 1215 -35.99 4.38 4.72
N PRO A 1216 -35.95 3.25 4.03
CA PRO A 1216 -37.14 2.37 3.98
C PRO A 1216 -37.19 1.50 5.22
N GLU A 1217 -38.34 1.49 5.88
CA GLU A 1217 -38.49 0.77 7.13
C GLU A 1217 -38.70 -0.71 6.88
N THR A 1218 -38.08 -1.54 7.70
CA THR A 1218 -38.22 -3.00 7.61
C THR A 1218 -37.89 -3.60 8.96
N ARG A 1219 -38.33 -4.84 9.17
CA ARG A 1219 -38.12 -5.55 10.42
C ARG A 1219 -37.51 -6.92 10.14
N GLN A 1220 -37.04 -7.56 11.21
CA GLN A 1220 -36.15 -8.70 11.12
C GLN A 1220 -36.76 -9.91 11.81
N SER A 1221 -36.15 -11.08 11.57
CA SER A 1221 -36.64 -12.33 12.14
C SER A 1221 -35.93 -12.64 13.45
N GLU A 1222 -36.23 -13.82 13.98
CA GLU A 1222 -35.65 -14.22 15.27
C GLU A 1222 -34.41 -15.11 15.09
N HIS A 1223 -34.33 -15.86 14.00
CA HIS A 1223 -33.21 -16.76 13.81
C HIS A 1223 -32.46 -16.50 12.51
N PRO A 1224 -32.19 -15.24 12.15
CA PRO A 1224 -31.38 -14.99 10.95
C PRO A 1224 -29.95 -15.49 11.09
N GLU A 1225 -29.47 -15.65 12.33
CA GLU A 1225 -28.16 -16.25 12.55
C GLU A 1225 -28.10 -17.71 12.14
N LEU A 1226 -29.23 -18.30 11.71
CA LEU A 1226 -29.16 -19.59 11.04
C LEU A 1226 -28.37 -19.48 9.75
N CYS A 1227 -28.14 -18.26 9.26
CA CYS A 1227 -27.54 -18.06 7.96
C CYS A 1227 -26.25 -18.84 7.78
N SER A 1228 -25.41 -18.88 8.81
CA SER A 1228 -24.09 -19.50 8.71
C SER A 1228 -24.02 -20.70 9.65
N GLU A 1229 -23.55 -21.83 9.13
CA GLU A 1229 -23.23 -22.98 9.95
C GLU A 1229 -21.75 -22.94 10.32
N THR A 1230 -21.30 -23.98 11.02
CA THR A 1230 -19.89 -24.09 11.36
C THR A 1230 -19.07 -24.68 10.22
N SER A 1231 -19.71 -25.11 9.13
CA SER A 1231 -19.02 -25.86 8.10
C SER A 1231 -18.54 -24.98 6.95
N ILE A 1232 -19.30 -23.93 6.60
CA ILE A 1232 -19.04 -23.19 5.36
C ILE A 1232 -19.04 -21.70 5.65
N PRO A 1233 -18.20 -20.95 4.92
CA PRO A 1233 -18.20 -19.48 5.07
C PRO A 1233 -19.39 -18.81 4.38
N TRP A 1234 -20.51 -18.76 5.10
CA TRP A 1234 -21.70 -18.13 4.55
C TRP A 1234 -21.81 -16.68 5.03
N ILE A 1235 -21.92 -15.75 4.08
CA ILE A 1235 -22.08 -14.33 4.37
C ILE A 1235 -23.56 -14.00 4.29
N LYS A 1236 -24.10 -13.42 5.36
CA LYS A 1236 -25.50 -13.06 5.39
C LYS A 1236 -25.70 -11.68 4.76
N PHE A 1237 -26.70 -11.58 3.90
CA PHE A 1237 -27.15 -10.29 3.40
C PHE A 1237 -28.66 -10.29 3.36
N LYS A 1238 -29.27 -9.31 4.01
CA LYS A 1238 -30.72 -9.27 4.16
C LYS A 1238 -31.23 -10.62 4.66
N SER A 1239 -31.98 -11.35 3.83
CA SER A 1239 -32.63 -12.58 4.25
C SER A 1239 -32.01 -13.81 3.62
N ASN A 1240 -30.84 -13.71 3.00
CA ASN A 1240 -30.24 -14.83 2.31
C ASN A 1240 -28.74 -14.82 2.49
N CYS A 1241 -28.16 -16.02 2.37
CA CYS A 1241 -26.73 -16.25 2.54
C CYS A 1241 -26.10 -16.52 1.19
N TYR A 1242 -24.90 -15.95 0.99
CA TYR A 1242 -24.06 -16.23 -0.16
C TYR A 1242 -22.79 -16.91 0.31
N SER A 1243 -22.24 -17.79 -0.52
CA SER A 1243 -20.93 -18.38 -0.28
C SER A 1243 -19.95 -17.81 -1.30
N PHE A 1244 -18.84 -17.27 -0.81
CA PHE A 1244 -17.82 -16.70 -1.68
C PHE A 1244 -16.56 -17.55 -1.74
N SER A 1245 -16.41 -18.55 -0.86
CA SER A 1245 -15.27 -19.44 -0.94
C SER A 1245 -15.19 -20.11 -2.30
N THR A 1246 -16.36 -20.43 -2.88
CA THR A 1246 -16.38 -21.06 -4.19
C THR A 1246 -15.95 -20.13 -5.31
N VAL A 1247 -15.79 -18.83 -5.03
CA VAL A 1247 -15.48 -17.88 -6.09
C VAL A 1247 -14.19 -18.27 -6.79
N LEU A 1248 -13.19 -18.71 -6.04
CA LEU A 1248 -11.91 -19.06 -6.62
C LEU A 1248 -11.88 -20.44 -7.24
N ASP A 1249 -12.88 -21.28 -6.96
CA ASP A 1249 -12.89 -22.66 -7.46
C ASP A 1249 -13.36 -22.67 -8.91
N SER A 1250 -12.46 -22.27 -9.79
CA SER A 1250 -12.74 -22.28 -11.22
C SER A 1250 -13.32 -23.62 -11.62
N MET A 1251 -14.46 -23.60 -12.29
CA MET A 1251 -15.24 -24.81 -12.50
C MET A 1251 -16.28 -24.54 -13.57
N SER A 1252 -16.85 -25.61 -14.10
CA SER A 1252 -17.76 -25.51 -15.24
C SER A 1252 -19.20 -25.27 -14.78
N PHE A 1253 -20.04 -24.93 -15.76
CA PHE A 1253 -21.40 -24.49 -15.49
C PHE A 1253 -22.22 -25.56 -14.78
N GLU A 1254 -22.40 -26.71 -15.44
CA GLU A 1254 -23.23 -27.76 -14.86
C GLU A 1254 -22.62 -28.31 -13.58
N ALA A 1255 -21.29 -28.39 -13.52
CA ALA A 1255 -20.66 -28.86 -12.29
C ALA A 1255 -21.00 -27.93 -11.13
N ALA A 1256 -20.93 -26.61 -11.35
CA ALA A 1256 -21.32 -25.67 -10.31
C ALA A 1256 -22.80 -25.81 -9.95
N HIS A 1257 -23.64 -25.97 -10.97
CA HIS A 1257 -25.06 -26.23 -10.73
C HIS A 1257 -25.23 -27.37 -9.74
N GLU A 1258 -24.66 -28.52 -10.07
CA GLU A 1258 -24.81 -29.69 -9.21
C GLU A 1258 -24.18 -29.49 -7.85
N PHE A 1259 -23.05 -28.78 -7.78
CA PHE A 1259 -22.43 -28.56 -6.48
C PHE A 1259 -23.35 -27.77 -5.56
N CYS A 1260 -23.91 -26.66 -6.05
CA CYS A 1260 -24.85 -25.90 -5.23
C CYS A 1260 -26.06 -26.76 -4.87
N LYS A 1261 -26.60 -27.48 -5.86
CA LYS A 1261 -27.78 -28.30 -5.60
C LYS A 1261 -27.54 -29.26 -4.46
N LYS A 1262 -26.45 -30.03 -4.54
CA LYS A 1262 -26.12 -30.97 -3.48
C LYS A 1262 -25.76 -30.28 -2.17
N GLU A 1263 -25.19 -29.07 -2.25
CA GLU A 1263 -24.95 -28.29 -1.05
C GLU A 1263 -26.23 -27.88 -0.36
N GLY A 1264 -27.36 -27.87 -1.08
CA GLY A 1264 -28.62 -27.49 -0.48
C GLY A 1264 -28.94 -26.03 -0.72
N SER A 1265 -28.60 -25.52 -1.89
CA SER A 1265 -28.74 -24.12 -2.23
C SER A 1265 -29.01 -24.05 -3.72
N ASN A 1266 -28.84 -22.86 -4.29
CA ASN A 1266 -28.96 -22.69 -5.73
C ASN A 1266 -27.87 -21.74 -6.20
N LEU A 1267 -27.42 -21.95 -7.43
CA LEU A 1267 -26.41 -21.06 -7.99
C LEU A 1267 -26.96 -19.63 -8.01
N LEU A 1268 -26.05 -18.68 -7.80
CA LEU A 1268 -26.40 -17.29 -7.55
C LEU A 1268 -27.47 -16.79 -8.51
N THR A 1269 -28.34 -15.92 -8.01
CA THR A 1269 -29.36 -15.24 -8.80
C THR A 1269 -29.45 -13.80 -8.35
N ILE A 1270 -29.24 -12.88 -9.29
CA ILE A 1270 -29.29 -11.44 -9.00
C ILE A 1270 -30.74 -11.00 -9.08
N LYS A 1271 -31.40 -10.91 -7.92
CA LYS A 1271 -32.84 -10.64 -7.90
C LYS A 1271 -33.18 -9.18 -7.68
N ASP A 1272 -32.23 -8.36 -7.22
CA ASP A 1272 -32.53 -6.96 -6.92
C ASP A 1272 -31.25 -6.16 -6.93
N GLU A 1273 -31.41 -4.83 -7.10
CA GLU A 1273 -30.27 -3.94 -7.14
C GLU A 1273 -29.49 -3.93 -5.83
N ALA A 1274 -30.19 -4.09 -4.70
CA ALA A 1274 -29.48 -4.15 -3.43
C ALA A 1274 -28.51 -5.31 -3.39
N GLU A 1275 -28.97 -6.50 -3.77
CA GLU A 1275 -28.08 -7.66 -3.79
C GLU A 1275 -26.99 -7.49 -4.84
N ASN A 1276 -27.33 -6.89 -5.98
CA ASN A 1276 -26.32 -6.63 -7.00
C ASN A 1276 -25.18 -5.78 -6.43
N ALA A 1277 -25.52 -4.66 -5.79
CA ALA A 1277 -24.49 -3.79 -5.23
C ALA A 1277 -23.73 -4.50 -4.11
N PHE A 1278 -24.44 -5.27 -3.28
CA PHE A 1278 -23.78 -5.99 -2.20
C PHE A 1278 -22.73 -6.94 -2.75
N LEU A 1279 -23.06 -7.65 -3.83
CA LEU A 1279 -22.11 -8.58 -4.42
C LEU A 1279 -20.95 -7.84 -5.08
N LEU A 1280 -21.25 -6.77 -5.82
CA LEU A 1280 -20.18 -6.01 -6.46
C LEU A 1280 -19.21 -5.45 -5.44
N GLU A 1281 -19.69 -5.14 -4.23
CA GLU A 1281 -18.79 -4.69 -3.19
C GLU A 1281 -18.02 -5.86 -2.58
N GLU A 1282 -18.73 -6.92 -2.19
CA GLU A 1282 -18.10 -8.02 -1.47
C GLU A 1282 -17.03 -8.70 -2.30
N LEU A 1283 -17.31 -8.96 -3.58
CA LEU A 1283 -16.34 -9.63 -4.43
C LEU A 1283 -15.15 -8.77 -4.79
N PHE A 1284 -15.24 -7.45 -4.61
CA PHE A 1284 -14.09 -6.60 -4.84
C PHE A 1284 -12.93 -6.94 -3.90
N ALA A 1285 -13.22 -7.62 -2.79
CA ALA A 1285 -12.16 -8.03 -1.87
C ALA A 1285 -11.16 -8.96 -2.53
N PHE A 1286 -11.57 -9.73 -3.54
CA PHE A 1286 -10.69 -10.66 -4.21
C PHE A 1286 -9.96 -10.04 -5.39
N GLY A 1287 -10.33 -8.83 -5.80
CA GLY A 1287 -9.58 -8.15 -6.84
C GLY A 1287 -9.50 -8.96 -8.10
N SER A 1288 -8.29 -9.03 -8.68
CA SER A 1288 -8.07 -9.75 -9.92
C SER A 1288 -7.98 -11.26 -9.73
N SER A 1289 -8.14 -11.75 -8.52
CA SER A 1289 -8.05 -13.18 -8.28
C SER A 1289 -9.12 -13.98 -9.01
N VAL A 1290 -10.17 -13.33 -9.48
CA VAL A 1290 -11.22 -13.98 -10.26
C VAL A 1290 -11.72 -12.99 -11.30
N GLN A 1291 -11.99 -13.50 -12.51
CA GLN A 1291 -12.41 -12.67 -13.63
C GLN A 1291 -13.90 -12.70 -13.87
N MET A 1292 -14.54 -13.85 -13.75
CA MET A 1292 -15.96 -13.98 -14.02
C MET A 1292 -16.55 -15.03 -13.11
N VAL A 1293 -17.87 -14.97 -12.94
CA VAL A 1293 -18.59 -15.88 -12.06
C VAL A 1293 -19.87 -16.32 -12.76
N TRP A 1294 -20.24 -17.58 -12.58
CA TRP A 1294 -21.40 -18.13 -13.25
C TRP A 1294 -22.68 -17.50 -12.70
N LEU A 1295 -23.58 -17.10 -13.59
CA LEU A 1295 -24.89 -16.61 -13.22
C LEU A 1295 -25.93 -17.69 -13.54
N ASN A 1296 -26.77 -18.03 -12.56
CA ASN A 1296 -27.71 -19.12 -12.72
C ASN A 1296 -28.90 -18.71 -13.59
N ALA A 1297 -28.63 -18.31 -14.82
CA ALA A 1297 -29.65 -17.85 -15.75
C ALA A 1297 -29.59 -18.68 -17.02
N GLN A 1298 -30.71 -19.27 -17.41
CA GLN A 1298 -30.78 -20.01 -18.66
C GLN A 1298 -31.07 -19.07 -19.81
N PHE A 1299 -30.31 -19.24 -20.89
CA PHE A 1299 -30.50 -18.52 -22.14
C PHE A 1299 -31.45 -19.34 -23.02
N ASP A 1300 -32.60 -18.77 -23.36
CA ASP A 1300 -33.60 -19.56 -24.05
C ASP A 1300 -33.13 -19.96 -25.44
N GLY A 1301 -33.67 -21.07 -25.94
CA GLY A 1301 -33.17 -21.65 -27.17
C GLY A 1301 -33.45 -20.78 -28.39
N ASN A 1302 -34.73 -20.62 -28.73
CA ASN A 1302 -35.13 -19.90 -29.94
C ASN A 1302 -35.67 -18.53 -29.59
N ASN A 1303 -35.35 -18.04 -28.39
CA ASN A 1303 -35.72 -16.70 -27.97
C ASN A 1303 -34.46 -15.97 -27.51
N GLU A 1304 -34.59 -14.65 -27.40
CA GLU A 1304 -33.57 -13.85 -26.75
C GLU A 1304 -33.73 -13.82 -25.24
N THR A 1305 -34.80 -14.39 -24.71
CA THR A 1305 -35.10 -14.24 -23.29
C THR A 1305 -34.10 -15.00 -22.42
N ILE A 1306 -33.87 -14.46 -21.24
CA ILE A 1306 -33.02 -15.05 -20.22
C ILE A 1306 -33.86 -15.19 -18.96
N LYS A 1307 -33.72 -16.31 -18.26
CA LYS A 1307 -34.59 -16.53 -17.12
C LYS A 1307 -33.84 -17.23 -16.00
N TRP A 1308 -34.09 -16.77 -14.77
CA TRP A 1308 -33.55 -17.45 -13.60
C TRP A 1308 -34.14 -18.85 -13.49
N PHE A 1309 -33.41 -19.73 -12.81
CA PHE A 1309 -33.87 -21.11 -12.67
C PHE A 1309 -35.25 -21.17 -12.06
N ASP A 1310 -35.59 -20.18 -11.23
CA ASP A 1310 -36.89 -20.12 -10.58
C ASP A 1310 -37.98 -19.55 -11.49
N GLY A 1311 -37.63 -19.14 -12.70
CA GLY A 1311 -38.59 -18.59 -13.63
C GLY A 1311 -38.75 -17.09 -13.57
N THR A 1312 -38.12 -16.42 -12.62
CA THR A 1312 -38.25 -14.98 -12.52
C THR A 1312 -37.59 -14.31 -13.73
N PRO A 1313 -38.11 -13.18 -14.20
CA PRO A 1313 -37.47 -12.51 -15.35
C PRO A 1313 -36.05 -12.08 -15.03
N THR A 1314 -35.37 -11.61 -16.08
CA THR A 1314 -33.97 -11.25 -16.00
C THR A 1314 -33.79 -9.74 -15.93
N ASP A 1315 -34.66 -9.07 -15.17
CA ASP A 1315 -34.67 -7.61 -15.14
C ASP A 1315 -33.29 -7.04 -14.85
N GLN A 1316 -32.56 -7.60 -13.87
CA GLN A 1316 -31.31 -7.00 -13.44
C GLN A 1316 -30.21 -7.07 -14.49
N SER A 1317 -30.40 -7.84 -15.56
CA SER A 1317 -29.34 -8.02 -16.55
C SER A 1317 -28.80 -6.67 -17.02
N ASN A 1318 -27.54 -6.68 -17.48
CA ASN A 1318 -26.88 -5.46 -17.92
C ASN A 1318 -25.81 -5.78 -18.94
N TRP A 1319 -25.73 -4.98 -19.99
CA TRP A 1319 -24.65 -4.99 -20.95
C TRP A 1319 -24.27 -3.55 -21.27
N GLY A 1320 -22.97 -3.29 -21.41
CA GLY A 1320 -22.53 -1.92 -21.62
C GLY A 1320 -23.18 -1.29 -22.84
N ILE A 1321 -23.21 -2.00 -23.95
CA ILE A 1321 -23.99 -1.63 -25.12
C ILE A 1321 -25.04 -2.72 -25.32
N ARG A 1322 -26.18 -2.34 -25.91
CA ARG A 1322 -27.27 -3.29 -26.06
C ARG A 1322 -26.79 -4.54 -26.79
N LYS A 1323 -27.16 -5.70 -26.24
CA LYS A 1323 -26.52 -6.96 -26.61
C LYS A 1323 -27.39 -7.72 -27.60
N PRO A 1324 -26.86 -8.14 -28.74
CA PRO A 1324 -27.60 -9.09 -29.59
C PRO A 1324 -27.41 -10.52 -29.14
N ASP A 1325 -28.41 -11.35 -29.43
CA ASP A 1325 -28.37 -12.75 -29.04
C ASP A 1325 -27.60 -13.60 -30.04
N THR A 1326 -27.08 -13.00 -31.10
CA THR A 1326 -26.48 -13.73 -32.21
C THR A 1326 -25.18 -14.43 -31.84
N ASP A 1327 -24.76 -14.42 -30.58
CA ASP A 1327 -23.47 -14.95 -30.19
C ASP A 1327 -23.54 -16.34 -29.57
N TYR A 1328 -24.72 -16.80 -29.14
CA TYR A 1328 -24.81 -18.07 -28.44
C TYR A 1328 -24.77 -19.23 -29.43
N PHE A 1329 -24.13 -20.33 -29.01
CA PHE A 1329 -24.14 -21.55 -29.81
C PHE A 1329 -25.46 -22.28 -29.62
N LYS A 1330 -25.74 -23.22 -30.54
CA LYS A 1330 -26.94 -24.04 -30.39
C LYS A 1330 -26.95 -24.75 -29.05
N PRO A 1331 -25.88 -25.43 -28.62
CA PRO A 1331 -25.73 -25.67 -27.18
C PRO A 1331 -25.54 -24.33 -26.50
N HIS A 1332 -26.54 -23.92 -25.72
CA HIS A 1332 -26.67 -22.52 -25.36
C HIS A 1332 -25.43 -22.04 -24.64
N HIS A 1333 -24.93 -20.88 -25.06
CA HIS A 1333 -23.94 -20.18 -24.26
C HIS A 1333 -24.49 -19.95 -22.87
N CYS A 1334 -23.60 -19.85 -21.90
CA CYS A 1334 -23.99 -19.64 -20.51
C CYS A 1334 -23.37 -18.34 -20.02
N VAL A 1335 -24.11 -17.62 -19.19
CA VAL A 1335 -23.85 -16.22 -18.90
C VAL A 1335 -23.16 -16.09 -17.55
N ALA A 1336 -22.13 -15.26 -17.50
CA ALA A 1336 -21.37 -15.01 -16.28
C ALA A 1336 -21.28 -13.51 -16.07
N LEU A 1337 -20.71 -13.13 -14.92
CA LEU A 1337 -20.62 -11.76 -14.49
C LEU A 1337 -19.16 -11.32 -14.46
N ARG A 1338 -18.82 -10.34 -15.29
CA ARG A 1338 -17.48 -9.75 -15.31
C ARG A 1338 -17.33 -8.95 -14.03
N ILE A 1339 -16.80 -9.59 -12.99
CA ILE A 1339 -16.84 -9.05 -11.64
C ILE A 1339 -16.16 -7.68 -11.54
N PRO A 1340 -15.00 -7.43 -12.14
CA PRO A 1340 -14.34 -6.14 -11.89
C PRO A 1340 -15.20 -4.94 -12.26
N GLU A 1341 -16.08 -5.09 -13.25
CA GLU A 1341 -16.93 -3.99 -13.69
C GLU A 1341 -18.42 -4.27 -13.57
N GLY A 1342 -18.83 -5.51 -13.35
CA GLY A 1342 -20.23 -5.82 -13.08
C GLY A 1342 -21.08 -6.14 -14.29
N LEU A 1343 -20.55 -6.02 -15.50
CA LEU A 1343 -21.35 -6.32 -16.69
C LEU A 1343 -21.66 -7.81 -16.76
N TRP A 1344 -22.71 -8.15 -17.50
CA TRP A 1344 -22.98 -9.54 -17.84
C TRP A 1344 -22.33 -9.89 -19.16
N GLN A 1345 -22.08 -11.17 -19.37
CA GLN A 1345 -21.58 -11.62 -20.66
C GLN A 1345 -21.86 -13.11 -20.83
N LEU A 1346 -22.50 -13.44 -21.95
CA LEU A 1346 -22.66 -14.84 -22.34
C LEU A 1346 -21.33 -15.38 -22.82
N SER A 1347 -21.06 -16.64 -22.48
CA SER A 1347 -19.78 -17.26 -22.77
C SER A 1347 -20.01 -18.73 -23.09
N PRO A 1348 -19.04 -19.39 -23.72
CA PRO A 1348 -19.14 -20.83 -23.90
C PRO A 1348 -19.35 -21.52 -22.56
N CYS A 1349 -20.25 -22.50 -22.54
CA CYS A 1349 -20.75 -23.01 -21.28
C CYS A 1349 -19.81 -23.99 -20.60
N GLN A 1350 -18.75 -24.43 -21.27
CA GLN A 1350 -17.84 -25.42 -20.70
C GLN A 1350 -16.56 -24.79 -20.15
N GLU A 1351 -16.46 -23.47 -20.17
CA GLU A 1351 -15.30 -22.83 -19.58
C GLU A 1351 -15.30 -23.03 -18.07
N LYS A 1352 -14.19 -22.68 -17.44
CA LYS A 1352 -14.01 -22.83 -16.00
C LYS A 1352 -14.07 -21.46 -15.36
N LYS A 1353 -15.04 -21.27 -14.47
CA LYS A 1353 -15.28 -19.99 -13.82
C LYS A 1353 -15.70 -20.22 -12.39
N GLY A 1354 -15.57 -19.17 -11.58
CA GLY A 1354 -16.06 -19.23 -10.23
C GLY A 1354 -17.57 -19.28 -10.16
N PHE A 1355 -18.09 -19.79 -9.05
CA PHE A 1355 -19.52 -19.89 -8.85
C PHE A 1355 -19.86 -19.54 -7.41
N ILE A 1356 -21.06 -19.02 -7.21
CA ILE A 1356 -21.53 -18.56 -5.90
C ILE A 1356 -22.87 -19.21 -5.63
N CYS A 1357 -22.95 -20.00 -4.57
CA CYS A 1357 -24.22 -20.54 -4.12
C CYS A 1357 -24.94 -19.50 -3.28
N LYS A 1358 -26.26 -19.60 -3.26
CA LYS A 1358 -27.11 -18.68 -2.52
C LYS A 1358 -28.29 -19.44 -1.95
N MET A 1359 -28.74 -19.06 -0.75
CA MET A 1359 -29.95 -19.66 -0.22
C MET A 1359 -30.63 -18.71 0.75
N GLU A 1360 -31.85 -19.05 1.14
CA GLU A 1360 -32.54 -18.30 2.18
C GLU A 1360 -31.89 -18.56 3.53
N ALA A 1361 -32.15 -17.66 4.48
CA ALA A 1361 -31.61 -17.82 5.82
C ALA A 1361 -32.49 -18.73 6.67
C1 NAG B . -24.16 15.56 23.33
C2 NAG B . -25.40 14.78 23.78
C3 NAG B . -26.66 15.36 23.13
C4 NAG B . -26.75 16.85 23.36
C5 NAG B . -25.45 17.54 22.95
C6 NAG B . -25.42 19.01 23.29
C7 NAG B . -24.65 12.51 24.27
C8 NAG B . -24.59 11.08 23.79
N2 NAG B . -25.26 13.37 23.46
O3 NAG B . -27.80 14.71 23.67
O4 NAG B . -27.80 17.40 22.58
O5 NAG B . -24.34 16.94 23.64
O6 NAG B . -25.28 19.23 24.68
O7 NAG B . -24.16 12.84 25.34
H1 NAG B . -24.05 15.46 22.37
H2 NAG B . -25.49 14.88 24.75
H3 NAG B . -26.62 15.18 22.17
H4 NAG B . -26.91 17.02 24.30
H5 NAG B . -25.32 17.43 21.99
H61 NAG B . -26.26 19.42 22.99
H62 NAG B . -24.67 19.43 22.81
H81 NAG B . -23.84 10.98 23.17
H82 NAG B . -25.43 10.87 23.31
H83 NAG B . -24.48 10.48 24.55
HN2 NAG B . -25.61 13.06 22.68
HO3 NAG B . -28.35 15.32 24.02
HO6 NAG B . -24.70 18.63 25.01
C1 NAG B . -28.99 17.67 23.34
C2 NAG B . -29.87 18.58 22.50
C3 NAG B . -31.19 18.85 23.21
C4 NAG B . -31.86 17.53 23.57
C5 NAG B . -30.90 16.69 24.42
C6 NAG B . -31.46 15.33 24.76
C7 NAG B . -28.56 20.07 21.05
C8 NAG B . -27.91 21.41 20.91
N2 NAG B . -29.19 19.83 22.20
O3 NAG B . -32.05 19.61 22.36
O4 NAG B . -33.06 17.76 24.31
O5 NAG B . -29.70 16.47 23.67
O6 NAG B . -30.67 14.70 25.76
O7 NAG B . -28.51 19.23 20.15
H1 NAG B . -28.75 18.13 24.17
H2 NAG B . -30.07 18.13 21.66
H3 NAG B . -31.03 19.36 24.02
H4 NAG B . -32.07 17.05 22.75
H5 NAG B . -30.69 17.17 25.24
H61 NAG B . -31.45 14.77 23.96
H62 NAG B . -32.37 15.43 25.09
H81 NAG B . -27.64 21.55 19.99
H82 NAG B . -27.12 21.45 21.50
H83 NAG B . -28.54 22.11 21.17
HN2 NAG B . -29.19 20.49 22.84
HO3 NAG B . -32.89 19.45 22.56
HO6 NAG B . -30.69 15.20 26.51
C1 BMA B . -34.20 17.47 23.48
C2 BMA B . -35.43 17.30 24.41
C3 BMA B . -36.68 17.08 23.56
C4 BMA B . -36.82 18.17 22.49
C5 BMA B . -35.54 18.26 21.65
C6 BMA B . -35.57 19.37 20.62
O2 BMA B . -35.65 18.48 25.17
O3 BMA B . -37.85 17.03 24.35
O4 BMA B . -37.92 17.87 21.63
O5 BMA B . -34.43 18.50 22.54
O6 BMA B . -36.71 19.17 19.80
H1 BMA B . -34.05 16.51 22.94
H2 BMA B . -35.26 16.43 25.07
H3 BMA B . -36.61 16.11 23.05
H4 BMA B . -36.96 19.14 23.00
H5 BMA B . -35.38 17.30 21.12
H61 BMA B . -34.64 19.35 20.04
H62 BMA B . -35.62 20.32 21.16
HO2 BMA B . -34.77 18.79 25.44
HO3 BMA B . -38.59 17.06 23.73
HO4 BMA B . -38.09 18.69 21.14
HO6 BMA B . -36.81 19.95 19.23
C1 NAG C . 8.03 29.02 13.63
C2 NAG C . 9.42 29.63 13.49
C3 NAG C . 9.36 31.14 13.64
C4 NAG C . 8.37 31.71 12.62
C5 NAG C . 7.01 31.06 12.80
C6 NAG C . 6.00 31.50 11.76
C7 NAG C . 11.23 28.11 14.13
C8 NAG C . 12.11 27.63 15.25
N2 NAG C . 10.35 29.05 14.45
O3 NAG C . 10.64 31.69 13.43
O4 NAG C . 8.32 33.14 12.71
O5 NAG C . 7.13 29.63 12.67
O6 NAG C . 6.07 30.68 10.60
O7 NAG C . 11.32 27.66 12.99
H1 NAG C . 7.68 29.20 14.52
H2 NAG C . 9.75 29.44 12.58
H3 NAG C . 9.05 31.36 14.54
H4 NAG C . 8.70 31.49 11.74
H5 NAG C . 6.66 31.25 13.69
H61 NAG C . 6.18 32.43 11.51
H62 NAG C . 5.11 31.44 12.14
H81 NAG C . 12.76 26.98 14.90
H82 NAG C . 11.57 27.21 15.94
H83 NAG C . 12.60 28.39 15.62
HN2 NAG C . 10.32 29.35 15.31
HO3 NAG C . 10.65 32.17 12.67
HO6 NAG C . 5.69 29.89 10.77
C1 NAG C . 7.55 33.68 13.78
C2 NAG C . 8.28 34.93 14.27
C3 NAG C . 7.46 35.66 15.33
C4 NAG C . 6.06 35.94 14.79
C5 NAG C . 5.42 34.64 14.35
C6 NAG C . 4.05 34.84 13.74
C7 NAG C . 10.68 34.49 14.00
C8 NAG C . 11.96 34.13 14.69
N2 NAG C . 9.59 34.60 14.78
O3 NAG C . 8.11 36.86 15.68
O4 NAG C . 5.26 36.57 15.78
O5 NAG C . 6.24 34.02 13.35
O6 NAG C . 3.45 33.59 13.39
O7 NAG C . 10.62 34.65 12.78
H1 NAG C . 7.50 33.04 14.52
H2 NAG C . 8.39 35.53 13.51
H3 NAG C . 7.38 35.09 16.12
H4 NAG C . 6.15 36.51 14.01
H5 NAG C . 5.34 34.05 15.11
H61 NAG C . 4.14 35.38 12.93
H62 NAG C . 3.48 35.30 14.37
H81 NAG C . 11.88 33.24 15.09
H82 NAG C . 12.14 34.78 15.39
H83 NAG C . 12.68 34.13 14.04
HN2 NAG C . 9.70 34.46 15.67
HO3 NAG C . 7.57 37.35 16.20
HO6 NAG C . 2.58 33.71 13.23
C1 BMA C . 5.14 37.99 15.53
C2 BMA C . 3.79 38.46 16.11
C3 BMA C . 3.69 39.99 15.98
C4 BMA C . 4.94 40.68 16.54
C5 BMA C . 6.20 40.11 15.86
C6 BMA C . 7.48 40.71 16.41
O2 BMA C . 3.71 38.17 17.50
O3 BMA C . 2.52 40.48 16.62
O4 BMA C . 4.86 42.07 16.30
O5 BMA C . 6.23 38.70 16.11
O6 BMA C . 7.51 42.09 16.07
H1 BMA C . 5.12 38.19 14.44
H2 BMA C . 2.98 37.98 15.57
H3 BMA C . 3.60 40.26 14.92
H4 BMA C . 5.00 40.46 17.62
H5 BMA C . 6.16 40.30 14.78
H61 BMA C . 8.33 40.16 15.97
H62 BMA C . 7.49 40.55 17.50
HO2 BMA C . 4.16 37.32 17.61
HO3 BMA C . 2.45 39.99 17.44
HO4 BMA C . 4.00 42.35 16.64
HO6 BMA C . 6.78 42.52 16.54
C1 NAG D . -19.75 26.09 15.42
C2 NAG D . -18.78 27.22 15.10
C3 NAG D . -17.44 26.94 15.76
C4 NAG D . -17.62 26.68 17.25
C5 NAG D . -18.72 25.65 17.51
C6 NAG D . -19.08 25.53 18.97
C7 NAG D . -18.67 28.57 13.06
C8 NAG D . -18.49 28.56 11.57
N2 NAG D . -18.62 27.38 13.66
O3 NAG D . -16.57 28.04 15.55
O4 NAG D . -16.40 26.19 17.80
O5 NAG D . -19.92 26.00 16.82
O6 NAG D . -17.95 25.16 19.77
O7 NAG D . -18.87 29.61 13.68
H1 NAG D . -19.37 25.26 15.11
H2 NAG D . -19.14 28.04 15.47
H3 NAG D . -17.04 26.14 15.35
H4 NAG D . -17.85 27.52 17.69
H5 NAG D . -18.41 24.78 17.19
H61 NAG D . -19.42 26.39 19.29
H62 NAG D . -19.77 24.86 19.08
H81 NAG D . -17.54 28.42 11.36
H82 NAG D . -18.80 29.40 11.19
H83 NAG D . -19.01 27.81 11.18
HN2 NAG D . -18.48 26.63 13.16
HO3 NAG D . -15.92 28.02 16.16
HO6 NAG D . -18.23 24.75 20.49
C1 NAG D . -15.93 27.06 18.83
C2 NAG D . -14.84 26.33 19.59
C3 NAG D . -14.29 27.22 20.70
C4 NAG D . -13.83 28.55 20.13
C5 NAG D . -14.93 29.19 19.29
C6 NAG D . -14.46 30.42 18.55
C7 NAG D . -14.55 24.03 20.41
C8 NAG D . -15.22 22.82 20.97
N2 NAG D . -15.33 25.08 20.15
O3 NAG D . -13.20 26.56 21.34
O4 NAG D . -13.52 29.44 21.20
O5 NAG D . -15.39 28.27 18.29
O6 NAG D . -13.35 30.13 17.71
O7 NAG D . -13.34 24.06 20.20
H1 NAG D . -16.66 27.28 19.44
H2 NAG D . -14.11 26.12 18.98
H3 NAG D . -14.99 27.38 21.36
H4 NAG D . -13.04 28.40 19.57
H5 NAG D . -15.67 29.44 19.86
H61 NAG D . -14.21 31.11 19.19
H62 NAG D . -15.19 30.76 17.99
H81 NAG D . -15.57 23.02 21.86
H82 NAG D . -14.58 22.09 21.03
H83 NAG D . -15.96 22.56 20.38
HN2 NAG D . -16.23 25.01 20.32
HO3 NAG D . -12.94 27.03 22.05
HO6 NAG D . -13.30 30.72 17.05
C1 BMA D . -12.11 29.78 21.24
C2 BMA D . -12.03 31.17 21.89
C3 BMA D . -10.59 31.54 22.22
C4 BMA D . -9.85 30.40 22.92
C5 BMA D . -10.00 29.10 22.11
C6 BMA D . -9.33 27.92 22.77
O2 BMA D . -12.74 31.19 23.12
O3 BMA D . -10.55 32.71 23.03
O4 BMA D . -8.47 30.72 23.06
O5 BMA D . -11.39 28.82 21.97
O6 BMA D . -7.97 28.25 23.05
H1 BMA D . -11.70 29.85 20.22
H2 BMA D . -12.47 31.91 21.20
H3 BMA D . -10.05 31.79 21.29
H4 BMA D . -10.32 30.24 23.90
H5 BMA D . -9.54 29.24 21.11
H61 BMA D . -9.40 27.05 22.10
H62 BMA D . -9.89 27.69 23.69
HO2 BMA D . -13.46 30.54 23.03
HO4 BMA D . -8.11 30.02 23.63
HO6 BMA D . -7.55 27.48 23.42
C1 MAN D . -9.47 33.59 22.63
C2 MAN D . -9.29 34.64 23.76
C3 MAN D . -10.46 35.63 23.74
C4 MAN D . -10.62 36.23 22.35
C5 MAN D . -10.85 35.12 21.32
C6 MAN D . -10.95 35.63 19.90
O2 MAN D . -8.12 35.42 23.56
O3 MAN D . -10.29 36.66 24.71
O4 MAN D . -11.73 37.12 22.33
O5 MAN D . -9.73 34.20 21.37
O6 MAN D . -10.80 34.53 19.02
H1 MAN D . -8.54 33.02 22.48
H2 MAN D . -9.26 34.12 24.73
H3 MAN D . -11.38 35.09 24.00
H4 MAN D . -9.69 36.77 22.08
H5 MAN D . -11.78 34.58 21.57
H61 MAN D . -10.18 36.39 19.75
H62 MAN D . -11.93 36.11 19.80
HO2 MAN D . -7.34 34.89 23.78
HO3 MAN D . -9.36 36.90 24.67
HO4 MAN D . -11.65 37.64 23.14
HO6 MAN D . -9.93 34.15 19.18
C1 NAG E . -31.52 10.21 -39.98
C2 NAG E . -30.67 9.74 -41.13
C3 NAG E . -30.83 10.68 -42.32
C4 NAG E . -32.30 10.89 -42.65
C5 NAG E . -33.13 11.20 -41.40
C6 NAG E . -34.63 11.20 -41.65
C7 NAG E . -28.36 8.95 -41.45
C8 NAG E . -26.97 8.97 -40.93
N2 NAG E . -29.27 9.64 -40.75
O3 NAG E . -30.15 10.15 -43.44
O4 NAG E . -32.38 12.00 -43.54
O5 NAG E . -32.88 10.23 -40.37
O6 NAG E . -35.00 10.64 -42.90
O7 NAG E . -28.66 8.34 -42.47
H1 NAG E . -31.26 11.11 -39.73
H2 NAG E . -30.97 8.84 -41.41
H3 NAG E . -30.43 11.54 -42.08
H4 NAG E . -32.65 10.08 -43.08
H5 NAG E . -32.87 12.07 -41.07
H61 NAG E . -34.95 12.12 -41.61
H62 NAG E . -35.06 10.70 -40.94
H81 NAG E . -26.58 8.08 -40.98
H82 NAG E . -26.97 9.26 -40.00
H83 NAG E . -26.43 9.60 -41.46
HN2 NAG E . -28.99 10.09 -40.01
HO3 NAG E . -30.19 9.25 -43.41
HO4 NAG E . -31.66 12.00 -44.06
C1 NAG E . -35.19 11.71 -43.87
C2 NAG E . -35.36 11.11 -45.26
C3 NAG E . -35.43 12.23 -46.28
C4 NAG E . -36.58 13.17 -45.93
C5 NAG E . -36.47 13.64 -44.47
C6 NAG E . -37.69 14.42 -44.02
C7 NAG E . -33.03 10.51 -45.75
C8 NAG E . -32.07 9.40 -46.08
N2 NAG E . -34.30 10.17 -45.58
O3 NAG E . -35.59 11.68 -47.58
O4 NAG E . -36.55 14.32 -46.77
O5 NAG E . -36.34 12.53 -43.57
O6 NAG E . -37.94 15.53 -44.87
O7 NAG E . -32.64 11.68 -45.63
H1 NAG E . -34.43 12.30 -43.88
H2 NAG E . -36.21 10.63 -45.27
H3 NAG E . -34.60 12.73 -46.21
H4 NAG E . -37.43 12.70 -46.05
H5 NAG E . -35.69 14.21 -44.38
H61 NAG E . -37.54 14.75 -43.11
H62 NAG E . -38.46 13.83 -44.03
H81 NAG E . -32.44 8.87 -46.81
H82 NAG E . -31.96 8.84 -45.29
H83 NAG E . -31.22 9.76 -46.34
HN2 NAG E . -34.53 9.29 -45.68
HO4 NAG E . -36.97 14.98 -46.38
HO6 NAG E . -38.72 15.90 -44.67
C1 BMA E . -35.39 12.60 -48.70
C2 BMA E . -34.10 13.46 -48.54
C3 BMA E . -33.82 14.26 -49.81
C4 BMA E . -33.92 13.39 -51.06
C5 BMA E . -35.26 12.65 -51.08
C6 BMA E . -35.40 11.73 -52.28
O2 BMA E . -32.97 12.62 -48.34
O3 BMA E . -32.55 14.90 -49.76
O4 BMA E . -33.81 14.20 -52.23
O5 BMA E . -35.34 11.85 -49.90
O6 BMA E . -36.64 11.03 -52.14
H1 BMA E . -36.26 13.28 -48.76
H2 BMA E . -34.22 14.15 -47.70
H3 BMA E . -34.57 15.07 -49.90
H4 BMA E . -33.11 12.63 -51.02
H5 BMA E . -36.09 13.39 -51.10
H61 BMA E . -34.55 11.04 -52.29
H62 BMA E . -35.38 12.34 -53.18
HO2 BMA E . -32.91 12.47 -47.39
HO3 BMA E . -31.92 14.21 -49.53
HO4 BMA E . -33.04 14.78 -52.06
C1 MAN E . -36.41 9.62 -52.34
C2 MAN E . -37.80 8.94 -52.60
C3 MAN E . -38.60 8.84 -51.31
C4 MAN E . -37.76 8.20 -50.19
C5 MAN E . -36.50 9.03 -49.99
C6 MAN E . -35.60 8.47 -48.90
O2 MAN E . -37.64 7.59 -53.06
O3 MAN E . -39.81 8.11 -51.50
O4 MAN E . -38.51 8.16 -48.99
O5 MAN E . -35.75 9.06 -51.21
O6 MAN E . -34.41 9.24 -48.86
H1 MAN E . -35.74 9.44 -53.18
H2 MAN E . -38.35 9.54 -53.34
H3 MAN E . -38.89 9.85 -50.99
H4 MAN E . -37.47 7.20 -50.52
H5 MAN E . -36.79 10.05 -49.69
H61 MAN E . -35.39 7.41 -49.13
H62 MAN E . -36.14 8.51 -47.96
HO2 MAN E . -37.37 7.61 -53.99
HO3 MAN E . -39.58 7.40 -52.12
HO4 MAN E . -39.39 7.83 -49.24
HO6 MAN E . -34.66 10.17 -48.77
C1 NAG F . 34.59 -30.50 0.41
C2 NAG F . 33.78 -31.78 0.22
C3 NAG F . 34.51 -32.98 0.83
C4 NAG F . 35.95 -33.05 0.31
C5 NAG F . 36.64 -31.71 0.51
C6 NAG F . 38.05 -31.68 -0.08
C7 NAG F . 31.53 -32.60 0.76
C8 NAG F . 30.22 -32.29 1.42
N2 NAG F . 32.46 -31.64 0.82
O3 NAG F . 33.82 -34.18 0.51
O4 NAG F . 36.66 -34.07 1.00
O5 NAG F . 35.90 -30.68 -0.13
O6 NAG F . 38.58 -30.36 -0.04
O7 NAG F . 31.72 -33.66 0.19
H1 NAG F . 34.66 -30.30 1.36
H2 NAG F . 33.68 -31.94 -0.74
H3 NAG F . 34.54 -32.87 1.80
H4 NAG F . 35.93 -33.27 -0.65
H5 NAG F . 36.70 -31.52 1.46
H61 NAG F . 38.00 -31.99 -1.00
H62 NAG F . 38.62 -32.28 0.43
H81 NAG F . 29.53 -32.88 1.07
H82 NAG F . 29.98 -31.35 1.25
H83 NAG F . 30.31 -32.44 2.39
HN2 NAG F . 32.26 -30.87 1.24
HO3 NAG F . 33.50 -34.12 -0.31
HO4 NAG F . 36.27 -34.85 0.86
HO6 NAG F . 37.92 -29.78 0.06
C1 NAG G . 21.96 -16.98 -24.00
C2 NAG G . 22.21 -15.49 -24.24
C3 NAG G . 23.31 -15.30 -25.28
C4 NAG G . 24.56 -16.07 -24.87
C5 NAG G . 24.22 -17.53 -24.58
C6 NAG G . 25.39 -18.32 -24.04
C7 NAG G . 20.29 -15.15 -25.74
C8 NAG G . 19.06 -14.33 -26.00
N2 NAG G . 21.00 -14.81 -24.66
O3 NAG G . 23.62 -13.92 -25.41
O4 NAG G . 25.53 -16.03 -25.91
O5 NAG G . 23.19 -17.60 -23.60
O6 NAG G . 26.31 -18.66 -25.06
O7 NAG G . 20.63 -16.08 -26.47
H1 NAG G . 21.64 -17.39 -24.82
H2 NAG G . 22.52 -15.09 -23.41
H3 NAG G . 23.00 -15.65 -26.15
H4 NAG G . 24.94 -15.67 -24.07
H5 NAG G . 23.91 -17.96 -25.40
H61 NAG G . 25.06 -19.14 -23.62
H62 NAG G . 25.85 -17.78 -23.36
H81 NAG G . 18.53 -14.76 -26.70
H82 NAG G . 19.32 -13.44 -26.30
H83 NAG G . 18.53 -14.27 -25.18
HN2 NAG G . 20.70 -14.11 -24.14
HO3 NAG G . 23.02 -13.53 -25.94
HO4 NAG G . 25.52 -15.22 -26.29
HO6 NAG G . 26.41 -17.97 -25.61
C1 NAG H . 27.24 18.28 29.77
C2 NAG H . 27.34 17.30 30.94
C3 NAG H . 28.43 17.75 31.91
C4 NAG H . 29.75 17.95 31.17
C5 NAG H . 29.56 18.90 29.99
C6 NAG H . 30.79 19.05 29.15
C7 NAG H . 25.18 16.22 31.38
C8 NAG H . 23.92 16.26 32.19
N2 NAG H . 26.06 17.20 31.64
O3 NAG H . 28.58 16.77 32.93
O4 NAG H . 30.73 18.48 32.05
O5 NAG H . 28.51 18.40 29.13
O6 NAG H . 30.64 20.10 28.19
O7 NAG H . 25.39 15.34 30.55
H1 NAG H . 26.96 19.16 30.10
H2 NAG H . 27.58 16.43 30.60
H3 NAG H . 28.17 18.60 32.32
H4 NAG H . 30.05 17.09 30.83
H5 NAG H . 29.29 19.77 30.33
H61 NAG H . 30.96 18.21 28.68
H62 NAG H . 31.55 19.25 29.73
H81 NAG H . 23.36 17.00 31.89
H82 NAG H . 24.14 16.39 33.14
H83 NAG H . 23.44 15.42 32.08
HN2 NAG H . 25.86 17.81 32.27
HO3 NAG H . 29.45 16.68 33.12
HO4 NAG H . 30.45 19.27 32.36
HO6 NAG H . 31.43 20.29 27.84
C1 NAG I . 6.36 37.51 3.83
C2 NAG I . 7.32 38.26 2.92
C3 NAG I . 7.28 39.75 3.22
C4 NAG I . 5.85 40.27 3.15
C5 NAG I . 4.93 39.43 4.02
C6 NAG I . 3.47 39.79 3.88
C7 NAG I . 9.11 36.66 2.40
C8 NAG I . 10.53 36.26 2.66
N2 NAG I . 8.67 37.74 3.05
O3 NAG I . 8.11 40.44 2.28
O4 NAG I . 5.80 41.61 3.59
O5 NAG I . 5.04 38.03 3.66
O6 NAG I . 3.20 41.07 4.44
O7 NAG I . 8.38 36.02 1.64
H1 NAG I . 6.63 37.64 4.76
H2 NAG I . 7.03 38.12 2.00
H3 NAG I . 7.62 39.90 4.12
H4 NAG I . 5.54 40.21 2.22
H5 NAG I . 5.19 39.54 4.96
H61 NAG I . 2.93 39.12 4.33
H62 NAG I . 3.24 39.82 2.92
H81 NAG I . 10.62 35.95 3.59
H82 NAG I . 11.11 37.02 2.52
H83 NAG I . 10.78 35.53 2.07
HN2 NAG I . 9.25 38.17 3.61
HO3 NAG I . 8.93 40.14 2.34
HO4 NAG I . 6.56 42.03 3.36
HO6 NAG I . 3.83 41.64 4.20
C1 NAG J . 2.08 -17.01 -23.55
C2 NAG J . 0.57 -16.82 -23.69
C3 NAG J . -0.11 -18.15 -24.00
C4 NAG J . 0.54 -18.81 -25.21
C5 NAG J . 2.04 -18.93 -24.98
C6 NAG J . 2.77 -19.51 -26.18
C7 NAG J . -1.06 -15.41 -22.51
C8 NAG J . -1.51 -14.88 -21.18
N2 NAG J . 0.01 -16.21 -22.50
O3 NAG J . -1.50 -17.92 -24.26
O4 NAG J . -0.02 -20.10 -25.41
O5 NAG J . 2.60 -17.64 -24.73
O6 NAG J . 4.10 -19.89 -25.83
O7 NAG J . -1.64 -15.12 -23.56
H1 NAG J . 2.26 -17.57 -22.78
H2 NAG J . 0.41 -16.21 -24.45
H3 NAG J . -0.02 -18.73 -23.23
H4 NAG J . 0.38 -18.26 -26.00
H5 NAG J . 2.19 -19.51 -24.21
H61 NAG J . 2.81 -18.83 -26.88
H62 NAG J . 2.28 -20.29 -26.51
H81 NAG J . -0.74 -14.51 -20.71
H82 NAG J . -1.89 -15.61 -20.66
H83 NAG J . -2.17 -14.19 -21.32
HN2 NAG J . 0.40 -16.40 -21.70
HO3 NAG J . -1.59 -17.11 -24.62
HO4 NAG J . -0.83 -20.01 -25.77
HO6 NAG J . 4.49 -19.24 -25.39
C1 NAG K . -40.42 2.99 -5.25
C2 NAG K . -41.04 2.38 -6.51
C3 NAG K . -42.27 1.55 -6.16
C4 NAG K . -41.92 0.51 -5.09
C5 NAG K . -41.29 1.21 -3.89
C6 NAG K . -40.81 0.23 -2.83
C7 NAG K . -40.71 3.60 -8.62
C8 NAG K . -41.20 4.71 -9.50
N2 NAG K . -41.37 3.41 -7.48
O3 NAG K . -42.74 0.89 -7.33
O4 NAG K . -43.10 -0.16 -4.68
O5 NAG K . -40.13 1.95 -4.31
O6 NAG K . -41.85 -0.62 -2.40
O7 NAG K . -39.75 2.90 -8.94
H1 NAG K . -41.06 3.61 -4.86
H2 NAG K . -40.37 1.78 -6.92
H3 NAG K . -42.95 2.14 -5.82
H4 NAG K . -41.28 -0.13 -5.47
H5 NAG K . -41.93 1.81 -3.49
H61 NAG K . -40.47 0.74 -2.08
H62 NAG K . -40.09 -0.31 -3.21
H81 NAG K . -40.63 4.78 -10.29
H82 NAG K . -41.18 5.55 -9.00
H83 NAG K . -42.12 4.53 -9.77
HN2 NAG K . -42.08 3.95 -7.29
HO3 NAG K . -42.88 1.49 -7.97
HO4 NAG K . -42.89 -0.77 -4.06
HO6 NAG K . -41.53 -1.22 -1.83
C1 NAG L . 44.01 0.93 -5.68
C2 NAG L . 45.14 1.78 -5.09
C3 NAG L . 44.96 3.23 -5.52
C4 NAG L . 44.85 3.33 -7.04
C5 NAG L . 43.77 2.38 -7.57
C6 NAG L . 43.73 2.31 -9.07
C7 NAG L . 44.17 1.95 -2.84
C8 NAG L . 44.43 1.77 -1.38
N2 NAG L . 45.20 1.66 -3.65
O3 NAG L . 46.05 4.01 -5.06
O4 NAG L . 44.51 4.66 -7.41
O5 NAG L . 44.02 1.03 -7.11
O6 NAG L . 42.96 1.22 -9.54
O7 NAG L . 43.10 2.35 -3.27
H1 NAG L . 43.15 1.24 -5.35
H2 NAG L . 45.98 1.46 -5.47
H3 NAG L . 44.13 3.58 -5.12
H4 NAG L . 45.71 3.10 -7.43
H5 NAG L . 42.90 2.67 -7.23
H61 NAG L . 44.65 2.23 -9.42
H62 NAG L . 43.35 3.15 -9.42
H81 NAG L . 43.63 1.41 -0.95
H82 NAG L . 44.64 2.64 -0.98
H83 NAG L . 45.17 1.15 -1.25
HN2 NAG L . 45.98 1.38 -3.27
HO3 NAG L . 45.77 4.83 -4.86
HO4 NAG L . 43.74 4.89 -7.03
HO6 NAG L . 43.25 0.47 -9.15
C1 NAG M . -12.99 -8.14 -39.01
C2 NAG M . -11.76 -9.05 -38.96
C3 NAG M . -11.89 -10.14 -40.02
C4 NAG M . -13.20 -10.88 -39.86
C5 NAG M . -14.38 -9.90 -39.81
C6 NAG M . -15.69 -10.57 -39.50
C7 NAG M . -9.84 -7.77 -38.14
C8 NAG M . -8.60 -7.01 -38.51
N2 NAG M . -10.54 -8.28 -39.15
O3 NAG M . -10.79 -11.04 -39.90
O4 NAG M . -13.38 -11.79 -40.94
O5 NAG M . -14.16 -8.92 -38.79
O6 NAG M . -16.04 -11.52 -40.51
O7 NAG M . -10.18 -7.92 -36.97
H1 NAG M . -13.04 -7.72 -39.87
H2 NAG M . -11.73 -9.48 -38.09
H3 NAG M . -11.86 -9.73 -40.90
H4 NAG M . -13.18 -11.40 -39.02
H5 NAG M . -14.45 -9.46 -40.69
H61 NAG M . -16.39 -9.90 -39.45
H62 NAG M . -15.62 -11.04 -38.65
H81 NAG M . -8.12 -6.75 -37.70
H82 NAG M . -8.85 -6.21 -39.02
H83 NAG M . -8.02 -7.58 -39.06
HN2 NAG M . -10.24 -8.15 -40.00
HO3 NAG M . -10.02 -10.60 -39.98
HO4 NAG M . -14.24 -11.86 -41.13
HO6 NAG M . -16.83 -11.88 -40.32
C1 NAG N . -39.76 -18.93 -26.70
C2 NAG N . -39.75 -20.40 -26.25
C3 NAG N . -41.16 -20.90 -25.96
C4 NAG N . -41.87 -19.97 -24.99
C5 NAG N . -41.89 -18.57 -25.57
C6 NAG N . -42.53 -17.55 -24.65
C7 NAG N . -37.89 -21.74 -27.16
C8 NAG N . -37.44 -22.62 -28.30
N2 NAG N . -39.13 -21.25 -27.26
O3 NAG N . -41.11 -22.21 -25.42
O4 NAG N . -43.22 -20.41 -24.78
O5 NAG N . -40.54 -18.14 -25.77
O6 NAG N . -42.56 -16.26 -25.23
O7 NAG N . -37.17 -21.49 -26.20
H1 NAG N . -40.15 -18.86 -27.59
H2 NAG N . -39.24 -20.47 -25.43
H3 NAG N . -41.67 -20.92 -26.80
H4 NAG N . -41.40 -19.97 -24.15
H5 NAG N . -42.37 -18.57 -26.42
H61 NAG N . -42.01 -17.51 -23.81
H62 NAG N . -43.44 -17.83 -24.44
H81 NAG N . -36.48 -22.56 -28.40
H82 NAG N . -37.88 -22.34 -29.12
H83 NAG N . -37.69 -23.55 -28.10
HN2 NAG N . -39.62 -21.48 -27.99
HO3 NAG N . -40.59 -22.72 -25.93
HO4 NAG N . -43.20 -21.15 -24.28
HO6 NAG N . -42.58 -15.64 -24.59
#